data_8ILA
#
_entry.id   8ILA
#
_cell.length_a   122.382
_cell.length_b   137.739
_cell.length_c   146.101
_cell.angle_alpha   90.00
_cell.angle_beta   90.00
_cell.angle_gamma   90.00
#
_symmetry.space_group_name_H-M   'P 21 21 21'
#
loop_
_entity.id
_entity.type
_entity.pdbx_description
1 polymer Glycosyltransferase
2 non-polymer "GUANOSINE-5'-DIPHOSPHATE"
3 non-polymer '(2~{S})-3-[2-[(2~{S},3~{R},4~{S},5~{R},6~{R})-6-[(1~{R},2~{R})-1-azanyl-2-oxidanyl-propyl]-3,4,5-tris(oxidanyl)oxan-2-yl]sulfanyl-1~{H}-imidazol-5-yl]-2-(trimethyl-$l^{4}-azanyl)propanoic acid'
4 water water
#
_entity_poly.entity_id   1
_entity_poly.type   'polypeptide(L)'
_entity_poly.pdbx_seq_one_letter_code
;MGSSHHHHHHSSGLVPRGSHMMTARTERGRALAFVWLMVEGAQVAAGGVAGYVRNLLDEQDALRDHLAERGWSVEFVLGE
PFYDPGAPGYDEERWRRVREHLAARGGRAVRLVSDSDGLDGWGEERFFHALSATGAQLVLDTAERCDAVVAVSGTSAFAR
VPGMVQRQGGELAAKVLHVHTFGLATHDTAHVPSPAEIAADGDVAFWTRQSDRVSVGYISRYTAELYARTYAIPAAALLP
NRSAIPRHAPRFGVLTEERINERIAGLGLPAEGEFVVMWGRNSAPGLDKGYHLLLEAARDLPGVVPVIATRRPDPGLRRL
ADRYAVPAVLLDDQPFTHLSALLQSPRTLAAAFLGEAEPGAVSPMEAMWVARESGALVIAADTGNLPEVVDDGAAGIVTR
RTAADVADAVRRVRKLTADERRRMRAAAAARVRARFDFAANVRELADAAVDRLAEVS
;
_entity_poly.pdbx_strand_id   A,C,B,D
#
# COMPACT_ATOMS: atom_id res chain seq x y z
N GLY A 29 37.25 16.29 15.99
CA GLY A 29 36.73 14.95 16.21
C GLY A 29 35.70 14.53 15.17
N ARG A 30 35.83 13.32 14.63
CA ARG A 30 34.89 12.82 13.63
C ARG A 30 34.50 11.40 14.01
N ALA A 31 33.25 11.26 14.49
CA ALA A 31 32.70 10.02 15.03
C ALA A 31 31.97 9.27 13.93
N LEU A 32 32.35 8.01 13.72
CA LEU A 32 31.80 7.18 12.66
C LEU A 32 30.85 6.16 13.26
N ALA A 33 29.75 5.89 12.57
CA ALA A 33 28.85 4.85 13.04
C ALA A 33 28.54 3.92 11.88
N PHE A 34 28.60 2.62 12.15
CA PHE A 34 28.07 1.61 11.25
C PHE A 34 26.67 1.28 11.75
N VAL A 35 25.67 1.60 10.94
CA VAL A 35 24.31 1.18 11.23
C VAL A 35 24.06 -0.10 10.47
N TRP A 36 23.82 -1.16 11.24
CA TRP A 36 23.56 -2.50 10.73
C TRP A 36 22.06 -2.73 10.81
N LEU A 37 21.43 -2.92 9.65
CA LEU A 37 19.99 -3.17 9.54
C LEU A 37 19.79 -4.59 9.03
N MET A 38 19.34 -5.48 9.90
CA MET A 38 19.34 -6.91 9.59
C MET A 38 18.03 -7.52 10.04
N VAL A 39 17.51 -8.44 9.23
CA VAL A 39 16.21 -9.05 9.53
C VAL A 39 16.26 -10.04 10.66
N GLU A 40 17.45 -10.40 11.15
CA GLU A 40 17.55 -11.34 12.26
C GLU A 40 18.95 -11.24 12.81
N GLY A 41 19.14 -11.72 14.02
CA GLY A 41 20.49 -11.79 14.54
C GLY A 41 20.62 -11.48 16.02
N ALA A 42 19.61 -10.91 16.65
CA ALA A 42 19.64 -10.75 18.08
C ALA A 42 18.49 -11.45 18.77
N GLN A 43 17.25 -11.06 18.42
CA GLN A 43 16.08 -11.72 18.95
C GLN A 43 15.91 -13.12 18.36
N VAL A 44 16.45 -13.34 17.17
CA VAL A 44 16.12 -14.52 16.38
C VAL A 44 17.32 -14.84 15.51
N ALA A 45 17.76 -16.09 15.54
CA ALA A 45 18.85 -16.56 14.68
C ALA A 45 18.41 -17.84 13.99
N ALA A 46 18.45 -17.87 12.66
CA ALA A 46 18.19 -19.12 11.97
C ALA A 46 19.20 -19.37 10.85
N GLY A 47 19.69 -18.31 10.22
CA GLY A 47 20.50 -18.46 9.03
C GLY A 47 21.73 -17.58 8.98
N GLY A 48 22.17 -17.24 7.77
CA GLY A 48 23.44 -16.57 7.62
C GLY A 48 23.40 -15.09 7.99
N VAL A 49 22.26 -14.45 7.78
CA VAL A 49 22.14 -13.09 8.27
C VAL A 49 22.43 -13.05 9.77
N ALA A 50 21.88 -14.00 10.52
CA ALA A 50 22.13 -13.93 11.96
C ALA A 50 23.56 -14.32 12.29
N GLY A 51 24.20 -15.12 11.44
CA GLY A 51 25.60 -15.47 11.60
C GLY A 51 26.52 -14.32 11.24
N TYR A 52 26.14 -13.56 10.22
CA TYR A 52 26.76 -12.26 9.95
C TYR A 52 26.77 -11.40 11.20
N VAL A 53 25.61 -11.22 11.83
CA VAL A 53 25.57 -10.34 12.99
C VAL A 53 26.49 -10.89 14.09
N ARG A 54 26.38 -12.19 14.37
CA ARG A 54 27.21 -12.78 15.41
C ARG A 54 28.69 -12.59 15.11
N ASN A 55 29.09 -12.81 13.86
CA ASN A 55 30.49 -12.63 13.50
C ASN A 55 30.88 -11.17 13.68
N LEU A 56 29.98 -10.27 13.29
CA LEU A 56 30.19 -8.82 13.34
C LEU A 56 30.50 -8.33 14.76
N LEU A 57 29.65 -8.70 15.72
CA LEU A 57 29.91 -8.36 17.11
C LEU A 57 31.23 -8.95 17.60
N ASP A 58 31.49 -10.23 17.34
CA ASP A 58 32.71 -10.84 17.85
C ASP A 58 33.96 -10.17 17.28
N GLU A 59 33.83 -9.46 16.14
CA GLU A 59 34.93 -8.80 15.44
C GLU A 59 34.98 -7.29 15.68
N GLN A 60 33.98 -6.75 16.39
CA GLN A 60 33.81 -5.31 16.51
C GLN A 60 35.06 -4.65 17.06
N ASP A 61 35.67 -5.22 18.10
CA ASP A 61 36.71 -4.51 18.81
C ASP A 61 37.96 -4.36 17.96
N ALA A 62 38.28 -5.39 17.16
CA ALA A 62 39.38 -5.30 16.21
C ALA A 62 39.12 -4.33 15.06
N LEU A 63 37.85 -4.08 14.72
CA LEU A 63 37.52 -3.08 13.71
C LEU A 63 37.63 -1.66 14.25
N ARG A 64 37.15 -1.42 15.48
CA ARG A 64 37.49 -0.19 16.19
C ARG A 64 38.95 0.13 15.95
N ASP A 65 39.83 -0.82 16.19
CA ASP A 65 41.26 -0.61 16.01
C ASP A 65 41.76 -0.18 14.61
N HIS A 66 41.33 -0.87 13.57
CA HIS A 66 41.73 -0.55 12.22
C HIS A 66 41.20 0.81 11.83
N LEU A 67 39.96 1.01 12.20
CA LEU A 67 39.34 2.25 11.84
C LEU A 67 39.91 3.36 12.70
N ALA A 68 40.41 3.04 13.86
CA ALA A 68 41.03 4.04 14.70
C ALA A 68 42.26 4.49 14.01
N GLU A 69 43.02 3.53 13.52
CA GLU A 69 44.19 3.90 12.76
C GLU A 69 43.82 4.78 11.59
N ARG A 70 42.70 4.53 10.90
CA ARG A 70 42.38 5.52 9.80
C ARG A 70 41.79 6.86 10.28
N GLY A 71 41.80 7.14 11.58
CA GLY A 71 41.30 8.36 12.19
C GLY A 71 39.84 8.36 12.56
N TRP A 72 39.15 7.23 12.49
CA TRP A 72 37.73 7.20 12.78
C TRP A 72 37.52 6.55 14.14
N SER A 73 36.70 7.16 14.94
CA SER A 73 36.26 6.57 16.20
C SER A 73 34.92 5.89 15.90
N VAL A 74 34.92 4.56 15.73
CA VAL A 74 33.77 3.82 15.20
C VAL A 74 32.85 3.34 16.33
N GLU A 75 31.56 3.22 16.00
CA GLU A 75 30.51 2.79 16.91
C GLU A 75 29.52 1.95 16.12
N PHE A 76 29.01 0.89 16.73
CA PHE A 76 28.13 -0.06 16.06
C PHE A 76 26.71 0.13 16.53
N VAL A 77 25.77 0.31 15.59
CA VAL A 77 24.35 0.39 15.93
C VAL A 77 23.64 -0.71 15.18
N LEU A 78 22.79 -1.47 15.88
CA LEU A 78 22.12 -2.64 15.30
C LEU A 78 20.62 -2.46 15.33
N GLY A 79 19.99 -2.60 14.16
CA GLY A 79 18.55 -2.51 14.08
C GLY A 79 17.91 -3.78 13.55
N GLU A 80 17.00 -4.37 14.33
CA GLU A 80 16.36 -5.63 14.02
C GLU A 80 14.84 -5.54 14.23
N PRO A 81 14.03 -6.05 13.32
CA PRO A 81 12.57 -5.95 13.50
C PRO A 81 12.15 -6.54 14.83
N PHE A 82 11.18 -5.87 15.47
CA PHE A 82 10.62 -6.33 16.73
C PHE A 82 10.04 -7.72 16.52
N TYR A 83 10.30 -8.63 17.46
CA TYR A 83 9.88 -10.03 17.34
C TYR A 83 9.03 -10.42 18.55
N ASP A 84 7.98 -11.25 18.30
CA ASP A 84 7.21 -11.81 19.40
C ASP A 84 8.00 -12.96 20.03
N PRO A 85 8.03 -13.04 21.37
CA PRO A 85 8.70 -14.17 22.03
C PRO A 85 8.27 -15.55 21.53
N GLY A 86 7.17 -15.62 20.78
CA GLY A 86 6.69 -16.86 20.18
C GLY A 86 7.26 -17.21 18.81
N ALA A 87 8.26 -16.51 18.32
CA ALA A 87 8.64 -16.71 16.93
C ALA A 87 9.71 -17.78 16.79
N PRO A 88 9.81 -18.41 15.60
CA PRO A 88 10.88 -19.41 15.38
C PRO A 88 12.25 -18.79 15.57
N GLY A 89 12.98 -19.29 16.56
CA GLY A 89 14.35 -18.85 16.78
C GLY A 89 14.49 -17.80 17.84
N TYR A 90 13.40 -17.36 18.47
CA TYR A 90 13.49 -16.39 19.54
C TYR A 90 14.44 -16.89 20.62
N ASP A 91 15.11 -15.95 21.27
CA ASP A 91 15.92 -16.28 22.43
C ASP A 91 16.12 -15.00 23.24
N GLU A 92 15.48 -14.92 24.41
CA GLU A 92 15.55 -13.71 25.21
C GLU A 92 16.97 -13.44 25.65
N GLU A 93 17.77 -14.47 25.81
CA GLU A 93 19.10 -14.27 26.37
C GLU A 93 20.16 -13.93 25.34
N ARG A 94 19.98 -14.37 24.08
CA ARG A 94 20.81 -13.79 23.02
C ARG A 94 20.53 -12.30 22.87
N TRP A 95 19.25 -11.92 22.87
CA TRP A 95 18.88 -10.52 22.73
C TRP A 95 19.50 -9.69 23.86
N ARG A 96 19.44 -10.16 25.10
CA ARG A 96 20.04 -9.40 26.18
C ARG A 96 21.55 -9.38 26.05
N ARG A 97 22.15 -10.46 25.55
CA ARG A 97 23.61 -10.47 25.36
C ARG A 97 24.03 -9.48 24.28
N VAL A 98 23.31 -9.43 23.16
CA VAL A 98 23.67 -8.53 22.07
C VAL A 98 23.46 -7.08 22.52
N ARG A 99 22.30 -6.82 23.12
CA ARG A 99 21.99 -5.49 23.65
C ARG A 99 23.12 -5.00 24.56
N GLU A 100 23.67 -5.89 25.38
CA GLU A 100 24.70 -5.42 26.28
C GLU A 100 26.04 -5.26 25.61
N HIS A 101 26.40 -6.19 24.71
CA HIS A 101 27.57 -6.02 23.88
C HIS A 101 27.65 -4.63 23.30
N LEU A 102 26.61 -4.24 22.55
CA LEU A 102 26.64 -2.94 21.89
C LEU A 102 26.60 -1.79 22.90
N ALA A 103 25.80 -1.90 23.95
CA ALA A 103 25.68 -0.80 24.91
C ALA A 103 27.03 -0.53 25.60
N ALA A 104 27.76 -1.59 25.97
CA ALA A 104 29.04 -1.39 26.62
C ALA A 104 30.02 -0.68 25.70
N ARG A 105 29.84 -0.85 24.40
CA ARG A 105 30.74 -0.25 23.41
C ARG A 105 30.21 1.09 22.89
N GLY A 106 29.24 1.69 23.59
CA GLY A 106 28.71 2.96 23.15
C GLY A 106 27.84 2.93 21.93
N GLY A 107 27.19 1.80 21.66
CA GLY A 107 26.19 1.72 20.62
C GLY A 107 24.86 1.22 21.12
N ARG A 108 24.01 0.77 20.20
CA ARG A 108 22.61 0.55 20.49
C ARG A 108 22.14 -0.65 19.71
N ALA A 109 21.34 -1.46 20.39
CA ALA A 109 20.53 -2.50 19.77
C ALA A 109 19.08 -2.01 19.77
N VAL A 110 18.52 -1.82 18.59
CA VAL A 110 17.23 -1.19 18.42
C VAL A 110 16.28 -2.16 17.76
N ARG A 111 15.23 -2.54 18.49
CA ARG A 111 14.11 -3.27 17.88
C ARG A 111 13.28 -2.33 17.03
N LEU A 112 12.92 -2.79 15.83
CA LEU A 112 12.29 -1.95 14.82
C LEU A 112 10.83 -2.30 14.60
N VAL A 113 9.97 -1.28 14.59
CA VAL A 113 8.56 -1.47 14.25
C VAL A 113 8.47 -1.92 12.79
N SER A 114 7.76 -3.00 12.57
CA SER A 114 7.22 -3.28 11.25
C SER A 114 5.73 -3.30 11.41
N ASP A 115 5.01 -3.56 10.34
CA ASP A 115 3.56 -3.56 10.53
C ASP A 115 3.06 -5.00 10.62
N SER A 116 3.53 -5.68 11.67
CA SER A 116 3.39 -7.13 11.76
C SER A 116 3.21 -7.54 13.21
N ASP A 117 2.74 -8.78 13.38
CA ASP A 117 2.58 -9.39 14.69
C ASP A 117 3.92 -9.77 15.33
N GLY A 118 5.00 -9.68 14.57
CA GLY A 118 6.31 -10.05 15.08
C GLY A 118 6.53 -11.53 15.21
N LEU A 119 5.80 -12.31 14.45
CA LEU A 119 5.89 -13.75 14.58
C LEU A 119 6.71 -14.34 13.46
N ASP A 120 6.98 -13.54 12.45
CA ASP A 120 7.80 -14.01 11.36
C ASP A 120 8.66 -12.86 10.96
N GLY A 121 9.75 -13.15 10.28
CA GLY A 121 10.64 -12.11 9.87
C GLY A 121 10.58 -11.81 8.41
N TRP A 122 9.44 -12.05 7.78
CA TRP A 122 9.33 -11.64 6.38
C TRP A 122 7.91 -11.16 6.15
N GLY A 123 7.60 -10.78 4.91
CA GLY A 123 6.27 -10.28 4.65
C GLY A 123 6.09 -9.83 3.21
N GLU A 124 5.06 -9.00 3.04
CA GLU A 124 4.61 -8.37 1.81
C GLU A 124 4.78 -6.85 1.98
N GLU A 125 4.18 -6.08 1.05
CA GLU A 125 4.36 -4.63 1.01
C GLU A 125 4.40 -3.97 2.39
N ARG A 126 3.45 -4.34 3.25
CA ARG A 126 3.27 -3.63 4.50
C ARG A 126 4.47 -3.78 5.43
N PHE A 127 5.00 -4.99 5.52
CA PHE A 127 6.16 -5.26 6.37
C PHE A 127 7.39 -4.53 5.85
N PHE A 128 7.61 -4.59 4.53
CA PHE A 128 8.79 -3.96 3.95
C PHE A 128 8.75 -2.45 4.11
N HIS A 129 7.58 -1.83 3.93
CA HIS A 129 7.49 -0.38 4.01
C HIS A 129 7.69 0.11 5.43
N ALA A 130 7.15 -0.60 6.43
CA ALA A 130 7.29 -0.09 7.78
C ALA A 130 8.73 -0.24 8.26
N LEU A 131 9.31 -1.42 8.05
CA LEU A 131 10.68 -1.70 8.47
C LEU A 131 11.68 -0.75 7.79
N SER A 132 11.50 -0.51 6.49
CA SER A 132 12.41 0.40 5.78
C SER A 132 12.24 1.83 6.23
N ALA A 133 11.03 2.23 6.66
CA ALA A 133 10.86 3.55 7.23
C ALA A 133 11.58 3.66 8.57
N THR A 134 11.34 2.69 9.46
CA THR A 134 11.96 2.71 10.78
C THR A 134 13.46 2.46 10.70
N GLY A 135 13.93 1.62 9.78
CA GLY A 135 15.37 1.54 9.56
C GLY A 135 15.97 2.87 9.12
N ALA A 136 15.31 3.53 8.16
CA ALA A 136 15.72 4.85 7.72
C ALA A 136 15.63 5.85 8.87
N GLN A 137 14.60 5.73 9.70
CA GLN A 137 14.53 6.61 10.86
C GLN A 137 15.78 6.43 11.72
N LEU A 138 16.23 5.19 11.89
CA LEU A 138 17.35 4.90 12.77
C LEU A 138 18.68 5.32 12.15
N VAL A 139 18.80 5.27 10.83
CA VAL A 139 19.99 5.82 10.20
C VAL A 139 20.08 7.31 10.46
N LEU A 140 18.94 8.00 10.35
CA LEU A 140 18.92 9.46 10.45
C LEU A 140 19.09 9.93 11.89
N ASP A 141 18.43 9.28 12.84
CA ASP A 141 18.65 9.60 14.25
C ASP A 141 20.13 9.45 14.61
N THR A 142 20.83 8.54 13.93
CA THR A 142 22.22 8.24 14.22
C THR A 142 23.16 9.26 13.57
N ALA A 143 22.86 9.66 12.34
CA ALA A 143 23.59 10.76 11.74
C ALA A 143 23.44 12.04 12.55
N GLU A 144 22.36 12.19 13.31
CA GLU A 144 22.20 13.40 14.09
C GLU A 144 23.31 13.54 15.14
N ARG A 145 23.86 12.43 15.64
CA ARG A 145 24.85 12.48 16.71
C ARG A 145 26.24 12.06 16.27
N CYS A 146 26.43 11.68 15.01
CA CYS A 146 27.72 11.20 14.54
C CYS A 146 28.18 12.08 13.40
N ASP A 147 29.39 11.87 12.94
CA ASP A 147 29.91 12.73 11.90
C ASP A 147 29.81 12.10 10.53
N ALA A 148 29.86 10.78 10.45
CA ALA A 148 29.53 10.04 9.24
C ALA A 148 28.85 8.74 9.65
N VAL A 149 28.06 8.20 8.74
CA VAL A 149 27.41 6.93 8.98
C VAL A 149 27.52 6.07 7.73
N VAL A 150 27.92 4.80 7.91
CA VAL A 150 27.83 3.77 6.87
C VAL A 150 26.68 2.87 7.28
N ALA A 151 25.61 2.92 6.49
CA ALA A 151 24.40 2.14 6.79
C ALA A 151 24.38 0.88 5.94
N VAL A 152 24.60 -0.26 6.58
CA VAL A 152 24.57 -1.55 5.84
C VAL A 152 23.16 -2.11 5.93
N SER A 153 22.45 -1.94 4.70
CA SER A 153 21.05 -2.41 4.58
C SER A 153 21.08 -3.88 4.18
N GLY A 154 20.17 -4.73 4.82
CA GLY A 154 20.18 -6.14 4.41
C GLY A 154 18.82 -6.64 4.01
N THR A 155 18.72 -7.35 2.88
CA THR A 155 17.46 -7.97 2.38
C THR A 155 16.42 -6.96 1.87
N SER A 156 15.45 -7.44 1.10
CA SER A 156 14.39 -6.58 0.55
C SER A 156 13.64 -5.83 1.65
N ALA A 157 13.65 -6.35 2.86
CA ALA A 157 12.90 -5.72 3.97
C ALA A 157 13.53 -4.39 4.34
N PHE A 158 14.79 -4.18 3.96
CA PHE A 158 15.45 -2.88 4.23
C PHE A 158 15.95 -2.30 2.92
N ALA A 159 15.38 -2.70 1.79
CA ALA A 159 15.94 -2.24 0.52
C ALA A 159 15.59 -0.78 0.23
N ARG A 160 14.47 -0.29 0.74
CA ARG A 160 14.04 1.08 0.50
C ARG A 160 14.78 2.07 1.40
N VAL A 161 15.49 1.60 2.41
CA VAL A 161 16.16 2.51 3.34
C VAL A 161 17.03 3.53 2.62
N PRO A 162 17.84 3.17 1.62
CA PRO A 162 18.64 4.22 0.95
C PRO A 162 17.83 5.39 0.36
N GLY A 163 16.73 5.10 -0.35
CA GLY A 163 15.93 6.18 -0.91
C GLY A 163 15.16 6.95 0.15
N MET A 164 14.67 6.27 1.18
CA MET A 164 14.03 7.00 2.25
C MET A 164 15.00 7.99 2.88
N VAL A 165 16.23 7.57 3.13
CA VAL A 165 17.19 8.54 3.64
C VAL A 165 17.60 9.54 2.55
N GLN A 166 17.86 9.08 1.33
CA GLN A 166 18.40 10.04 0.37
C GLN A 166 17.35 10.94 -0.26
N ARG A 167 16.05 10.73 0.00
CA ARG A 167 15.05 11.65 -0.51
C ARG A 167 14.66 12.72 0.50
N GLN A 168 14.62 12.40 1.80
CA GLN A 168 14.15 13.31 2.84
C GLN A 168 15.16 13.67 3.90
N GLY A 169 16.35 13.06 3.90
CA GLY A 169 17.25 13.33 5.01
C GLY A 169 17.91 14.69 4.97
N GLY A 170 17.80 15.41 3.85
CA GLY A 170 18.47 16.69 3.68
C GLY A 170 19.95 16.60 4.03
N GLU A 171 20.39 17.46 4.94
CA GLU A 171 21.80 17.51 5.29
C GLU A 171 22.25 16.33 6.16
N LEU A 172 21.30 15.67 6.82
CA LEU A 172 21.64 14.49 7.58
C LEU A 172 21.92 13.33 6.64
N ALA A 173 21.18 13.24 5.54
CA ALA A 173 21.50 12.26 4.51
C ALA A 173 22.84 12.53 3.86
N ALA A 174 23.38 13.74 4.02
CA ALA A 174 24.64 14.06 3.37
C ALA A 174 25.83 13.48 4.10
N LYS A 175 25.63 12.89 5.27
CA LYS A 175 26.74 12.27 5.96
C LYS A 175 26.52 10.76 6.14
N VAL A 176 25.80 10.15 5.20
CA VAL A 176 25.47 8.72 5.23
C VAL A 176 25.92 8.07 3.93
N LEU A 177 26.53 6.89 4.05
CA LEU A 177 26.85 6.06 2.91
C LEU A 177 26.11 4.74 3.03
N HIS A 178 25.42 4.35 1.97
CA HIS A 178 24.56 3.18 1.97
C HIS A 178 25.24 2.05 1.23
N VAL A 179 25.30 0.89 1.89
CA VAL A 179 25.66 -0.38 1.26
C VAL A 179 24.50 -1.31 1.48
N HIS A 180 23.83 -1.68 0.39
CA HIS A 180 22.71 -2.61 0.49
C HIS A 180 23.16 -3.97 0.00
N THR A 181 22.96 -4.97 0.84
CA THR A 181 23.49 -6.31 0.57
C THR A 181 22.42 -7.36 0.92
N PHE A 182 22.80 -8.63 0.78
CA PHE A 182 21.95 -9.78 1.10
C PHE A 182 20.71 -9.84 0.21
N GLY A 183 20.87 -9.52 -1.05
CA GLY A 183 19.88 -9.97 -2.00
C GLY A 183 19.35 -8.91 -2.91
N LEU A 184 19.20 -9.28 -4.17
CA LEU A 184 18.55 -8.43 -5.12
C LEU A 184 17.72 -9.47 -5.84
N ALA A 185 16.52 -9.11 -6.27
CA ALA A 185 15.65 -10.09 -6.89
C ALA A 185 16.19 -10.50 -8.20
N THR A 186 16.19 -11.79 -8.45
CA THR A 186 16.79 -12.30 -9.66
C THR A 186 15.92 -13.31 -10.35
N HIS A 187 16.35 -13.72 -11.53
CA HIS A 187 15.60 -14.67 -12.29
C HIS A 187 16.27 -16.02 -12.30
N ASP A 188 16.97 -16.37 -11.22
CA ASP A 188 17.75 -17.59 -11.18
C ASP A 188 17.12 -18.68 -10.35
N THR A 189 15.85 -18.54 -10.04
CA THR A 189 15.15 -19.52 -9.26
C THR A 189 13.90 -19.92 -9.96
N ALA A 190 13.23 -20.94 -9.45
CA ALA A 190 11.95 -21.29 -10.04
C ALA A 190 10.85 -20.34 -9.56
N HIS A 191 10.69 -20.25 -8.24
CA HIS A 191 9.84 -19.27 -7.60
C HIS A 191 10.12 -17.88 -8.16
N VAL A 192 9.11 -17.26 -8.78
CA VAL A 192 9.21 -15.84 -9.14
C VAL A 192 9.00 -15.01 -7.87
N PRO A 193 9.85 -14.02 -7.62
CA PRO A 193 9.81 -13.33 -6.32
C PRO A 193 8.54 -12.51 -6.18
N SER A 194 8.23 -12.19 -4.93
CA SER A 194 7.01 -11.42 -4.60
C SER A 194 7.00 -10.07 -5.30
N PRO A 195 5.84 -9.59 -5.72
CA PRO A 195 5.77 -8.19 -6.18
C PRO A 195 6.34 -7.21 -5.18
N ALA A 196 6.27 -7.50 -3.87
CA ALA A 196 6.91 -6.63 -2.90
C ALA A 196 8.43 -6.70 -3.03
N GLU A 197 8.98 -7.90 -3.17
CA GLU A 197 10.42 -8.05 -3.33
C GLU A 197 10.91 -7.33 -4.57
N ILE A 198 10.21 -7.50 -5.69
CA ILE A 198 10.63 -6.84 -6.93
C ILE A 198 10.64 -5.33 -6.75
N ALA A 199 9.66 -4.80 -6.01
CA ALA A 199 9.59 -3.36 -5.79
C ALA A 199 10.76 -2.87 -4.96
N ALA A 200 11.05 -3.55 -3.85
CA ALA A 200 12.06 -3.06 -2.94
C ALA A 200 13.42 -3.07 -3.62
N ASP A 201 13.78 -4.19 -4.24
CA ASP A 201 15.04 -4.29 -4.95
C ASP A 201 15.05 -3.41 -6.20
N GLY A 202 13.92 -3.31 -6.90
CA GLY A 202 13.84 -2.35 -7.99
C GLY A 202 14.08 -0.93 -7.52
N ASP A 203 13.58 -0.60 -6.32
CA ASP A 203 13.82 0.71 -5.74
C ASP A 203 15.30 0.94 -5.44
N VAL A 204 15.96 -0.04 -4.79
CA VAL A 204 17.34 0.19 -4.40
C VAL A 204 18.27 0.17 -5.60
N ALA A 205 17.97 -0.65 -6.62
CA ALA A 205 18.70 -0.55 -7.87
C ALA A 205 18.65 0.88 -8.42
N PHE A 206 17.45 1.48 -8.42
CA PHE A 206 17.30 2.83 -8.93
C PHE A 206 18.21 3.78 -8.17
N TRP A 207 18.23 3.68 -6.84
CA TRP A 207 18.97 4.65 -6.05
C TRP A 207 20.49 4.43 -6.14
N THR A 208 20.91 3.17 -6.19
CA THR A 208 22.30 2.85 -6.50
C THR A 208 22.77 3.58 -7.74
N ARG A 209 21.95 3.57 -8.79
CA ARG A 209 22.28 4.26 -10.04
C ARG A 209 22.19 5.78 -9.93
N GLN A 210 21.31 6.31 -9.08
CA GLN A 210 21.03 7.74 -9.08
C GLN A 210 21.94 8.54 -8.15
N SER A 211 22.39 7.96 -7.04
CA SER A 211 23.03 8.70 -5.96
C SER A 211 24.43 8.18 -5.70
N ASP A 212 25.40 9.09 -5.61
CA ASP A 212 26.76 8.58 -5.41
C ASP A 212 26.98 8.09 -3.99
N ARG A 213 25.97 8.18 -3.13
CA ARG A 213 26.05 7.78 -1.74
C ARG A 213 25.37 6.43 -1.47
N VAL A 214 24.95 5.72 -2.51
CA VAL A 214 24.27 4.43 -2.34
C VAL A 214 24.96 3.37 -3.21
N SER A 215 25.43 2.29 -2.57
CA SER A 215 26.10 1.17 -3.25
C SER A 215 25.47 -0.16 -2.88
N VAL A 216 25.42 -1.08 -3.85
CA VAL A 216 25.12 -2.48 -3.57
C VAL A 216 26.41 -3.15 -3.12
N GLY A 217 26.35 -3.87 -2.00
CA GLY A 217 27.50 -4.64 -1.57
C GLY A 217 27.34 -6.09 -1.91
N TYR A 218 28.08 -6.55 -2.91
CA TYR A 218 28.02 -7.94 -3.37
C TYR A 218 28.70 -8.88 -2.37
N ILE A 219 28.16 -10.09 -2.26
CA ILE A 219 28.61 -11.04 -1.25
C ILE A 219 29.37 -12.22 -1.83
N SER A 220 29.54 -12.29 -3.15
CA SER A 220 30.15 -13.43 -3.80
C SER A 220 30.52 -13.06 -5.24
N ARG A 221 31.39 -13.86 -5.83
CA ARG A 221 31.70 -13.67 -7.24
C ARG A 221 30.42 -13.74 -8.06
N TYR A 222 29.59 -14.75 -7.81
CA TYR A 222 28.36 -14.94 -8.57
C TYR A 222 27.43 -13.74 -8.44
N THR A 223 27.23 -13.26 -7.21
CA THR A 223 26.35 -12.12 -6.99
C THR A 223 26.91 -10.84 -7.64
N ALA A 224 28.22 -10.61 -7.55
CA ALA A 224 28.82 -9.39 -8.09
C ALA A 224 28.59 -9.27 -9.60
N GLU A 225 28.69 -10.38 -10.32
CA GLU A 225 28.43 -10.29 -11.75
C GLU A 225 26.94 -10.26 -12.05
N LEU A 226 26.17 -11.08 -11.33
CA LEU A 226 24.75 -11.20 -11.67
C LEU A 226 24.02 -9.88 -11.49
N TYR A 227 24.16 -9.25 -10.33
CA TYR A 227 23.45 -7.99 -10.13
C TYR A 227 23.95 -6.92 -11.08
N ALA A 228 25.24 -7.00 -11.46
CA ALA A 228 25.81 -6.00 -12.35
C ALA A 228 25.11 -5.98 -13.69
N ARG A 229 24.82 -7.15 -14.27
CA ARG A 229 24.14 -7.12 -15.56
C ARG A 229 22.64 -7.30 -15.45
N THR A 230 22.14 -7.75 -14.31
CA THR A 230 20.70 -7.81 -14.13
C THR A 230 20.11 -6.42 -13.91
N TYR A 231 20.81 -5.57 -13.17
CA TYR A 231 20.28 -4.26 -12.82
C TYR A 231 21.09 -3.11 -13.40
N ALA A 232 22.10 -3.40 -14.23
CA ALA A 232 22.94 -2.36 -14.82
C ALA A 232 23.59 -1.47 -13.75
N ILE A 233 24.04 -2.09 -12.67
CA ILE A 233 24.73 -1.36 -11.61
C ILE A 233 26.17 -1.12 -12.06
N PRO A 234 26.61 0.12 -12.12
CA PRO A 234 27.97 0.41 -12.58
C PRO A 234 29.03 -0.03 -11.57
N ALA A 235 30.18 -0.45 -12.09
CA ALA A 235 31.20 -1.08 -11.25
C ALA A 235 31.60 -0.19 -10.08
N ALA A 236 31.58 1.14 -10.29
CA ALA A 236 31.89 2.05 -9.21
C ALA A 236 30.88 1.94 -8.08
N ALA A 237 29.68 1.45 -8.37
CA ALA A 237 28.63 1.35 -7.38
C ALA A 237 28.58 0.00 -6.66
N LEU A 238 29.47 -0.93 -6.99
CA LEU A 238 29.54 -2.23 -6.30
C LEU A 238 30.58 -2.19 -5.19
N LEU A 239 30.21 -2.67 -4.00
CA LEU A 239 31.14 -2.69 -2.89
C LEU A 239 31.30 -4.11 -2.37
N PRO A 240 32.51 -4.47 -1.91
CA PRO A 240 32.74 -5.85 -1.47
C PRO A 240 32.18 -6.08 -0.07
N ASN A 241 31.30 -7.07 0.03
CA ASN A 241 30.82 -7.60 1.28
C ASN A 241 30.78 -9.11 1.21
N ARG A 242 31.90 -9.70 0.81
CA ARG A 242 31.94 -11.09 0.39
C ARG A 242 31.78 -12.04 1.58
N SER A 243 30.96 -13.07 1.40
CA SER A 243 30.72 -14.01 2.49
C SER A 243 32.01 -14.67 2.95
N ALA A 244 32.08 -14.97 4.25
CA ALA A 244 33.32 -15.48 4.81
C ALA A 244 33.01 -16.03 6.20
N ILE A 245 33.98 -16.73 6.78
CA ILE A 245 33.82 -17.29 8.13
C ILE A 245 34.97 -16.89 9.04
N PRO A 246 34.76 -16.81 10.34
CA PRO A 246 35.88 -16.60 11.27
C PRO A 246 36.58 -17.92 11.62
N ARG A 247 37.57 -18.31 10.80
CA ARG A 247 38.13 -19.66 10.87
C ARG A 247 38.56 -20.07 12.27
N HIS A 248 39.19 -19.17 13.01
CA HIS A 248 39.71 -19.54 14.33
C HIS A 248 38.73 -19.31 15.45
N ALA A 249 37.43 -19.30 15.16
CA ALA A 249 36.43 -19.30 16.22
C ALA A 249 36.38 -20.69 16.86
N PRO A 250 36.16 -20.78 18.18
CA PRO A 250 36.05 -22.09 18.83
C PRO A 250 35.14 -23.08 18.12
N ARG A 251 33.97 -22.64 17.62
CA ARG A 251 33.02 -23.61 17.11
C ARG A 251 33.56 -24.40 15.93
N PHE A 252 34.63 -23.94 15.29
CA PHE A 252 35.25 -24.69 14.20
C PHE A 252 36.50 -25.44 14.67
N GLY A 253 36.75 -25.48 15.98
CA GLY A 253 37.95 -26.11 16.48
C GLY A 253 37.97 -27.60 16.18
N VAL A 254 39.18 -28.15 16.07
CA VAL A 254 39.32 -29.53 15.64
C VAL A 254 39.12 -30.48 16.81
N LEU A 255 38.75 -31.72 16.52
CA LEU A 255 38.26 -32.64 17.54
C LEU A 255 39.06 -33.93 17.57
N THR A 256 39.33 -34.42 18.79
CA THR A 256 39.95 -35.74 18.93
C THR A 256 38.97 -36.81 18.46
N GLU A 257 39.53 -37.92 17.95
CA GLU A 257 38.71 -39.07 17.57
C GLU A 257 37.78 -39.48 18.72
N GLU A 258 38.32 -39.56 19.93
CA GLU A 258 37.50 -39.96 21.07
C GLU A 258 36.29 -39.03 21.19
N ARG A 259 36.54 -37.71 21.20
CA ARG A 259 35.47 -36.75 21.44
C ARG A 259 34.42 -36.79 20.34
N ILE A 260 34.83 -37.01 19.09
CA ILE A 260 33.89 -37.10 17.99
C ILE A 260 32.82 -38.15 18.27
N ASN A 261 33.22 -39.34 18.70
CA ASN A 261 32.24 -40.45 18.87
C ASN A 261 31.26 -40.18 20.01
N GLU A 262 31.71 -39.49 21.06
CA GLU A 262 30.80 -39.14 22.19
C GLU A 262 29.62 -38.32 21.69
N ARG A 263 29.87 -37.41 20.74
CA ARG A 263 28.79 -36.54 20.23
C ARG A 263 27.93 -37.33 19.26
N ILE A 264 28.56 -38.05 18.33
CA ILE A 264 27.81 -38.87 17.38
C ILE A 264 26.86 -39.81 18.11
N ALA A 265 27.22 -40.22 19.34
CA ALA A 265 26.54 -41.32 20.02
C ALA A 265 25.03 -41.08 20.13
N GLY A 266 24.63 -39.93 20.65
CA GLY A 266 23.25 -39.67 21.02
C GLY A 266 22.32 -39.24 19.91
N LEU A 267 22.75 -39.27 18.65
CA LEU A 267 21.88 -38.90 17.54
C LEU A 267 21.19 -40.09 16.88
N GLY A 268 21.54 -41.32 17.28
CA GLY A 268 20.94 -42.50 16.70
C GLY A 268 21.43 -42.74 15.29
N LEU A 269 22.68 -43.06 15.14
CA LEU A 269 23.11 -43.28 13.78
C LEU A 269 23.31 -44.77 13.50
N PRO A 270 23.08 -45.19 12.26
CA PRO A 270 23.24 -46.61 11.92
C PRO A 270 24.63 -47.13 12.25
N ALA A 271 24.69 -48.40 12.63
CA ALA A 271 25.98 -48.99 13.01
C ALA A 271 26.93 -49.09 11.83
N GLU A 272 26.39 -49.21 10.62
CA GLU A 272 27.21 -49.27 9.45
C GLU A 272 26.78 -48.23 8.46
N GLY A 273 27.51 -48.13 7.36
CA GLY A 273 27.15 -47.17 6.33
C GLY A 273 27.92 -45.89 6.33
N GLU A 274 28.24 -45.38 5.16
CA GLU A 274 28.91 -44.10 5.05
C GLU A 274 27.88 -43.00 5.16
N PHE A 275 28.30 -41.82 5.58
CA PHE A 275 27.36 -40.74 5.79
C PHE A 275 27.52 -39.58 4.87
N VAL A 276 26.41 -39.04 4.35
CA VAL A 276 26.47 -37.82 3.57
C VAL A 276 25.64 -36.86 4.39
N VAL A 277 26.15 -35.67 4.65
CA VAL A 277 25.49 -34.74 5.57
C VAL A 277 25.04 -33.49 4.84
N MET A 278 23.88 -32.98 5.26
CA MET A 278 23.33 -31.69 4.86
C MET A 278 22.81 -31.00 6.10
N TRP A 279 22.98 -29.69 6.18
CA TRP A 279 22.27 -28.95 7.21
C TRP A 279 21.92 -27.54 6.72
N GLY A 280 20.96 -26.94 7.40
CA GLY A 280 20.53 -25.59 7.11
C GLY A 280 19.10 -25.40 7.53
N ARG A 281 18.54 -24.28 7.08
CA ARG A 281 17.13 -24.00 7.35
C ARG A 281 16.25 -24.91 6.48
N ASN A 282 15.11 -25.30 7.05
CA ASN A 282 14.08 -26.02 6.32
C ASN A 282 13.79 -25.30 5.00
N SER A 283 13.64 -26.08 3.93
CA SER A 283 13.27 -25.46 2.67
C SER A 283 11.88 -24.85 2.80
N ALA A 284 11.63 -23.82 1.98
CA ALA A 284 10.35 -23.10 1.97
C ALA A 284 10.24 -22.39 0.62
N PRO A 285 9.00 -22.02 0.19
CA PRO A 285 8.77 -21.67 -1.22
C PRO A 285 9.74 -20.66 -1.83
N GLY A 286 10.35 -19.82 -1.01
CA GLY A 286 11.33 -18.89 -1.55
C GLY A 286 12.73 -19.47 -1.70
N LEU A 287 13.06 -20.53 -0.96
CA LEU A 287 14.43 -21.01 -0.87
C LEU A 287 14.43 -22.52 -0.94
N ASP A 288 15.15 -23.05 -1.93
CA ASP A 288 15.17 -24.49 -2.21
C ASP A 288 16.60 -24.97 -1.94
N LYS A 289 16.87 -25.33 -0.69
CA LYS A 289 18.04 -26.14 -0.42
C LYS A 289 17.82 -27.49 -1.08
N GLY A 290 18.88 -28.18 -1.41
CA GLY A 290 18.59 -29.41 -2.12
C GLY A 290 18.29 -30.62 -1.26
N TYR A 291 17.46 -30.49 -0.23
CA TYR A 291 17.28 -31.66 0.67
C TYR A 291 16.59 -32.80 -0.09
N HIS A 292 15.60 -32.48 -0.91
CA HIS A 292 14.86 -33.49 -1.70
C HIS A 292 15.82 -34.22 -2.63
N LEU A 293 16.76 -33.50 -3.21
CA LEU A 293 17.68 -34.10 -4.20
C LEU A 293 18.45 -35.23 -3.53
N LEU A 294 18.78 -35.09 -2.24
CA LEU A 294 19.57 -36.16 -1.64
C LEU A 294 18.75 -37.43 -1.46
N LEU A 295 17.48 -37.30 -1.08
CA LEU A 295 16.67 -38.48 -0.86
C LEU A 295 16.36 -39.21 -2.16
N GLU A 296 15.94 -38.48 -3.20
CA GLU A 296 15.75 -39.12 -4.50
C GLU A 296 17.01 -39.84 -4.94
N ALA A 297 18.17 -39.17 -4.84
CA ALA A 297 19.41 -39.79 -5.26
C ALA A 297 19.80 -40.97 -4.38
N ALA A 298 19.23 -41.08 -3.18
CA ALA A 298 19.74 -42.01 -2.17
C ALA A 298 19.62 -43.47 -2.60
N ARG A 299 18.50 -43.87 -3.24
CA ARG A 299 18.37 -45.29 -3.57
C ARG A 299 19.49 -45.79 -4.49
N ASP A 300 19.91 -44.98 -5.46
CA ASP A 300 20.96 -45.40 -6.38
C ASP A 300 22.32 -45.56 -5.70
N LEU A 301 22.49 -45.06 -4.45
CA LEU A 301 23.70 -45.39 -3.69
C LEU A 301 23.45 -46.60 -2.80
N PRO A 302 24.30 -47.64 -2.90
CA PRO A 302 24.05 -48.89 -2.16
C PRO A 302 24.01 -48.75 -0.65
N GLY A 303 25.12 -48.33 -0.05
CA GLY A 303 25.29 -48.37 1.38
C GLY A 303 25.56 -47.02 2.02
N VAL A 304 24.82 -46.00 1.60
CA VAL A 304 24.97 -44.63 2.05
C VAL A 304 23.76 -44.23 2.88
N VAL A 305 24.01 -43.58 4.01
CA VAL A 305 22.96 -43.12 4.92
C VAL A 305 22.94 -41.59 4.91
N PRO A 306 21.84 -40.96 4.47
CA PRO A 306 21.78 -39.49 4.48
C PRO A 306 21.40 -38.96 5.85
N VAL A 307 22.18 -38.01 6.33
CA VAL A 307 21.92 -37.35 7.60
C VAL A 307 21.61 -35.89 7.28
N ILE A 308 20.42 -35.46 7.67
CA ILE A 308 19.92 -34.15 7.27
C ILE A 308 19.37 -33.45 8.50
N ALA A 309 20.08 -32.42 8.96
CA ALA A 309 19.81 -31.76 10.23
C ALA A 309 19.32 -30.33 9.93
N THR A 310 18.01 -30.19 9.85
CA THR A 310 17.42 -28.91 9.54
C THR A 310 17.06 -28.18 10.83
N ARG A 311 16.80 -26.88 10.71
CA ARG A 311 16.66 -26.05 11.91
C ARG A 311 15.49 -26.50 12.76
N ARG A 312 14.35 -26.78 12.13
CA ARG A 312 13.09 -27.16 12.77
C ARG A 312 12.61 -28.49 12.20
N PRO A 313 11.90 -29.30 12.98
CA PRO A 313 11.51 -30.65 12.54
C PRO A 313 10.76 -30.61 11.22
N ASP A 314 11.16 -31.46 10.28
CA ASP A 314 10.66 -31.40 8.91
C ASP A 314 9.80 -32.62 8.59
N PRO A 315 8.49 -32.57 8.86
CA PRO A 315 7.63 -33.74 8.56
C PRO A 315 7.65 -34.12 7.10
N GLY A 316 7.74 -33.14 6.19
CA GLY A 316 7.73 -33.45 4.77
C GLY A 316 8.96 -34.22 4.31
N LEU A 317 10.13 -33.92 4.87
CA LEU A 317 11.33 -34.63 4.45
C LEU A 317 11.24 -36.11 4.80
N ARG A 318 10.54 -36.45 5.89
CA ARG A 318 10.33 -37.84 6.26
C ARG A 318 9.58 -38.62 5.18
N ARG A 319 8.75 -37.93 4.39
CA ARG A 319 7.83 -38.63 3.50
C ARG A 319 8.51 -39.15 2.22
N LEU A 320 9.46 -38.41 1.64
CA LEU A 320 10.20 -39.04 0.54
C LEU A 320 11.18 -40.07 1.10
N ALA A 321 11.57 -39.92 2.36
CA ALA A 321 12.37 -40.96 3.00
C ALA A 321 11.61 -42.27 3.12
N ASP A 322 10.28 -42.20 3.07
CA ASP A 322 9.46 -43.43 3.23
C ASP A 322 9.02 -43.84 1.83
N ARG A 323 8.97 -42.89 0.92
CA ARG A 323 8.58 -43.18 -0.48
C ARG A 323 9.67 -44.02 -1.12
N TYR A 324 10.91 -43.53 -1.10
CA TYR A 324 12.06 -44.28 -1.66
C TYR A 324 12.56 -45.26 -0.61
N ALA A 325 11.91 -45.26 0.55
CA ALA A 325 12.33 -46.11 1.63
C ALA A 325 13.84 -46.11 1.67
N VAL A 326 14.42 -44.95 1.84
CA VAL A 326 15.84 -44.87 1.98
C VAL A 326 16.12 -44.69 3.45
N PRO A 327 17.25 -45.21 3.91
CA PRO A 327 17.52 -45.14 5.33
C PRO A 327 18.15 -43.81 5.66
N ALA A 328 17.46 -42.98 6.44
CA ALA A 328 18.00 -41.66 6.68
C ALA A 328 17.83 -41.14 8.09
N VAL A 329 18.75 -40.31 8.51
CA VAL A 329 18.70 -39.74 9.86
C VAL A 329 18.24 -38.30 9.71
N LEU A 330 17.09 -37.98 10.29
CA LEU A 330 16.46 -36.68 10.17
C LEU A 330 16.51 -36.01 11.53
N LEU A 331 17.51 -35.15 11.73
CA LEU A 331 17.65 -34.40 12.97
C LEU A 331 17.06 -33.02 12.79
N ASP A 332 16.76 -32.39 13.93
CA ASP A 332 16.34 -31.00 13.95
C ASP A 332 17.08 -30.28 15.07
N ASP A 333 17.46 -29.02 14.81
CA ASP A 333 18.00 -28.12 15.84
C ASP A 333 19.36 -28.59 16.38
N GLN A 334 20.22 -28.85 15.53
CA GLN A 334 21.42 -29.31 16.22
C GLN A 334 22.32 -28.15 16.66
N PRO A 335 22.99 -28.28 17.81
CA PRO A 335 24.11 -27.41 18.10
C PRO A 335 25.24 -27.69 17.14
N PHE A 336 26.09 -26.68 16.94
CA PHE A 336 27.26 -26.89 16.11
C PHE A 336 28.28 -27.84 16.77
N THR A 337 28.17 -28.13 18.06
CA THR A 337 29.01 -29.18 18.62
C THR A 337 28.80 -30.50 17.87
N HIS A 338 27.54 -30.96 17.79
CA HIS A 338 27.23 -32.22 17.12
C HIS A 338 27.41 -32.13 15.61
N LEU A 339 26.98 -31.03 15.00
CA LEU A 339 27.22 -30.86 13.56
C LEU A 339 28.70 -30.98 13.24
N SER A 340 29.57 -30.25 13.96
CA SER A 340 31.00 -30.38 13.73
C SER A 340 31.47 -31.84 13.84
N ALA A 341 31.00 -32.56 14.85
CA ALA A 341 31.46 -33.93 15.04
C ALA A 341 31.11 -34.79 13.83
N LEU A 342 29.90 -34.62 13.29
CA LEU A 342 29.50 -35.32 12.07
C LEU A 342 30.41 -34.97 10.91
N LEU A 343 30.73 -33.71 10.74
CA LEU A 343 31.52 -33.29 9.54
C LEU A 343 32.96 -33.75 9.68
N GLN A 344 33.31 -34.32 10.83
CA GLN A 344 34.73 -34.64 11.07
C GLN A 344 34.90 -36.16 11.23
N SER A 345 33.81 -36.90 11.23
CA SER A 345 33.89 -38.37 11.44
C SER A 345 34.49 -39.05 10.20
N PRO A 346 35.37 -40.06 10.37
CA PRO A 346 35.88 -40.79 9.23
C PRO A 346 34.75 -41.59 8.55
N ARG A 347 33.64 -41.77 9.26
CA ARG A 347 32.47 -42.47 8.68
C ARG A 347 31.71 -41.53 7.75
N THR A 348 32.20 -40.32 7.51
CA THR A 348 31.44 -39.38 6.69
C THR A 348 32.15 -39.16 5.37
N LEU A 349 31.42 -39.38 4.27
CA LEU A 349 32.08 -39.29 2.97
C LEU A 349 32.05 -37.88 2.41
N ALA A 350 30.91 -37.21 2.49
CA ALA A 350 30.78 -35.87 1.92
C ALA A 350 29.66 -35.11 2.60
N ALA A 351 29.82 -33.79 2.64
CA ALA A 351 28.76 -32.86 2.99
C ALA A 351 28.22 -32.26 1.71
N ALA A 352 26.89 -32.15 1.61
CA ALA A 352 26.23 -31.71 0.38
C ALA A 352 25.55 -30.36 0.56
N PHE A 353 25.79 -29.46 -0.39
CA PHE A 353 25.13 -28.15 -0.43
C PHE A 353 24.51 -28.04 -1.82
N LEU A 354 23.20 -28.25 -1.89
CA LEU A 354 22.50 -28.40 -3.16
C LEU A 354 21.43 -27.32 -3.31
N GLY A 355 21.73 -26.12 -2.82
CA GLY A 355 20.82 -25.01 -3.00
C GLY A 355 20.69 -24.61 -4.46
N GLU A 356 19.49 -24.13 -4.81
CA GLU A 356 19.18 -23.80 -6.19
C GLU A 356 19.84 -22.51 -6.66
N ALA A 357 19.79 -21.46 -5.85
CA ALA A 357 20.38 -20.18 -6.20
C ALA A 357 20.99 -19.51 -4.98
N GLU A 358 21.74 -20.27 -4.20
CA GLU A 358 22.41 -19.69 -3.04
C GLU A 358 23.18 -18.45 -3.49
N PRO A 359 22.89 -17.27 -2.95
CA PRO A 359 23.67 -16.10 -3.36
C PRO A 359 25.06 -16.07 -2.73
N GLY A 360 25.19 -16.52 -1.49
CA GLY A 360 26.50 -16.42 -0.81
C GLY A 360 26.56 -17.33 0.39
N ALA A 361 26.29 -18.61 0.19
CA ALA A 361 26.24 -19.55 1.30
C ALA A 361 27.58 -19.69 1.98
N VAL A 362 27.57 -19.75 3.30
CA VAL A 362 28.78 -19.99 4.07
C VAL A 362 28.86 -21.38 4.66
N SER A 363 27.81 -22.20 4.57
CA SER A 363 27.92 -23.56 5.12
C SER A 363 29.02 -24.36 4.43
N PRO A 364 29.14 -24.40 3.10
CA PRO A 364 30.32 -25.05 2.50
C PRO A 364 31.63 -24.59 3.12
N MET A 365 31.85 -23.28 3.25
CA MET A 365 33.06 -22.78 3.91
C MET A 365 33.25 -23.38 5.29
N GLU A 366 32.19 -23.40 6.10
CA GLU A 366 32.29 -24.04 7.40
C GLU A 366 32.70 -25.50 7.27
N ALA A 367 32.22 -26.18 6.23
CA ALA A 367 32.55 -27.60 6.05
C ALA A 367 34.01 -27.79 5.64
N MET A 368 34.45 -27.05 4.62
CA MET A 368 35.83 -27.13 4.18
C MET A 368 36.82 -26.77 5.26
N TRP A 369 36.40 -26.07 6.30
CA TRP A 369 37.33 -25.69 7.34
C TRP A 369 37.21 -26.56 8.58
N VAL A 370 35.99 -26.88 9.01
CA VAL A 370 35.83 -27.81 10.12
C VAL A 370 36.47 -29.16 9.77
N ALA A 371 36.70 -29.43 8.50
CA ALA A 371 37.28 -30.70 8.11
C ALA A 371 38.59 -30.55 7.37
N ARG A 372 39.53 -29.72 7.85
CA ARG A 372 40.82 -29.65 7.18
C ARG A 372 41.60 -30.97 7.29
N GLU A 373 41.33 -31.77 8.34
CA GLU A 373 42.18 -32.90 8.68
C GLU A 373 41.51 -34.26 8.44
N SER A 374 40.20 -34.37 8.61
CA SER A 374 39.54 -35.65 8.59
C SER A 374 38.07 -35.46 8.25
N GLY A 375 37.51 -36.42 7.55
CA GLY A 375 36.08 -36.44 7.38
C GLY A 375 35.60 -35.95 6.03
N ALA A 376 34.48 -35.23 6.03
CA ALA A 376 33.80 -34.95 4.78
C ALA A 376 34.63 -34.06 3.86
N LEU A 377 34.29 -34.13 2.59
CA LEU A 377 34.59 -33.15 1.56
C LEU A 377 33.24 -32.72 1.00
N VAL A 378 33.21 -31.65 0.22
CA VAL A 378 31.94 -31.00 -0.03
C VAL A 378 31.48 -31.33 -1.44
N ILE A 379 30.16 -31.46 -1.57
CA ILE A 379 29.48 -31.58 -2.86
C ILE A 379 28.65 -30.32 -3.08
N ALA A 380 28.92 -29.62 -4.18
CA ALA A 380 28.32 -28.33 -4.46
C ALA A 380 27.56 -28.37 -5.77
N ALA A 381 26.29 -27.97 -5.74
CA ALA A 381 25.57 -27.74 -6.98
C ALA A 381 26.26 -26.62 -7.77
N ASP A 382 26.07 -26.61 -9.08
CA ASP A 382 26.79 -25.65 -9.93
C ASP A 382 26.04 -24.33 -10.08
N THR A 383 25.24 -23.96 -9.10
CA THR A 383 24.43 -22.76 -9.19
C THR A 383 24.70 -21.87 -7.99
N GLY A 384 24.65 -20.56 -8.23
CA GLY A 384 24.97 -19.59 -7.20
C GLY A 384 26.46 -19.54 -6.92
N ASN A 385 26.79 -19.26 -5.67
CA ASN A 385 28.18 -19.06 -5.33
C ASN A 385 28.92 -20.35 -5.07
N LEU A 386 28.24 -21.51 -5.05
CA LEU A 386 28.90 -22.76 -4.69
C LEU A 386 30.06 -23.13 -5.62
N PRO A 387 29.94 -23.02 -6.95
CA PRO A 387 31.12 -23.29 -7.79
C PRO A 387 32.33 -22.45 -7.44
N GLU A 388 32.12 -21.23 -6.95
CA GLU A 388 33.25 -20.41 -6.50
C GLU A 388 33.83 -20.96 -5.20
N VAL A 389 32.97 -21.46 -4.31
CA VAL A 389 33.47 -21.95 -3.04
C VAL A 389 34.34 -23.18 -3.24
N VAL A 390 33.98 -24.04 -4.20
CA VAL A 390 34.73 -25.26 -4.45
C VAL A 390 35.81 -25.07 -5.51
N ASP A 391 36.02 -23.86 -6.01
CA ASP A 391 36.95 -23.59 -7.11
C ASP A 391 36.65 -24.51 -8.30
N ASP A 392 35.37 -24.58 -8.66
CA ASP A 392 34.86 -25.17 -9.90
C ASP A 392 35.17 -26.66 -10.02
N GLY A 393 35.61 -27.29 -8.94
CA GLY A 393 36.01 -28.68 -8.93
C GLY A 393 37.33 -28.88 -8.21
N ALA A 394 38.16 -27.82 -8.14
CA ALA A 394 39.50 -27.92 -7.58
C ALA A 394 39.51 -28.05 -6.06
N ALA A 395 38.40 -27.80 -5.38
CA ALA A 395 38.32 -27.96 -3.94
C ALA A 395 37.08 -28.73 -3.53
N GLY A 396 36.33 -29.25 -4.49
CA GLY A 396 35.19 -30.09 -4.19
C GLY A 396 34.65 -30.69 -5.46
N ILE A 397 33.47 -31.30 -5.35
CA ILE A 397 32.82 -31.92 -6.50
C ILE A 397 31.57 -31.13 -6.83
N VAL A 398 31.48 -30.69 -8.08
CA VAL A 398 30.34 -29.94 -8.59
C VAL A 398 29.39 -30.90 -9.29
N THR A 399 28.08 -30.68 -9.11
CA THR A 399 27.05 -31.56 -9.65
C THR A 399 25.88 -30.75 -10.19
N ARG A 400 25.21 -31.30 -11.21
CA ARG A 400 23.95 -30.72 -11.62
C ARG A 400 22.91 -30.92 -10.53
N ARG A 401 21.79 -30.21 -10.66
CA ARG A 401 20.74 -30.22 -9.64
C ARG A 401 19.62 -31.20 -10.03
N THR A 402 20.02 -32.45 -10.25
CA THR A 402 19.11 -33.56 -10.55
C THR A 402 19.44 -34.74 -9.66
N ALA A 403 18.47 -35.62 -9.46
CA ALA A 403 18.68 -36.78 -8.60
C ALA A 403 19.77 -37.71 -9.14
N ALA A 404 20.12 -37.63 -10.42
CA ALA A 404 21.10 -38.55 -10.98
C ALA A 404 22.53 -38.08 -10.81
N ASP A 405 22.75 -36.81 -11.10
CA ASP A 405 24.09 -36.26 -11.03
C ASP A 405 24.57 -36.24 -9.58
N VAL A 406 23.65 -36.14 -8.64
CA VAL A 406 24.03 -36.11 -7.24
C VAL A 406 24.62 -37.45 -6.87
N ALA A 407 24.03 -38.52 -7.37
CA ALA A 407 24.57 -39.83 -7.11
C ALA A 407 25.87 -40.03 -7.85
N ASP A 408 25.95 -39.50 -9.06
CA ASP A 408 27.21 -39.60 -9.76
C ASP A 408 28.27 -38.99 -8.89
N ALA A 409 27.94 -37.89 -8.24
CA ALA A 409 28.89 -37.18 -7.40
C ALA A 409 29.29 -37.94 -6.18
N VAL A 410 28.31 -38.50 -5.51
CA VAL A 410 28.62 -39.29 -4.35
C VAL A 410 29.61 -40.35 -4.78
N ARG A 411 29.37 -40.96 -5.92
CA ARG A 411 30.27 -41.98 -6.39
C ARG A 411 31.68 -41.45 -6.63
N ARG A 412 31.79 -40.39 -7.41
CA ARG A 412 33.08 -39.83 -7.71
C ARG A 412 33.89 -39.65 -6.45
N VAL A 413 33.28 -39.06 -5.45
CA VAL A 413 33.94 -38.86 -4.17
C VAL A 413 34.42 -40.19 -3.60
N ARG A 414 33.60 -41.23 -3.75
CA ARG A 414 33.98 -42.56 -3.27
C ARG A 414 35.31 -43.00 -3.87
N LYS A 415 35.52 -42.74 -5.17
CA LYS A 415 36.65 -43.32 -5.87
C LYS A 415 37.90 -42.48 -5.77
N LEU A 416 37.93 -41.47 -4.92
CA LEU A 416 39.11 -40.63 -4.79
C LEU A 416 40.17 -41.35 -3.95
N THR A 417 41.38 -41.45 -4.48
CA THR A 417 42.41 -42.04 -3.63
C THR A 417 42.94 -41.02 -2.64
N ALA A 418 43.61 -41.54 -1.60
CA ALA A 418 44.17 -40.67 -0.55
C ALA A 418 45.13 -39.64 -1.12
N ASP A 419 45.75 -39.93 -2.27
CA ASP A 419 46.50 -38.87 -2.96
C ASP A 419 45.55 -37.77 -3.45
N GLU A 420 44.45 -38.15 -4.09
CA GLU A 420 43.51 -37.13 -4.56
C GLU A 420 42.64 -36.57 -3.41
N ARG A 421 42.26 -37.28 -2.47
CA ARG A 421 41.37 -36.77 -1.40
C ARG A 421 42.16 -35.82 -0.51
N ARG A 422 43.40 -36.31 -0.05
CA ARG A 422 44.15 -35.38 0.83
C ARG A 422 44.42 -34.07 0.08
N ARG A 423 44.80 -34.16 -1.18
CA ARG A 423 45.04 -32.94 -1.95
C ARG A 423 43.77 -32.08 -2.03
N MET A 424 42.61 -32.70 -2.25
CA MET A 424 41.37 -31.93 -2.35
C MET A 424 41.03 -31.27 -1.02
N ARG A 425 41.30 -31.97 0.08
CA ARG A 425 41.09 -31.40 1.40
C ARG A 425 41.96 -30.17 1.63
N ALA A 426 43.19 -30.16 1.17
CA ALA A 426 44.00 -29.01 1.49
C ALA A 426 43.59 -27.83 0.64
N ALA A 427 43.21 -28.09 -0.59
CA ALA A 427 42.89 -27.01 -1.49
C ALA A 427 41.75 -26.24 -0.92
N ALA A 428 40.72 -26.95 -0.48
CA ALA A 428 39.56 -26.29 0.07
C ALA A 428 39.89 -25.37 1.23
N ALA A 429 40.72 -25.84 2.12
CA ALA A 429 41.04 -25.05 3.29
C ALA A 429 41.88 -23.85 2.93
N ALA A 430 42.78 -24.03 2.00
CA ALA A 430 43.63 -22.93 1.68
C ALA A 430 42.75 -21.90 1.05
N ARG A 431 41.75 -22.37 0.32
CA ARG A 431 40.82 -21.48 -0.32
C ARG A 431 40.08 -20.68 0.71
N VAL A 432 39.55 -21.32 1.74
CA VAL A 432 38.92 -20.53 2.78
C VAL A 432 39.90 -19.51 3.29
N ARG A 433 41.09 -19.94 3.68
CA ARG A 433 42.03 -19.00 4.28
C ARG A 433 42.28 -17.79 3.42
N ALA A 434 42.31 -17.97 2.12
CA ALA A 434 42.63 -16.86 1.24
C ALA A 434 41.45 -16.05 0.67
N ARG A 435 40.25 -16.59 0.68
CA ARG A 435 39.15 -15.87 0.06
C ARG A 435 37.97 -15.72 0.97
N PHE A 436 37.85 -16.65 1.91
CA PHE A 436 36.63 -16.63 2.72
C PHE A 436 36.94 -16.45 4.20
N ASP A 437 37.86 -15.53 4.54
CA ASP A 437 38.09 -15.20 5.98
C ASP A 437 37.29 -13.96 6.35
N PHE A 438 36.57 -13.98 7.48
CA PHE A 438 35.66 -12.85 7.83
C PHE A 438 36.45 -11.60 8.16
N ALA A 439 37.44 -11.70 9.05
CA ALA A 439 38.18 -10.50 9.48
C ALA A 439 38.64 -9.72 8.25
N ALA A 440 39.17 -10.40 7.25
CA ALA A 440 39.70 -9.70 6.06
C ALA A 440 38.56 -9.19 5.21
N ASN A 441 37.48 -9.95 5.12
CA ASN A 441 36.36 -9.56 4.23
C ASN A 441 35.56 -8.40 4.82
N VAL A 442 35.46 -8.35 6.15
CA VAL A 442 34.70 -7.26 6.80
C VAL A 442 35.55 -6.01 6.80
N ARG A 443 36.79 -6.07 6.70
CA ARG A 443 37.67 -4.88 6.66
C ARG A 443 37.71 -4.42 5.21
N GLU A 444 37.59 -5.42 4.24
CA GLU A 444 37.47 -4.98 2.83
C GLU A 444 36.23 -4.10 2.75
N LEU A 445 35.13 -4.52 3.36
CA LEU A 445 33.89 -3.71 3.38
C LEU A 445 34.20 -2.41 4.11
N ALA A 446 34.80 -2.51 5.29
CA ALA A 446 35.03 -1.29 6.06
C ALA A 446 35.94 -0.32 5.30
N ASP A 447 37.06 -0.83 4.76
CA ASP A 447 37.95 0.00 3.97
C ASP A 447 37.25 0.56 2.74
N ALA A 448 36.49 -0.26 2.02
CA ALA A 448 35.77 0.26 0.87
C ALA A 448 34.78 1.33 1.32
N ALA A 449 34.13 1.10 2.46
CA ALA A 449 33.20 2.09 2.97
C ALA A 449 33.90 3.40 3.25
N VAL A 450 34.96 3.37 4.04
CA VAL A 450 35.65 4.61 4.40
C VAL A 450 36.20 5.32 3.16
N ASP A 451 36.84 4.58 2.24
CA ASP A 451 37.30 5.19 1.01
C ASP A 451 36.19 5.96 0.34
N ARG A 452 34.98 5.39 0.31
CA ARG A 452 33.88 6.08 -0.34
C ARG A 452 33.33 7.24 0.47
N LEU A 453 33.57 7.30 1.78
CA LEU A 453 33.18 8.48 2.56
C LEU A 453 33.91 9.72 2.07
N ALA A 454 35.23 9.65 1.99
CA ALA A 454 35.94 10.55 1.10
C ALA A 454 35.50 10.26 -0.33
N GLU A 455 35.77 11.19 -1.23
CA GLU A 455 35.29 11.26 -2.60
C GLU A 455 33.84 11.69 -2.68
N VAL A 456 33.10 11.72 -1.56
CA VAL A 456 31.78 12.34 -1.50
C VAL A 456 31.88 13.31 -0.31
N SER A 457 32.30 14.54 -0.60
CA SER A 457 32.77 15.51 0.40
C SER A 457 33.85 14.92 1.32
N GLY B 29 11.71 5.12 41.21
CA GLY B 29 10.92 6.25 40.74
C GLY B 29 10.01 5.96 39.55
N ARG B 30 9.27 6.99 39.14
CA ARG B 30 8.41 6.95 37.95
C ARG B 30 8.73 8.18 37.10
N ALA B 31 9.20 7.94 35.87
CA ALA B 31 9.62 8.97 34.93
C ALA B 31 8.69 8.98 33.72
N LEU B 32 8.01 10.09 33.50
CA LEU B 32 6.88 10.15 32.57
C LEU B 32 7.24 10.96 31.33
N ALA B 33 6.75 10.52 30.17
CA ALA B 33 7.05 11.21 28.93
C ALA B 33 5.79 11.36 28.08
N PHE B 34 5.51 12.59 27.65
CA PHE B 34 4.52 12.85 26.64
C PHE B 34 5.19 12.82 25.28
N VAL B 35 4.75 11.94 24.40
CA VAL B 35 5.20 11.97 23.01
C VAL B 35 4.11 12.65 22.20
N TRP B 36 4.43 13.83 21.66
CA TRP B 36 3.51 14.59 20.83
C TRP B 36 3.88 14.35 19.38
N LEU B 37 3.00 13.72 18.62
CA LEU B 37 3.27 13.43 17.21
C LEU B 37 2.36 14.36 16.42
N MET B 38 2.93 15.30 15.72
CA MET B 38 2.16 16.40 15.17
C MET B 38 2.64 16.65 13.76
N VAL B 39 1.73 16.95 12.83
CA VAL B 39 2.16 17.05 11.46
C VAL B 39 2.88 18.37 11.17
N GLU B 40 2.70 19.36 12.04
CA GLU B 40 3.42 20.62 11.94
C GLU B 40 3.76 21.04 13.34
N GLY B 41 4.47 22.16 13.48
CA GLY B 41 4.68 22.72 14.79
C GLY B 41 6.08 23.16 15.16
N ALA B 42 7.12 22.58 14.54
CA ALA B 42 8.48 23.05 14.75
C ALA B 42 9.09 23.58 13.47
N GLN B 43 9.25 22.74 12.46
CA GLN B 43 9.83 23.22 11.21
C GLN B 43 8.84 24.08 10.46
N VAL B 44 7.58 23.62 10.37
CA VAL B 44 6.52 24.28 9.61
C VAL B 44 5.41 24.70 10.55
N ALA B 45 4.79 25.83 10.26
CA ALA B 45 3.68 26.33 11.06
C ALA B 45 2.70 27.04 10.15
N ALA B 46 1.47 26.51 10.03
CA ALA B 46 0.45 27.23 9.28
C ALA B 46 -0.87 27.35 10.04
N GLY B 47 -1.22 26.38 10.89
CA GLY B 47 -2.56 26.34 11.45
C GLY B 47 -2.66 25.93 12.90
N GLY B 48 -3.83 25.40 13.27
CA GLY B 48 -4.12 25.11 14.67
C GLY B 48 -3.22 24.04 15.26
N VAL B 49 -2.87 23.03 14.46
CA VAL B 49 -1.98 21.99 14.99
C VAL B 49 -0.61 22.58 15.35
N ALA B 50 -0.06 23.45 14.50
CA ALA B 50 1.18 24.13 14.91
C ALA B 50 0.94 25.00 16.15
N GLY B 51 -0.17 25.75 16.18
CA GLY B 51 -0.42 26.59 17.33
C GLY B 51 -0.63 25.81 18.61
N TYR B 52 -1.21 24.61 18.51
CA TYR B 52 -1.32 23.75 19.68
C TYR B 52 0.05 23.39 20.23
N VAL B 53 1.02 23.12 19.34
CA VAL B 53 2.37 22.77 19.79
C VAL B 53 3.05 23.98 20.42
N ARG B 54 2.82 25.17 19.84
CA ARG B 54 3.36 26.39 20.43
C ARG B 54 2.80 26.62 21.82
N ASN B 55 1.48 26.52 21.97
CA ASN B 55 0.88 26.65 23.29
C ASN B 55 1.43 25.59 24.24
N LEU B 56 1.67 24.39 23.72
CA LEU B 56 2.21 23.30 24.52
C LEU B 56 3.55 23.68 25.15
N LEU B 57 4.47 24.22 24.36
CA LEU B 57 5.80 24.49 24.87
C LEU B 57 5.80 25.62 25.90
N ASP B 58 4.95 26.64 25.73
CA ASP B 58 4.86 27.70 26.74
C ASP B 58 4.29 27.17 28.06
N GLU B 59 3.35 26.24 28.00
CA GLU B 59 2.78 25.75 29.25
C GLU B 59 3.61 24.62 29.85
N GLN B 60 4.62 24.14 29.16
CA GLN B 60 5.39 22.98 29.62
C GLN B 60 5.86 23.00 31.04
N ASP B 61 6.56 24.02 31.45
CA ASP B 61 7.14 24.00 32.79
C ASP B 61 6.06 23.94 33.86
N ALA B 62 4.98 24.64 33.63
CA ALA B 62 3.88 24.62 34.57
C ALA B 62 3.25 23.26 34.68
N LEU B 63 3.08 22.60 33.54
CA LEU B 63 2.49 21.28 33.55
C LEU B 63 3.42 20.34 34.24
N ARG B 64 4.70 20.54 34.05
CA ARG B 64 5.68 19.70 34.69
C ARG B 64 5.51 19.81 36.17
N ASP B 65 5.37 21.02 36.65
CA ASP B 65 5.12 21.22 38.08
C ASP B 65 3.85 20.55 38.58
N HIS B 66 2.79 20.71 37.84
CA HIS B 66 1.53 20.12 38.24
C HIS B 66 1.66 18.62 38.32
N LEU B 67 2.38 18.02 37.40
CA LEU B 67 2.47 16.58 37.38
C LEU B 67 3.40 16.09 38.46
N ALA B 68 4.39 16.89 38.79
CA ALA B 68 5.26 16.56 39.88
C ALA B 68 4.43 16.48 41.11
N GLU B 69 3.52 17.41 41.24
CA GLU B 69 2.63 17.29 42.38
C GLU B 69 1.91 15.95 42.42
N ARG B 70 1.66 15.34 41.26
CA ARG B 70 0.98 14.05 41.16
C ARG B 70 1.95 12.89 41.01
N GLY B 71 3.20 13.06 41.45
CA GLY B 71 4.14 11.96 41.54
C GLY B 71 4.96 11.68 40.30
N TRP B 72 4.71 12.37 39.20
CA TRP B 72 5.37 12.08 37.93
C TRP B 72 6.44 13.11 37.62
N SER B 73 7.65 12.63 37.31
CA SER B 73 8.70 13.47 36.76
C SER B 73 8.63 13.36 35.25
N VAL B 74 8.30 14.45 34.58
CA VAL B 74 7.74 14.40 33.22
C VAL B 74 8.69 15.06 32.23
N GLU B 75 8.89 14.39 31.09
CA GLU B 75 9.72 14.86 29.99
C GLU B 75 8.84 15.02 28.75
N PHE B 76 9.22 15.91 27.84
CA PHE B 76 8.44 16.19 26.62
C PHE B 76 9.21 15.76 25.38
N VAL B 77 8.57 14.95 24.54
CA VAL B 77 9.16 14.48 23.29
C VAL B 77 8.26 14.95 22.17
N LEU B 78 8.86 15.48 21.10
CA LEU B 78 8.13 16.02 19.96
C LEU B 78 8.58 15.36 18.65
N GLY B 79 7.61 14.79 17.94
CA GLY B 79 7.89 14.17 16.64
C GLY B 79 7.12 14.88 15.55
N GLU B 80 7.82 15.32 14.51
CA GLU B 80 7.18 16.07 13.40
C GLU B 80 7.82 15.56 12.12
N PRO B 81 7.06 15.34 11.03
CA PRO B 81 7.63 14.94 9.78
C PRO B 81 8.86 15.75 9.35
N PHE B 82 9.83 15.07 8.75
CA PHE B 82 11.02 15.76 8.21
C PHE B 82 10.52 16.65 7.08
N TYR B 83 10.99 17.89 7.02
CA TYR B 83 10.46 18.80 5.99
C TYR B 83 11.60 19.37 5.15
N ASP B 84 11.31 19.64 3.87
CA ASP B 84 12.33 20.27 3.00
C ASP B 84 12.38 21.76 3.39
N PRO B 85 13.56 22.43 3.52
CA PRO B 85 13.55 23.87 3.81
C PRO B 85 12.72 24.68 2.85
N GLY B 86 12.29 24.12 1.73
CA GLY B 86 11.38 24.75 0.78
C GLY B 86 9.89 24.55 1.03
N ALA B 87 9.51 24.02 2.15
CA ALA B 87 8.08 23.80 2.31
C ALA B 87 7.36 25.08 2.74
N PRO B 88 6.12 25.29 2.27
CA PRO B 88 5.29 26.38 2.83
C PRO B 88 5.32 26.35 4.35
N GLY B 89 5.73 27.46 4.95
CA GLY B 89 5.74 27.58 6.39
C GLY B 89 7.03 27.17 7.04
N TYR B 90 8.03 26.76 6.26
CA TYR B 90 9.31 26.40 6.85
C TYR B 90 9.92 27.61 7.58
N ASP B 91 10.63 27.30 8.69
CA ASP B 91 11.36 28.29 9.46
C ASP B 91 12.39 27.56 10.34
N GLU B 92 13.64 27.60 9.90
CA GLU B 92 14.71 26.92 10.63
C GLU B 92 14.95 27.49 11.99
N GLU B 93 14.66 28.76 12.16
CA GLU B 93 14.89 29.40 13.42
C GLU B 93 13.92 28.83 14.41
N ARG B 94 12.68 28.69 13.99
CA ARG B 94 11.70 28.09 14.86
C ARG B 94 12.19 26.72 15.17
N TRP B 95 12.62 25.99 14.15
CA TRP B 95 13.02 24.63 14.44
C TRP B 95 14.04 24.60 15.54
N ARG B 96 15.09 25.40 15.43
CA ARG B 96 16.13 25.39 16.43
C ARG B 96 15.57 25.83 17.73
N ARG B 97 14.69 26.81 17.66
CA ARG B 97 14.05 27.32 18.87
C ARG B 97 13.42 26.20 19.66
N VAL B 98 12.58 25.41 18.99
CA VAL B 98 11.86 24.31 19.63
C VAL B 98 12.82 23.24 20.12
N ARG B 99 13.78 22.87 19.26
CA ARG B 99 14.78 21.88 19.62
C ARG B 99 15.53 22.30 20.87
N GLU B 100 16.05 23.53 20.89
CA GLU B 100 16.74 24.00 22.08
C GLU B 100 15.79 24.02 23.29
N HIS B 101 14.54 24.46 23.08
CA HIS B 101 13.60 24.53 24.20
C HIS B 101 13.38 23.15 24.82
N LEU B 102 13.18 22.11 23.99
CA LEU B 102 12.90 20.81 24.59
C LEU B 102 14.15 20.21 25.21
N ALA B 103 15.31 20.42 24.56
CA ALA B 103 16.58 19.89 25.04
C ALA B 103 16.91 20.38 26.45
N ALA B 104 16.81 21.69 26.70
CA ALA B 104 17.13 22.17 28.04
C ALA B 104 16.24 21.51 29.08
N ARG B 105 15.03 21.13 28.67
CA ARG B 105 14.05 20.56 29.59
C ARG B 105 14.24 19.06 29.82
N GLY B 106 15.07 18.40 29.00
CA GLY B 106 15.25 16.96 29.09
C GLY B 106 14.55 16.17 28.01
N GLY B 107 13.91 16.83 27.05
CA GLY B 107 13.22 16.16 25.97
C GLY B 107 13.97 16.27 24.67
N ARG B 108 13.29 15.87 23.59
CA ARG B 108 13.87 15.79 22.27
C ARG B 108 12.92 16.43 21.27
N ALA B 109 13.49 17.00 20.22
CA ALA B 109 12.77 17.22 18.97
C ALA B 109 13.35 16.25 17.95
N VAL B 110 12.46 15.49 17.31
CA VAL B 110 12.84 14.42 16.41
C VAL B 110 12.09 14.64 15.11
N ARG B 111 12.80 14.57 13.99
CA ARG B 111 12.15 14.63 12.69
C ARG B 111 11.97 13.22 12.13
N LEU B 112 10.72 12.84 11.89
CA LEU B 112 10.37 11.48 11.52
C LEU B 112 10.37 11.28 10.01
N VAL B 113 10.86 10.13 9.57
CA VAL B 113 10.75 9.77 8.16
C VAL B 113 9.28 9.53 7.86
N SER B 114 8.70 10.40 7.03
CA SER B 114 7.60 10.03 6.17
C SER B 114 8.26 9.52 4.91
N ASP B 115 7.53 9.07 3.92
CA ASP B 115 8.19 8.50 2.75
C ASP B 115 7.93 9.38 1.53
N SER B 116 8.15 10.69 1.72
CA SER B 116 7.72 11.76 0.82
C SER B 116 8.90 12.66 0.48
N ASP B 117 8.66 13.67 -0.38
CA ASP B 117 9.70 14.65 -0.72
C ASP B 117 10.06 15.56 0.45
N GLY B 118 9.23 15.60 1.50
CA GLY B 118 9.38 16.60 2.53
C GLY B 118 8.74 17.94 2.21
N LEU B 119 8.15 18.08 1.03
CA LEU B 119 7.63 19.37 0.59
C LEU B 119 6.16 19.61 0.87
N ASP B 120 5.59 18.83 1.74
CA ASP B 120 4.21 19.02 2.10
C ASP B 120 4.02 18.25 3.37
N GLY B 121 2.97 18.54 4.09
CA GLY B 121 2.76 17.87 5.35
C GLY B 121 1.55 17.00 5.30
N TRP B 122 1.28 16.46 4.12
CA TRP B 122 0.13 15.58 4.00
C TRP B 122 0.38 14.61 2.84
N GLY B 123 -0.48 13.61 2.73
CA GLY B 123 -0.42 12.72 1.59
C GLY B 123 -1.49 11.63 1.56
N GLU B 124 -1.09 10.46 1.06
CA GLU B 124 -1.96 9.30 0.87
C GLU B 124 -1.27 8.13 1.60
N GLU B 125 -1.62 6.90 1.23
CA GLU B 125 -1.25 5.71 2.00
C GLU B 125 0.23 5.70 2.36
N ARG B 126 1.07 5.95 1.37
CA ARG B 126 2.49 5.75 1.57
C ARG B 126 3.06 6.79 2.52
N PHE B 127 2.51 8.01 2.51
CA PHE B 127 2.88 9.03 3.49
C PHE B 127 2.35 8.68 4.88
N PHE B 128 1.16 8.13 4.97
CA PHE B 128 0.59 7.83 6.28
C PHE B 128 1.28 6.63 6.90
N HIS B 129 1.56 5.61 6.07
CA HIS B 129 2.16 4.39 6.61
C HIS B 129 3.56 4.66 7.12
N ALA B 130 4.37 5.38 6.35
CA ALA B 130 5.72 5.70 6.81
C ALA B 130 5.68 6.54 8.08
N LEU B 131 4.89 7.62 8.09
CA LEU B 131 4.93 8.53 9.22
C LEU B 131 4.40 7.85 10.46
N SER B 132 3.39 7.00 10.29
CA SER B 132 2.89 6.21 11.41
C SER B 132 3.97 5.30 11.97
N ALA B 133 4.67 4.60 11.09
CA ALA B 133 5.72 3.68 11.53
C ALA B 133 6.77 4.41 12.35
N THR B 134 7.34 5.50 11.81
CA THR B 134 8.36 6.23 12.56
C THR B 134 7.75 6.88 13.81
N GLY B 135 6.52 7.36 13.71
CA GLY B 135 5.83 7.82 14.90
C GLY B 135 5.73 6.73 15.96
N ALA B 136 5.33 5.53 15.55
CA ALA B 136 5.26 4.43 16.50
C ALA B 136 6.65 4.05 17.01
N GLN B 137 7.66 4.12 16.14
CA GLN B 137 9.03 3.83 16.56
C GLN B 137 9.47 4.78 17.67
N LEU B 138 9.25 6.08 17.46
CA LEU B 138 9.65 7.07 18.46
C LEU B 138 8.93 6.83 19.78
N VAL B 139 7.68 6.37 19.71
CA VAL B 139 6.93 6.08 20.93
C VAL B 139 7.57 4.93 21.69
N LEU B 140 8.02 3.87 20.98
CA LEU B 140 8.64 2.72 21.65
C LEU B 140 10.05 3.03 22.13
N ASP B 141 10.84 3.75 21.32
CA ASP B 141 12.17 4.15 21.78
C ASP B 141 12.10 4.91 23.09
N THR B 142 11.16 5.87 23.19
CA THR B 142 10.96 6.65 24.42
C THR B 142 10.51 5.76 25.57
N ALA B 143 9.73 4.73 25.25
CA ALA B 143 9.20 3.86 26.28
C ALA B 143 10.28 2.92 26.84
N GLU B 144 11.31 2.58 26.03
CA GLU B 144 12.43 1.82 26.58
C GLU B 144 13.07 2.56 27.74
N ARG B 145 13.18 3.89 27.67
CA ARG B 145 13.90 4.63 28.69
C ARG B 145 13.02 5.20 29.79
N CYS B 146 11.71 5.21 29.62
CA CYS B 146 10.82 5.80 30.61
C CYS B 146 10.05 4.74 31.39
N ASP B 147 9.40 5.20 32.44
CA ASP B 147 8.55 4.35 33.27
C ASP B 147 7.13 4.30 32.78
N ALA B 148 6.67 5.37 32.12
CA ALA B 148 5.35 5.40 31.50
C ALA B 148 5.40 6.42 30.39
N VAL B 149 4.49 6.29 29.42
CA VAL B 149 4.49 7.15 28.25
C VAL B 149 3.05 7.44 27.87
N VAL B 150 2.75 8.72 27.66
CA VAL B 150 1.45 9.14 27.11
C VAL B 150 1.72 9.64 25.71
N ALA B 151 1.26 8.90 24.71
CA ALA B 151 1.59 9.19 23.32
C ALA B 151 0.39 9.87 22.66
N VAL B 152 0.48 11.17 22.44
CA VAL B 152 -0.61 11.92 21.85
C VAL B 152 -0.41 12.06 20.36
N SER B 153 -1.19 11.32 19.60
CA SER B 153 -1.09 11.38 18.17
C SER B 153 -2.18 12.24 17.59
N GLY B 154 -1.88 12.90 16.48
CA GLY B 154 -2.86 13.75 15.85
C GLY B 154 -2.96 13.64 14.35
N THR B 155 -4.16 13.72 13.81
CA THR B 155 -4.40 13.64 12.37
C THR B 155 -4.32 12.24 11.82
N SER B 156 -5.01 12.01 10.74
CA SER B 156 -5.01 10.71 10.12
C SER B 156 -3.60 10.23 9.84
N ALA B 157 -2.68 11.16 9.68
CA ALA B 157 -1.30 10.77 9.39
C ALA B 157 -0.70 9.92 10.49
N PHE B 158 -0.96 10.24 11.76
CA PHE B 158 -0.43 9.44 12.86
C PHE B 158 -1.41 8.41 13.39
N ALA B 159 -2.57 8.23 12.74
CA ALA B 159 -3.68 7.47 13.33
C ALA B 159 -3.37 5.98 13.46
N ARG B 160 -2.53 5.44 12.58
CA ARG B 160 -2.18 4.03 12.69
C ARG B 160 -1.18 3.77 13.82
N VAL B 161 -0.79 4.77 14.60
CA VAL B 161 0.28 4.61 15.58
C VAL B 161 -0.15 3.74 16.77
N PRO B 162 -1.30 3.98 17.43
CA PRO B 162 -1.63 3.09 18.56
C PRO B 162 -1.75 1.62 18.17
N GLY B 163 -2.33 1.34 17.02
CA GLY B 163 -2.37 -0.03 16.54
C GLY B 163 -0.99 -0.61 16.28
N MET B 164 -0.09 0.21 15.75
CA MET B 164 1.25 -0.31 15.51
C MET B 164 2.00 -0.54 16.81
N VAL B 165 1.76 0.26 17.82
CA VAL B 165 2.51 0.08 19.06
C VAL B 165 1.92 -1.07 19.87
N GLN B 166 0.59 -1.08 20.02
CA GLN B 166 -0.04 -2.11 20.83
C GLN B 166 0.03 -3.48 20.17
N ARG B 167 -0.01 -3.56 18.83
CA ARG B 167 0.09 -4.86 18.17
C ARG B 167 1.46 -5.52 18.38
N GLN B 168 2.55 -4.75 18.28
CA GLN B 168 3.89 -5.33 18.17
C GLN B 168 4.85 -5.08 19.33
N GLY B 169 4.59 -4.10 20.18
CA GLY B 169 5.64 -3.67 21.07
C GLY B 169 5.72 -4.38 22.40
N GLY B 170 4.98 -5.46 22.61
CA GLY B 170 5.21 -6.34 23.76
C GLY B 170 5.27 -5.60 25.08
N GLU B 171 6.29 -5.94 25.88
CA GLU B 171 6.44 -5.39 27.23
C GLU B 171 6.45 -3.86 27.23
N LEU B 172 7.00 -3.23 26.19
CA LEU B 172 7.11 -1.78 26.16
C LEU B 172 5.77 -1.11 25.88
N ALA B 173 4.92 -1.76 25.08
CA ALA B 173 3.61 -1.17 24.80
C ALA B 173 2.73 -1.15 26.03
N ALA B 174 2.99 -2.03 26.99
CA ALA B 174 2.26 -1.99 28.25
C ALA B 174 2.54 -0.74 29.05
N LYS B 175 3.57 0.03 28.68
CA LYS B 175 3.89 1.29 29.34
C LYS B 175 3.19 2.48 28.72
N VAL B 176 2.62 2.33 27.54
CA VAL B 176 2.18 3.45 26.72
C VAL B 176 0.68 3.57 26.84
N LEU B 177 0.20 4.80 26.95
CA LEU B 177 -1.21 5.11 26.78
C LEU B 177 -1.35 6.03 25.57
N HIS B 178 -2.28 5.71 24.69
CA HIS B 178 -2.47 6.47 23.47
C HIS B 178 -3.68 7.40 23.62
N VAL B 179 -3.50 8.64 23.19
CA VAL B 179 -4.61 9.57 23.00
C VAL B 179 -4.51 10.03 21.56
N HIS B 180 -5.49 9.69 20.74
CA HIS B 180 -5.47 10.12 19.35
C HIS B 180 -6.52 11.22 19.13
N THR B 181 -6.16 12.22 18.31
CA THR B 181 -6.86 13.51 18.31
C THR B 181 -6.63 14.23 16.97
N PHE B 182 -7.31 15.37 16.81
CA PHE B 182 -7.25 16.24 15.62
C PHE B 182 -7.74 15.54 14.34
N GLY B 183 -9.00 15.17 14.33
CA GLY B 183 -9.59 14.86 13.06
C GLY B 183 -9.75 13.38 12.78
N LEU B 184 -10.99 12.97 12.52
CA LEU B 184 -11.31 11.65 12.03
C LEU B 184 -12.18 11.84 10.80
N ALA B 185 -12.05 10.95 9.83
CA ALA B 185 -12.83 11.10 8.61
C ALA B 185 -14.31 10.96 8.92
N THR B 186 -15.08 11.91 8.42
CA THR B 186 -16.48 11.94 8.74
C THR B 186 -17.33 12.14 7.53
N HIS B 187 -18.63 12.29 7.75
CA HIS B 187 -19.56 12.47 6.64
C HIS B 187 -20.15 13.84 6.72
N ASP B 188 -19.47 14.75 7.41
CA ASP B 188 -20.00 16.09 7.61
C ASP B 188 -19.52 17.10 6.57
N THR B 189 -18.83 16.62 5.55
CA THR B 189 -18.38 17.50 4.48
C THR B 189 -18.89 16.97 3.15
N ALA B 190 -18.88 17.81 2.13
CA ALA B 190 -19.35 17.40 0.83
C ALA B 190 -18.26 16.65 0.12
N HIS B 191 -17.04 16.99 0.43
CA HIS B 191 -15.90 16.29 -0.13
C HIS B 191 -15.70 14.98 0.65
N VAL B 192 -15.67 13.84 -0.05
CA VAL B 192 -15.56 12.56 0.63
C VAL B 192 -14.09 12.29 0.96
N PRO B 193 -13.76 11.97 2.20
CA PRO B 193 -12.34 11.76 2.55
C PRO B 193 -11.71 10.70 1.65
N SER B 194 -10.42 10.88 1.40
CA SER B 194 -9.67 9.94 0.57
C SER B 194 -9.72 8.55 1.17
N PRO B 195 -9.57 7.50 0.34
CA PRO B 195 -9.49 6.14 0.90
C PRO B 195 -8.42 6.04 1.95
N ALA B 196 -7.30 6.72 1.73
CA ALA B 196 -6.23 6.72 2.71
C ALA B 196 -6.71 7.24 4.08
N GLU B 197 -7.47 8.32 4.11
CA GLU B 197 -7.89 8.83 5.41
C GLU B 197 -8.97 7.94 6.02
N ILE B 198 -9.92 7.46 5.20
CA ILE B 198 -10.95 6.54 5.65
C ILE B 198 -10.32 5.35 6.33
N ALA B 199 -9.20 4.86 5.76
CA ALA B 199 -8.60 3.64 6.27
C ALA B 199 -7.88 3.86 7.58
N ALA B 200 -7.11 4.94 7.69
CA ALA B 200 -6.29 5.12 8.88
C ALA B 200 -7.14 5.46 10.08
N ASP B 201 -8.15 6.30 9.86
CA ASP B 201 -8.99 6.68 10.99
C ASP B 201 -9.92 5.54 11.40
N GLY B 202 -10.22 4.60 10.49
CA GLY B 202 -10.95 3.40 10.87
C GLY B 202 -10.07 2.45 11.66
N ASP B 203 -8.78 2.41 11.31
CA ASP B 203 -7.82 1.66 12.10
C ASP B 203 -7.80 2.14 13.55
N VAL B 204 -7.70 3.46 13.75
CA VAL B 204 -7.58 3.94 15.12
C VAL B 204 -8.88 3.77 15.90
N ALA B 205 -10.03 3.89 15.22
CA ALA B 205 -11.33 3.56 15.83
C ALA B 205 -11.33 2.13 16.34
N PHE B 206 -10.96 1.18 15.47
CA PHE B 206 -10.86 -0.22 15.88
C PHE B 206 -10.01 -0.36 17.13
N TRP B 207 -8.84 0.27 17.15
CA TRP B 207 -7.96 0.07 18.28
C TRP B 207 -8.45 0.78 19.53
N THR B 208 -9.17 1.91 19.38
CA THR B 208 -9.77 2.58 20.53
C THR B 208 -10.81 1.68 21.19
N ARG B 209 -11.60 0.98 20.37
CA ARG B 209 -12.58 0.01 20.85
C ARG B 209 -11.98 -1.28 21.35
N GLN B 210 -10.76 -1.62 20.92
CA GLN B 210 -10.18 -2.92 21.22
C GLN B 210 -9.17 -2.90 22.37
N SER B 211 -8.43 -1.80 22.53
CA SER B 211 -7.42 -1.70 23.57
C SER B 211 -7.86 -0.65 24.58
N ASP B 212 -7.83 -1.04 25.85
CA ASP B 212 -8.06 -0.04 26.89
C ASP B 212 -6.88 0.89 27.05
N ARG B 213 -5.81 0.71 26.28
CA ARG B 213 -4.72 1.66 26.26
C ARG B 213 -4.86 2.70 25.16
N VAL B 214 -5.93 2.65 24.37
CA VAL B 214 -6.11 3.55 23.23
C VAL B 214 -7.42 4.33 23.36
N SER B 215 -7.30 5.64 23.54
CA SER B 215 -8.41 6.56 23.63
C SER B 215 -8.33 7.56 22.50
N VAL B 216 -9.50 8.10 22.14
CA VAL B 216 -9.62 9.34 21.36
C VAL B 216 -9.66 10.51 22.32
N GLY B 217 -8.95 11.57 21.95
CA GLY B 217 -9.08 12.83 22.65
C GLY B 217 -9.92 13.78 21.83
N TYR B 218 -11.16 13.97 22.23
CA TYR B 218 -12.04 14.87 21.50
C TYR B 218 -11.61 16.30 21.79
N ILE B 219 -11.81 17.18 20.82
CA ILE B 219 -11.37 18.55 20.96
C ILE B 219 -12.52 19.51 21.18
N SER B 220 -13.76 19.02 21.19
CA SER B 220 -14.94 19.87 21.08
C SER B 220 -16.18 19.05 21.44
N ARG B 221 -17.25 19.76 21.83
CA ARG B 221 -18.53 19.09 22.05
C ARG B 221 -19.03 18.45 20.77
N TYR B 222 -18.63 19.00 19.63
CA TYR B 222 -19.09 18.50 18.35
C TYR B 222 -18.39 17.21 17.95
N THR B 223 -17.12 17.02 18.31
CA THR B 223 -16.46 15.77 17.93
C THR B 223 -16.63 14.67 18.96
N ALA B 224 -16.75 15.01 20.24
CA ALA B 224 -17.17 13.99 21.23
C ALA B 224 -18.48 13.35 20.82
N GLU B 225 -19.44 14.13 20.35
CA GLU B 225 -20.67 13.56 19.84
C GLU B 225 -20.40 12.76 18.57
N LEU B 226 -19.76 13.39 17.58
CA LEU B 226 -19.67 12.82 16.25
C LEU B 226 -18.86 11.54 16.25
N TYR B 227 -17.79 11.50 17.04
CA TYR B 227 -16.95 10.32 17.04
C TYR B 227 -17.64 9.17 17.77
N ALA B 228 -18.42 9.47 18.80
CA ALA B 228 -19.25 8.43 19.40
C ALA B 228 -20.27 7.90 18.41
N ARG B 229 -20.91 8.78 17.65
CA ARG B 229 -22.01 8.34 16.81
C ARG B 229 -21.59 7.90 15.42
N THR B 230 -20.36 8.13 15.00
CA THR B 230 -19.91 7.62 13.70
C THR B 230 -19.01 6.41 13.85
N TYR B 231 -18.31 6.31 14.97
CA TYR B 231 -17.31 5.29 15.10
C TYR B 231 -17.57 4.35 16.26
N ALA B 232 -18.66 4.56 16.99
CA ALA B 232 -19.08 3.68 18.10
C ALA B 232 -18.00 3.60 19.19
N ILE B 233 -17.42 4.74 19.56
CA ILE B 233 -16.37 4.80 20.56
C ILE B 233 -17.02 4.91 21.94
N PRO B 234 -16.78 3.98 22.85
CA PRO B 234 -17.38 4.05 24.18
C PRO B 234 -16.93 5.26 24.97
N ALA B 235 -17.76 5.63 25.94
CA ALA B 235 -17.49 6.84 26.72
C ALA B 235 -16.14 6.78 27.41
N ALA B 236 -15.76 5.60 27.91
CA ALA B 236 -14.52 5.43 28.66
C ALA B 236 -13.27 5.46 27.79
N ALA B 237 -13.42 5.50 26.47
CA ALA B 237 -12.31 5.69 25.56
C ALA B 237 -12.32 7.06 24.90
N LEU B 238 -12.97 8.05 25.51
CA LEU B 238 -12.98 9.42 25.02
C LEU B 238 -12.34 10.27 26.11
N LEU B 239 -11.11 10.83 25.81
CA LEU B 239 -10.49 11.73 26.78
C LEU B 239 -10.62 13.18 26.33
N PRO B 240 -10.66 14.15 27.25
CA PRO B 240 -10.83 15.55 26.84
C PRO B 240 -9.52 16.16 26.33
N ASN B 241 -9.55 16.69 25.11
CA ASN B 241 -8.47 17.50 24.56
C ASN B 241 -9.05 18.74 23.95
N ARG B 242 -9.84 19.46 24.75
CA ARG B 242 -10.73 20.48 24.19
C ARG B 242 -9.96 21.72 23.75
N SER B 243 -10.24 22.15 22.52
CA SER B 243 -9.64 23.34 21.94
C SER B 243 -9.74 24.53 22.88
N ALA B 244 -8.67 25.33 22.94
CA ALA B 244 -8.56 26.43 23.89
C ALA B 244 -7.45 27.39 23.47
N ILE B 245 -7.47 28.59 24.02
CA ILE B 245 -6.36 29.51 23.76
C ILE B 245 -5.73 29.90 25.08
N PRO B 246 -4.45 30.23 25.10
CA PRO B 246 -3.82 30.70 26.33
C PRO B 246 -4.09 32.20 26.54
N ARG B 247 -5.21 32.54 27.18
CA ARG B 247 -5.76 33.90 27.16
C ARG B 247 -4.74 34.98 27.48
N HIS B 248 -3.85 34.70 28.43
CA HIS B 248 -2.92 35.72 28.88
C HIS B 248 -1.63 35.74 28.09
N ALA B 249 -1.55 35.01 26.99
CA ALA B 249 -0.39 35.11 26.14
C ALA B 249 -0.26 36.55 25.63
N PRO B 250 0.96 37.06 25.49
CA PRO B 250 1.13 38.46 25.05
C PRO B 250 0.41 38.76 23.74
N ARG B 251 0.42 37.83 22.78
CA ARG B 251 -0.16 38.10 21.47
C ARG B 251 -1.64 38.41 21.52
N PHE B 252 -2.33 38.13 22.62
CA PHE B 252 -3.73 38.50 22.73
C PHE B 252 -3.92 39.81 23.49
N GLY B 253 -2.82 40.50 23.82
CA GLY B 253 -2.92 41.64 24.70
C GLY B 253 -3.78 42.74 24.10
N VAL B 254 -4.43 43.47 24.97
CA VAL B 254 -5.31 44.53 24.51
C VAL B 254 -4.48 45.78 24.15
N LEU B 255 -5.01 46.58 23.22
CA LEU B 255 -4.25 47.61 22.53
C LEU B 255 -4.92 48.96 22.63
N THR B 256 -4.10 50.02 22.75
CA THR B 256 -4.64 51.38 22.69
C THR B 256 -5.03 51.73 21.26
N GLU B 257 -5.85 52.77 21.13
CA GLU B 257 -6.35 53.16 19.82
C GLU B 257 -5.27 53.80 18.95
N GLU B 258 -4.30 54.46 19.56
CA GLU B 258 -3.13 54.93 18.80
C GLU B 258 -2.40 53.78 18.13
N ARG B 259 -2.05 52.74 18.91
CA ARG B 259 -1.29 51.63 18.33
C ARG B 259 -2.12 50.84 17.34
N ILE B 260 -3.43 50.73 17.56
CA ILE B 260 -4.29 50.06 16.60
C ILE B 260 -4.20 50.75 15.26
N ASN B 261 -4.40 52.07 15.23
CA ASN B 261 -4.33 52.83 13.98
C ASN B 261 -2.92 52.83 13.41
N GLU B 262 -1.89 52.87 14.25
CA GLU B 262 -0.54 52.76 13.72
C GLU B 262 -0.38 51.43 13.02
N ARG B 263 -0.89 50.36 13.63
CA ARG B 263 -0.59 49.02 13.13
C ARG B 263 -1.27 48.75 11.80
N ILE B 264 -2.46 49.29 11.57
CA ILE B 264 -3.15 49.01 10.31
C ILE B 264 -2.85 50.07 9.25
N ALA B 265 -1.92 50.99 9.57
CA ALA B 265 -1.54 52.04 8.63
C ALA B 265 -1.20 51.48 7.26
N GLY B 266 -0.32 50.47 7.23
CA GLY B 266 0.20 49.97 5.97
C GLY B 266 -0.47 48.69 5.51
N LEU B 267 -1.74 48.53 5.89
CA LEU B 267 -2.54 47.40 5.45
C LEU B 267 -3.25 47.66 4.14
N GLY B 268 -3.17 48.89 3.62
CA GLY B 268 -3.87 49.24 2.39
C GLY B 268 -5.36 49.39 2.55
N LEU B 269 -5.81 49.66 3.77
CA LEU B 269 -7.22 49.69 4.10
C LEU B 269 -7.89 50.95 3.56
N PRO B 270 -9.11 50.84 3.04
CA PRO B 270 -9.85 52.04 2.64
C PRO B 270 -10.12 52.94 3.83
N ALA B 271 -10.46 54.20 3.54
CA ALA B 271 -10.87 55.15 4.58
C ALA B 271 -12.37 55.09 4.91
N GLU B 272 -13.18 54.54 4.02
CA GLU B 272 -14.62 54.39 4.21
C GLU B 272 -15.01 52.92 4.28
N GLY B 273 -16.09 52.66 5.01
CA GLY B 273 -16.66 51.33 5.14
C GLY B 273 -16.30 50.69 6.47
N GLU B 274 -17.18 49.80 6.92
CA GLU B 274 -16.88 48.93 8.06
C GLU B 274 -16.41 47.58 7.53
N PHE B 275 -15.71 46.85 8.40
CA PHE B 275 -15.00 45.64 8.03
C PHE B 275 -15.67 44.38 8.57
N VAL B 276 -15.64 43.32 7.76
CA VAL B 276 -15.86 41.95 8.26
C VAL B 276 -14.57 41.18 8.00
N VAL B 277 -13.89 40.79 9.06
CA VAL B 277 -12.54 40.24 8.94
C VAL B 277 -12.59 38.72 9.01
N MET B 278 -11.75 38.07 8.20
CA MET B 278 -11.55 36.63 8.24
C MET B 278 -10.07 36.32 8.05
N TRP B 279 -9.62 35.20 8.63
CA TRP B 279 -8.24 34.81 8.43
C TRP B 279 -8.07 33.31 8.67
N GLY B 280 -6.99 32.77 8.13
CA GLY B 280 -6.69 31.37 8.31
C GLY B 280 -5.90 30.84 7.14
N ARG B 281 -5.73 29.53 7.12
CA ARG B 281 -5.05 28.93 5.98
C ARG B 281 -5.93 29.07 4.76
N ASN B 282 -5.30 29.16 3.59
CA ASN B 282 -6.07 29.16 2.35
C ASN B 282 -6.93 27.91 2.30
N SER B 283 -8.20 28.08 1.94
CA SER B 283 -8.99 26.89 1.65
C SER B 283 -8.38 26.21 0.44
N ALA B 284 -8.21 24.90 0.53
CA ALA B 284 -7.68 24.17 -0.57
C ALA B 284 -8.45 22.89 -0.67
N PRO B 285 -8.22 22.13 -1.74
CA PRO B 285 -9.05 20.94 -1.88
C PRO B 285 -9.05 20.20 -0.58
N GLY B 286 -10.23 19.92 -0.06
CA GLY B 286 -10.32 19.14 1.15
C GLY B 286 -10.86 19.91 2.31
N LEU B 287 -10.47 21.17 2.41
CA LEU B 287 -10.95 22.00 3.50
C LEU B 287 -11.40 23.34 2.94
N ASP B 288 -12.66 23.64 3.21
CA ASP B 288 -13.35 24.78 2.66
C ASP B 288 -13.56 25.72 3.84
N LYS B 289 -12.58 26.58 4.08
CA LYS B 289 -12.82 27.77 4.88
C LYS B 289 -13.75 28.66 4.07
N GLY B 290 -14.49 29.51 4.73
CA GLY B 290 -15.62 30.01 3.98
C GLY B 290 -15.45 31.33 3.24
N TYR B 291 -14.22 31.66 2.83
CA TYR B 291 -13.93 33.03 2.39
C TYR B 291 -14.82 33.46 1.22
N HIS B 292 -15.01 32.58 0.25
CA HIS B 292 -15.86 32.92 -0.89
C HIS B 292 -17.27 33.27 -0.45
N LEU B 293 -17.72 32.78 0.72
CA LEU B 293 -19.07 33.09 1.17
C LEU B 293 -19.20 34.56 1.57
N LEU B 294 -18.18 35.11 2.24
CA LEU B 294 -18.17 36.54 2.53
C LEU B 294 -18.14 37.36 1.25
N LEU B 295 -17.32 36.96 0.29
CA LEU B 295 -17.25 37.69 -0.97
C LEU B 295 -18.59 37.66 -1.70
N GLU B 296 -19.24 36.51 -1.72
CA GLU B 296 -20.58 36.47 -2.33
C GLU B 296 -21.53 37.43 -1.61
N ALA B 297 -21.44 37.51 -0.29
CA ALA B 297 -22.39 38.32 0.46
C ALA B 297 -22.08 39.81 0.41
N ALA B 298 -20.84 40.20 0.12
CA ALA B 298 -20.51 41.61 0.10
C ALA B 298 -21.21 42.34 -1.04
N ARG B 299 -21.73 41.59 -2.03
CA ARG B 299 -22.46 42.20 -3.13
C ARG B 299 -23.69 42.95 -2.64
N ASP B 300 -24.39 42.38 -1.66
CA ASP B 300 -25.58 43.00 -1.09
C ASP B 300 -25.31 43.55 0.31
N LEU B 301 -24.10 44.10 0.51
CA LEU B 301 -23.66 44.65 1.80
C LEU B 301 -23.06 46.03 1.55
N PRO B 302 -23.91 47.05 1.45
CA PRO B 302 -23.44 48.36 0.93
C PRO B 302 -22.37 49.04 1.75
N GLY B 303 -22.35 48.89 3.07
CA GLY B 303 -21.29 49.61 3.78
C GLY B 303 -20.06 48.79 4.14
N VAL B 304 -19.88 47.62 3.52
CA VAL B 304 -19.04 46.57 4.08
C VAL B 304 -17.88 46.27 3.14
N VAL B 305 -16.67 46.29 3.69
CA VAL B 305 -15.43 45.92 3.02
C VAL B 305 -14.90 44.64 3.68
N PRO B 306 -14.93 43.50 3.01
CA PRO B 306 -14.29 42.31 3.57
C PRO B 306 -12.78 42.47 3.63
N VAL B 307 -12.21 42.06 4.76
CA VAL B 307 -10.77 41.95 4.94
C VAL B 307 -10.47 40.47 5.16
N ILE B 308 -9.90 39.82 4.14
CA ILE B 308 -9.54 38.40 4.19
C ILE B 308 -8.02 38.29 4.25
N ALA B 309 -7.51 37.93 5.43
CA ALA B 309 -6.09 37.74 5.65
C ALA B 309 -5.81 36.24 5.57
N THR B 310 -5.40 35.78 4.41
CA THR B 310 -5.07 34.38 4.20
C THR B 310 -3.56 34.15 4.45
N ARG B 311 -3.17 32.90 4.72
CA ARG B 311 -1.77 32.62 5.05
C ARG B 311 -0.89 32.78 3.81
N ARG B 312 -1.18 32.05 2.80
CA ARG B 312 -0.41 32.26 1.59
C ARG B 312 -1.14 33.26 0.71
N PRO B 313 -0.45 33.89 -0.23
CA PRO B 313 -1.16 34.69 -1.23
C PRO B 313 -2.24 33.85 -1.89
N ASP B 314 -3.44 34.40 -2.00
CA ASP B 314 -4.51 33.69 -2.68
C ASP B 314 -4.92 34.42 -3.95
N PRO B 315 -4.34 34.05 -5.09
CA PRO B 315 -4.78 34.65 -6.36
C PRO B 315 -6.24 34.35 -6.71
N GLY B 316 -6.76 33.20 -6.27
CA GLY B 316 -8.12 32.84 -6.61
C GLY B 316 -9.17 33.74 -5.96
N LEU B 317 -8.98 34.08 -4.69
CA LEU B 317 -9.98 34.89 -4.01
C LEU B 317 -10.08 36.26 -4.67
N ARG B 318 -8.93 36.82 -5.08
CA ARG B 318 -8.91 38.08 -5.81
C ARG B 318 -9.73 38.00 -7.08
N ARG B 319 -9.59 36.90 -7.83
CA ARG B 319 -10.41 36.73 -9.03
C ARG B 319 -11.90 36.78 -8.69
N LEU B 320 -12.32 36.23 -7.56
CA LEU B 320 -13.74 36.33 -7.19
C LEU B 320 -14.10 37.76 -6.83
N ALA B 321 -13.30 38.41 -5.98
CA ALA B 321 -13.66 39.73 -5.50
C ALA B 321 -13.83 40.71 -6.66
N ASP B 322 -13.27 40.38 -7.83
CA ASP B 322 -13.41 41.20 -9.02
C ASP B 322 -14.55 40.74 -9.92
N ARG B 323 -14.76 39.42 -10.01
CA ARG B 323 -15.95 38.89 -10.66
C ARG B 323 -17.23 39.38 -9.99
N TYR B 324 -17.18 39.73 -8.69
CA TYR B 324 -18.35 40.22 -7.94
C TYR B 324 -18.33 41.73 -7.73
N ALA B 325 -17.34 42.43 -8.27
CA ALA B 325 -17.17 43.86 -8.06
C ALA B 325 -17.18 44.21 -6.58
N VAL B 326 -16.51 43.42 -5.77
CA VAL B 326 -16.41 43.65 -4.33
C VAL B 326 -15.04 44.22 -4.01
N PRO B 327 -14.94 45.35 -3.25
CA PRO B 327 -13.65 46.03 -3.04
C PRO B 327 -12.88 45.41 -1.87
N ALA B 328 -12.61 44.12 -1.95
CA ALA B 328 -12.01 43.45 -0.81
C ALA B 328 -10.53 43.86 -0.59
N VAL B 329 -10.13 43.87 0.68
CA VAL B 329 -8.74 43.99 1.08
C VAL B 329 -8.22 42.58 1.37
N LEU B 330 -7.34 42.07 0.49
CA LEU B 330 -6.78 40.73 0.60
C LEU B 330 -5.34 40.80 1.07
N LEU B 331 -5.07 40.27 2.24
CA LEU B 331 -3.72 40.24 2.79
C LEU B 331 -3.20 38.80 2.77
N ASP B 332 -1.89 38.66 3.00
CA ASP B 332 -1.25 37.37 3.19
C ASP B 332 -0.12 37.54 4.19
N ASP B 333 0.27 36.44 4.83
CA ASP B 333 1.42 36.35 5.75
C ASP B 333 1.35 37.37 6.89
N GLN B 334 0.15 37.69 7.35
CA GLN B 334 0.00 38.70 8.40
C GLN B 334 0.54 38.20 9.72
N PRO B 335 1.26 39.04 10.47
CA PRO B 335 1.52 38.73 11.88
C PRO B 335 0.25 38.91 12.68
N PHE B 336 0.21 38.28 13.85
CA PHE B 336 -0.98 38.42 14.66
C PHE B 336 -1.11 39.81 15.23
N THR B 337 0.00 40.55 15.31
CA THR B 337 -0.04 41.94 15.75
C THR B 337 -1.01 42.73 14.89
N HIS B 338 -0.87 42.63 13.57
CA HIS B 338 -1.78 43.33 12.67
C HIS B 338 -3.19 42.78 12.76
N LEU B 339 -3.34 41.45 12.81
CA LEU B 339 -4.65 40.83 12.93
C LEU B 339 -5.29 41.19 14.26
N SER B 340 -4.49 41.25 15.33
CA SER B 340 -5.04 41.68 16.61
C SER B 340 -5.54 43.12 16.54
N ALA B 341 -4.80 44.00 15.85
CA ALA B 341 -5.25 45.38 15.68
C ALA B 341 -6.57 45.46 14.92
N LEU B 342 -6.63 44.83 13.75
CA LEU B 342 -7.86 44.81 12.96
C LEU B 342 -9.07 44.40 13.78
N LEU B 343 -8.96 43.30 14.50
CA LEU B 343 -10.08 42.81 15.30
C LEU B 343 -10.47 43.78 16.41
N GLN B 344 -9.53 44.59 16.90
CA GLN B 344 -9.81 45.50 18.00
C GLN B 344 -10.28 46.88 17.54
N SER B 345 -10.23 47.15 16.25
CA SER B 345 -10.50 48.49 15.76
C SER B 345 -12.00 48.76 15.73
N PRO B 346 -12.44 49.92 16.22
CA PRO B 346 -13.90 50.21 16.21
C PRO B 346 -14.50 50.26 14.82
N ARG B 347 -13.67 50.32 13.77
CA ARG B 347 -14.09 50.20 12.39
C ARG B 347 -14.46 48.77 11.97
N THR B 348 -14.23 47.78 12.82
CA THR B 348 -14.39 46.39 12.41
C THR B 348 -15.71 45.87 12.96
N LEU B 349 -16.64 45.59 12.06
CA LEU B 349 -17.96 45.14 12.47
C LEU B 349 -17.89 43.76 13.11
N ALA B 350 -17.46 42.77 12.35
CA ALA B 350 -17.46 41.39 12.80
C ALA B 350 -16.27 40.63 12.21
N ALA B 351 -15.89 39.55 12.89
CA ALA B 351 -15.02 38.55 12.33
C ALA B 351 -15.87 37.34 11.98
N ALA B 352 -15.79 36.89 10.74
CA ALA B 352 -16.60 35.79 10.22
C ALA B 352 -15.80 34.50 10.28
N PHE B 353 -16.47 33.41 10.67
CA PHE B 353 -15.86 32.08 10.68
C PHE B 353 -16.84 31.14 10.00
N LEU B 354 -16.48 30.65 8.82
CA LEU B 354 -17.42 30.11 7.86
C LEU B 354 -17.00 28.74 7.34
N GLY B 355 -16.27 27.98 8.17
CA GLY B 355 -15.76 26.69 7.74
C GLY B 355 -16.85 25.63 7.65
N GLU B 356 -16.64 24.70 6.71
CA GLU B 356 -17.65 23.69 6.41
C GLU B 356 -17.96 22.84 7.63
N ALA B 357 -16.92 22.26 8.25
CA ALA B 357 -17.15 21.56 9.53
C ALA B 357 -15.84 21.55 10.32
N GLU B 358 -15.60 22.61 11.05
CA GLU B 358 -14.37 22.62 11.82
C GLU B 358 -14.50 21.67 13.00
N PRO B 359 -13.59 20.72 13.17
CA PRO B 359 -13.69 19.85 14.35
C PRO B 359 -13.53 20.62 15.66
N GLY B 360 -12.53 21.49 15.75
CA GLY B 360 -12.28 22.20 17.01
C GLY B 360 -11.51 23.47 16.75
N ALA B 361 -12.05 24.33 15.90
CA ALA B 361 -11.34 25.54 15.51
C ALA B 361 -11.20 26.55 16.66
N VAL B 362 -10.03 27.17 16.75
CA VAL B 362 -9.73 28.08 17.84
C VAL B 362 -9.70 29.55 17.40
N SER B 363 -9.62 29.83 16.11
CA SER B 363 -9.61 31.24 15.70
C SER B 363 -10.77 32.04 16.28
N PRO B 364 -12.03 31.54 16.32
CA PRO B 364 -13.08 32.32 17.00
C PRO B 364 -12.77 32.62 18.45
N MET B 365 -12.14 31.69 19.17
CA MET B 365 -11.87 31.97 20.58
C MET B 365 -10.91 33.15 20.71
N GLU B 366 -9.93 33.25 19.80
CA GLU B 366 -9.01 34.38 19.79
C GLU B 366 -9.73 35.69 19.46
N ALA B 367 -10.62 35.66 18.47
CA ALA B 367 -11.42 36.84 18.17
C ALA B 367 -12.22 37.28 19.39
N MET B 368 -12.94 36.34 20.01
CA MET B 368 -13.77 36.67 21.16
C MET B 368 -12.97 37.25 22.32
N TRP B 369 -11.68 36.94 22.39
CA TRP B 369 -10.88 37.37 23.53
C TRP B 369 -10.06 38.61 23.23
N VAL B 370 -9.52 38.70 22.00
CA VAL B 370 -8.82 39.90 21.57
C VAL B 370 -9.78 41.08 21.50
N ALA B 371 -11.07 40.81 21.22
CA ALA B 371 -12.08 41.84 21.19
C ALA B 371 -12.85 41.95 22.50
N ARG B 372 -12.20 41.63 23.63
CA ARG B 372 -12.76 41.87 24.96
C ARG B 372 -13.39 43.26 25.08
N GLU B 373 -12.60 44.30 24.76
CA GLU B 373 -13.02 45.66 25.03
C GLU B 373 -13.60 46.39 23.82
N SER B 374 -13.31 45.94 22.60
CA SER B 374 -13.65 46.80 21.47
C SER B 374 -13.34 46.05 20.17
N GLY B 375 -14.08 46.40 19.13
CA GLY B 375 -13.83 45.82 17.84
C GLY B 375 -14.90 44.86 17.38
N ALA B 376 -14.48 43.69 16.92
CA ALA B 376 -15.40 42.80 16.24
C ALA B 376 -16.31 42.08 17.21
N LEU B 377 -17.35 41.48 16.64
CA LEU B 377 -18.11 40.42 17.26
C LEU B 377 -18.05 39.25 16.29
N VAL B 378 -18.43 38.07 16.72
CA VAL B 378 -18.19 36.89 15.89
C VAL B 378 -19.43 36.59 15.07
N ILE B 379 -19.23 36.23 13.81
CA ILE B 379 -20.24 35.57 12.99
C ILE B 379 -19.73 34.17 12.72
N ALA B 380 -20.54 33.16 13.05
CA ALA B 380 -20.07 31.79 13.07
C ALA B 380 -21.02 30.88 12.31
N ALA B 381 -20.46 30.13 11.35
CA ALA B 381 -21.29 29.16 10.64
C ALA B 381 -21.82 28.12 11.62
N ASP B 382 -22.98 27.57 11.30
CA ASP B 382 -23.74 26.70 12.19
C ASP B 382 -23.25 25.24 12.16
N THR B 383 -22.01 25.00 11.75
CA THR B 383 -21.46 23.68 11.59
C THR B 383 -20.24 23.48 12.50
N GLY B 384 -19.91 22.22 12.76
CA GLY B 384 -18.76 21.89 13.58
C GLY B 384 -18.84 22.55 14.94
N ASN B 385 -17.68 22.93 15.48
CA ASN B 385 -17.64 23.42 16.85
C ASN B 385 -18.08 24.86 16.96
N LEU B 386 -18.37 25.52 15.85
CA LEU B 386 -18.66 26.96 15.90
C LEU B 386 -19.88 27.29 16.76
N PRO B 387 -21.04 26.62 16.61
CA PRO B 387 -22.15 26.95 17.54
C PRO B 387 -21.78 26.80 19.02
N GLU B 388 -20.99 25.81 19.41
CA GLU B 388 -20.58 25.71 20.80
C GLU B 388 -19.81 26.97 21.23
N VAL B 389 -18.85 27.38 20.40
CA VAL B 389 -18.00 28.53 20.71
C VAL B 389 -18.82 29.82 20.88
N VAL B 390 -19.81 30.04 20.01
CA VAL B 390 -20.61 31.26 20.14
C VAL B 390 -21.85 31.02 21.00
N ASP B 391 -21.90 29.90 21.74
CA ASP B 391 -23.02 29.54 22.62
C ASP B 391 -24.36 29.58 21.90
N ASP B 392 -24.39 29.10 20.66
CA ASP B 392 -25.62 28.85 19.90
C ASP B 392 -26.46 30.11 19.70
N GLY B 393 -25.82 31.28 19.80
CA GLY B 393 -26.46 32.54 19.55
C GLY B 393 -26.18 33.52 20.67
N ALA B 394 -25.79 33.01 21.84
CA ALA B 394 -25.65 33.86 23.01
C ALA B 394 -24.39 34.73 22.97
N ALA B 395 -23.28 34.21 22.45
CA ALA B 395 -22.04 34.97 22.45
C ALA B 395 -21.64 35.41 21.06
N GLY B 396 -22.50 35.22 20.08
CA GLY B 396 -22.20 35.59 18.71
C GLY B 396 -23.40 35.25 17.86
N ILE B 397 -23.24 35.51 16.57
CA ILE B 397 -24.30 35.39 15.59
C ILE B 397 -24.02 34.14 14.74
N VAL B 398 -24.98 33.19 14.70
CA VAL B 398 -24.83 31.97 13.92
C VAL B 398 -25.54 32.15 12.58
N THR B 399 -25.02 31.48 11.57
CA THR B 399 -25.54 31.63 10.23
C THR B 399 -25.43 30.33 9.46
N ARG B 400 -26.42 30.09 8.61
CA ARG B 400 -26.32 29.03 7.65
C ARG B 400 -25.23 29.41 6.63
N ARG B 401 -24.72 28.41 5.93
CA ARG B 401 -23.60 28.57 5.01
C ARG B 401 -24.07 28.86 3.58
N THR B 402 -24.88 29.89 3.43
CA THR B 402 -25.27 30.41 2.12
C THR B 402 -24.98 31.90 2.12
N ALA B 403 -24.71 32.44 0.92
CA ALA B 403 -24.37 33.85 0.80
C ALA B 403 -25.46 34.75 1.37
N ALA B 404 -26.72 34.41 1.10
CA ALA B 404 -27.82 35.22 1.62
C ALA B 404 -27.82 35.17 3.14
N ASP B 405 -27.51 34.01 3.72
CA ASP B 405 -27.56 33.88 5.17
C ASP B 405 -26.43 34.67 5.82
N VAL B 406 -25.26 34.70 5.18
CA VAL B 406 -24.14 35.48 5.69
C VAL B 406 -24.40 36.97 5.55
N ALA B 407 -24.93 37.39 4.39
CA ALA B 407 -25.34 38.79 4.22
C ALA B 407 -26.37 39.18 5.28
N ASP B 408 -27.31 38.30 5.53
CA ASP B 408 -28.30 38.55 6.56
C ASP B 408 -27.66 38.70 7.89
N ALA B 409 -26.70 37.86 8.20
CA ALA B 409 -26.08 37.88 9.50
C ALA B 409 -25.37 39.17 9.80
N VAL B 410 -24.76 39.75 8.80
CA VAL B 410 -24.01 40.97 9.02
C VAL B 410 -24.97 42.09 9.30
N ARG B 411 -26.09 42.08 8.61
CA ARG B 411 -27.09 43.10 8.83
C ARG B 411 -27.61 42.91 10.24
N ARG B 412 -27.77 41.66 10.62
CA ARG B 412 -28.28 41.38 11.94
C ARG B 412 -27.34 42.00 12.91
N VAL B 413 -26.04 41.78 12.76
CA VAL B 413 -25.04 42.31 13.68
C VAL B 413 -25.02 43.82 13.72
N ARG B 414 -25.19 44.44 12.58
CA ARG B 414 -25.25 45.90 12.54
C ARG B 414 -26.43 46.43 13.34
N LYS B 415 -27.59 45.80 13.20
CA LYS B 415 -28.79 46.26 13.92
C LYS B 415 -28.80 46.13 15.44
N LEU B 416 -27.67 45.81 16.04
CA LEU B 416 -27.61 45.60 17.48
C LEU B 416 -27.37 46.92 18.20
N THR B 417 -28.07 47.12 19.31
CA THR B 417 -27.83 48.30 20.12
C THR B 417 -26.50 48.18 20.85
N ALA B 418 -25.91 49.33 21.19
CA ALA B 418 -24.67 49.29 21.94
C ALA B 418 -24.85 48.69 23.33
N ASP B 419 -26.07 48.65 23.87
CA ASP B 419 -26.30 47.85 25.07
C ASP B 419 -26.32 46.36 24.73
N GLU B 420 -26.95 46.00 23.61
CA GLU B 420 -26.91 44.60 23.16
C GLU B 420 -25.49 44.15 22.90
N ARG B 421 -24.77 44.92 22.08
CA ARG B 421 -23.44 44.55 21.64
C ARG B 421 -22.48 44.42 22.82
N ARG B 422 -22.64 45.24 23.86
CA ARG B 422 -21.69 45.20 24.96
C ARG B 422 -21.90 43.99 25.85
N ARG B 423 -23.12 43.45 25.89
CA ARG B 423 -23.34 42.22 26.63
C ARG B 423 -23.15 40.98 25.78
N MET B 424 -23.21 41.12 24.45
CA MET B 424 -22.75 40.01 23.61
C MET B 424 -21.23 39.90 23.66
N ARG B 425 -20.54 41.04 23.62
CA ARG B 425 -19.09 41.07 23.69
C ARG B 425 -18.59 40.57 25.05
N ALA B 426 -19.29 40.93 26.12
CA ALA B 426 -18.89 40.42 27.42
C ALA B 426 -19.12 38.92 27.48
N ALA B 427 -20.27 38.47 26.98
CA ALA B 427 -20.63 37.06 27.09
C ALA B 427 -19.63 36.19 26.34
N ALA B 428 -19.20 36.65 25.17
CA ALA B 428 -18.14 35.96 24.41
C ALA B 428 -16.86 35.87 25.23
N ALA B 429 -16.42 36.99 25.81
CA ALA B 429 -15.18 36.98 26.59
C ALA B 429 -15.31 36.10 27.82
N ALA B 430 -16.48 36.08 28.44
CA ALA B 430 -16.65 35.22 29.61
C ALA B 430 -16.52 33.76 29.20
N ARG B 431 -17.07 33.41 28.03
CA ARG B 431 -16.97 32.03 27.59
C ARG B 431 -15.52 31.59 27.40
N VAL B 432 -14.69 32.43 26.75
CA VAL B 432 -13.30 32.04 26.53
C VAL B 432 -12.61 31.75 27.87
N ARG B 433 -12.93 32.53 28.90
CA ARG B 433 -12.50 32.21 30.27
C ARG B 433 -13.01 30.83 30.71
N ALA B 434 -14.30 30.58 30.58
CA ALA B 434 -14.90 29.41 31.24
C ALA B 434 -14.51 28.09 30.57
N ARG B 435 -14.57 28.03 29.24
CA ARG B 435 -14.45 26.79 28.49
C ARG B 435 -13.17 26.65 27.70
N PHE B 436 -12.52 27.75 27.34
CA PHE B 436 -11.51 27.74 26.28
C PHE B 436 -10.16 28.27 26.75
N ASP B 437 -9.79 27.98 27.99
CA ASP B 437 -8.56 28.45 28.59
C ASP B 437 -7.54 27.32 28.49
N PHE B 438 -6.43 27.59 27.79
CA PHE B 438 -5.52 26.51 27.37
C PHE B 438 -4.89 25.80 28.56
N ALA B 439 -4.44 26.56 29.56
CA ALA B 439 -3.84 25.93 30.70
C ALA B 439 -4.84 25.08 31.45
N ALA B 440 -6.10 25.49 31.53
CA ALA B 440 -7.10 24.63 32.16
C ALA B 440 -7.32 23.34 31.38
N ASN B 441 -7.46 23.46 30.06
CA ASN B 441 -7.79 22.31 29.23
C ASN B 441 -6.62 21.37 28.99
N VAL B 442 -5.39 21.86 28.90
CA VAL B 442 -4.27 20.94 28.78
C VAL B 442 -4.03 20.21 30.10
N ARG B 443 -4.24 20.89 31.23
CA ARG B 443 -4.33 20.21 32.51
C ARG B 443 -5.47 19.20 32.51
N GLU B 444 -6.61 19.53 31.87
CA GLU B 444 -7.66 18.53 31.75
C GLU B 444 -7.15 17.32 30.96
N LEU B 445 -6.39 17.56 29.88
CA LEU B 445 -5.81 16.46 29.13
C LEU B 445 -4.79 15.69 29.97
N ALA B 446 -3.83 16.41 30.56
CA ALA B 446 -2.80 15.73 31.33
C ALA B 446 -3.43 14.93 32.46
N ASP B 447 -4.39 15.53 33.18
CA ASP B 447 -4.97 14.86 34.33
C ASP B 447 -5.67 13.57 33.94
N ALA B 448 -6.43 13.58 32.85
CA ALA B 448 -7.14 12.37 32.44
C ALA B 448 -6.15 11.28 32.04
N ALA B 449 -5.16 11.61 31.20
CA ALA B 449 -4.12 10.65 30.83
C ALA B 449 -3.47 10.02 32.06
N VAL B 450 -3.06 10.84 33.02
CA VAL B 450 -2.32 10.33 34.17
C VAL B 450 -3.21 9.46 35.04
N ASP B 451 -4.48 9.87 35.22
CA ASP B 451 -5.44 9.07 35.97
C ASP B 451 -5.68 7.73 35.29
N ARG B 452 -5.77 7.74 33.96
CA ARG B 452 -6.00 6.51 33.23
C ARG B 452 -4.77 5.61 33.28
N LEU B 453 -3.57 6.19 33.33
CA LEU B 453 -2.36 5.39 33.49
C LEU B 453 -2.42 4.53 34.74
N ALA B 454 -3.09 5.01 35.80
CA ALA B 454 -3.22 4.30 37.06
C ALA B 454 -4.45 3.40 37.10
N GLU B 455 -5.19 3.24 36.01
CA GLU B 455 -6.19 2.19 35.99
C GLU B 455 -5.93 1.11 34.95
N VAL B 456 -5.37 1.43 33.77
CA VAL B 456 -5.04 0.38 32.82
C VAL B 456 -4.01 -0.55 33.41
N SER B 457 -3.08 -0.02 34.21
CA SER B 457 -2.30 -0.85 35.12
C SER B 457 -1.81 -0.05 36.30
N GLY C 29 -37.39 -1.44 -21.41
CA GLY C 29 -37.09 -2.67 -20.69
C GLY C 29 -36.16 -2.51 -19.48
N ARG C 30 -36.22 -3.49 -18.57
CA ARG C 30 -35.38 -3.47 -17.38
C ARG C 30 -34.87 -4.88 -17.09
N ALA C 31 -33.57 -5.08 -17.35
CA ALA C 31 -32.83 -6.27 -16.94
C ALA C 31 -32.09 -5.97 -15.64
N LEU C 32 -32.25 -6.86 -14.66
CA LEU C 32 -31.58 -6.77 -13.36
C LEU C 32 -30.44 -7.78 -13.29
N ALA C 33 -29.35 -7.40 -12.61
CA ALA C 33 -28.19 -8.27 -12.50
C ALA C 33 -27.77 -8.43 -11.05
N PHE C 34 -27.63 -9.65 -10.61
CA PHE C 34 -26.95 -9.91 -9.35
C PHE C 34 -25.51 -10.29 -9.68
N VAL C 35 -24.59 -9.38 -9.42
CA VAL C 35 -23.17 -9.69 -9.48
C VAL C 35 -22.75 -10.20 -8.10
N TRP C 36 -22.28 -11.46 -8.05
CA TRP C 36 -21.83 -12.11 -6.83
C TRP C 36 -20.31 -12.18 -6.84
N LEU C 37 -19.68 -11.38 -5.99
CA LEU C 37 -18.23 -11.39 -5.84
C LEU C 37 -17.90 -12.24 -4.62
N MET C 38 -17.36 -13.42 -4.86
CA MET C 38 -17.14 -14.43 -3.84
C MET C 38 -15.71 -14.91 -3.94
N VAL C 39 -15.05 -15.06 -2.78
CA VAL C 39 -13.64 -15.48 -2.76
C VAL C 39 -13.46 -16.94 -3.16
N GLU C 40 -14.52 -17.73 -3.07
CA GLU C 40 -14.47 -19.13 -3.47
C GLU C 40 -15.89 -19.52 -3.89
N GLY C 41 -16.01 -20.70 -4.48
CA GLY C 41 -17.31 -21.25 -4.79
C GLY C 41 -17.39 -21.99 -6.10
N ALA C 42 -16.64 -21.56 -7.11
CA ALA C 42 -16.59 -22.30 -8.37
C ALA C 42 -15.26 -23.00 -8.58
N GLN C 43 -14.16 -22.25 -8.68
CA GLN C 43 -12.88 -22.89 -8.90
C GLN C 43 -12.43 -23.68 -7.69
N VAL C 44 -12.75 -23.18 -6.50
CA VAL C 44 -12.28 -23.75 -5.25
C VAL C 44 -13.44 -23.81 -4.28
N ALA C 45 -13.60 -24.93 -3.60
CA ALA C 45 -14.65 -25.10 -2.63
C ALA C 45 -14.04 -25.69 -1.37
N ALA C 46 -13.96 -24.88 -0.33
CA ALA C 46 -13.40 -25.33 0.94
C ALA C 46 -14.24 -24.96 2.14
N GLY C 47 -15.09 -23.94 2.07
CA GLY C 47 -15.73 -23.40 3.26
C GLY C 47 -17.14 -22.91 2.98
N GLY C 48 -17.76 -22.37 4.04
CA GLY C 48 -19.17 -22.02 3.96
C GLY C 48 -19.49 -21.10 2.80
N VAL C 49 -18.53 -20.26 2.41
CA VAL C 49 -18.73 -19.39 1.24
C VAL C 49 -18.99 -20.24 0.00
N ALA C 50 -18.15 -21.25 -0.22
CA ALA C 50 -18.37 -22.15 -1.35
C ALA C 50 -19.73 -22.80 -1.26
N GLY C 51 -20.17 -23.12 -0.04
CA GLY C 51 -21.50 -23.68 0.12
C GLY C 51 -22.59 -22.71 -0.24
N TYR C 52 -22.46 -21.46 0.21
CA TYR C 52 -23.41 -20.43 -0.17
C TYR C 52 -23.52 -20.28 -1.68
N VAL C 53 -22.39 -20.36 -2.40
CA VAL C 53 -22.48 -20.27 -3.85
C VAL C 53 -23.13 -21.51 -4.44
N ARG C 54 -22.87 -22.67 -3.83
CA ARG C 54 -23.49 -23.91 -4.29
C ARG C 54 -25.01 -23.85 -4.18
N ASN C 55 -25.51 -23.45 -3.00
CA ASN C 55 -26.95 -23.34 -2.79
C ASN C 55 -27.55 -22.25 -3.68
N LEU C 56 -26.83 -21.14 -3.85
CA LEU C 56 -27.29 -20.05 -4.68
C LEU C 56 -27.68 -20.52 -6.08
N LEU C 57 -26.72 -21.08 -6.81
CA LEU C 57 -26.95 -21.44 -8.20
C LEU C 57 -28.05 -22.48 -8.34
N ASP C 58 -28.31 -23.25 -7.28
CA ASP C 58 -29.42 -24.19 -7.29
C ASP C 58 -30.76 -23.48 -7.24
N GLU C 59 -30.83 -22.34 -6.55
CA GLU C 59 -32.07 -21.59 -6.46
C GLU C 59 -32.13 -20.47 -7.50
N GLN C 60 -31.20 -20.45 -8.46
CA GLN C 60 -31.20 -19.35 -9.42
C GLN C 60 -32.54 -19.31 -10.15
N ASP C 61 -32.94 -20.43 -10.75
CA ASP C 61 -34.14 -20.45 -11.58
C ASP C 61 -35.41 -20.23 -10.76
N ALA C 62 -35.43 -20.71 -9.51
CA ALA C 62 -36.51 -20.38 -8.58
C ALA C 62 -36.51 -18.91 -8.16
N LEU C 63 -35.46 -18.14 -8.49
CA LEU C 63 -35.51 -16.71 -8.28
C LEU C 63 -35.75 -15.95 -9.56
N ARG C 64 -35.25 -16.50 -10.69
CA ARG C 64 -35.52 -15.92 -12.00
C ARG C 64 -37.02 -15.76 -12.23
N ASP C 65 -37.79 -16.79 -11.86
CA ASP C 65 -39.25 -16.77 -12.03
C ASP C 65 -39.91 -15.81 -11.05
N HIS C 66 -39.45 -15.80 -9.80
CA HIS C 66 -39.96 -14.84 -8.82
C HIS C 66 -39.69 -13.41 -9.26
N LEU C 67 -38.47 -13.12 -9.72
CA LEU C 67 -38.12 -11.74 -10.02
C LEU C 67 -38.86 -11.22 -11.25
N ALA C 68 -39.22 -12.11 -12.16
CA ALA C 68 -40.07 -11.70 -13.26
C ALA C 68 -41.42 -11.21 -12.73
N GLU C 69 -41.98 -11.93 -11.75
CA GLU C 69 -43.25 -11.56 -11.14
C GLU C 69 -43.20 -10.23 -10.42
N ARG C 70 -42.02 -9.70 -10.13
CA ARG C 70 -41.89 -8.32 -9.70
C ARG C 70 -41.48 -7.40 -10.81
N GLY C 71 -41.28 -7.93 -12.02
CA GLY C 71 -41.01 -7.10 -13.18
C GLY C 71 -39.58 -7.04 -13.66
N TRP C 72 -38.73 -7.99 -13.27
CA TRP C 72 -37.32 -7.97 -13.63
C TRP C 72 -36.91 -9.28 -14.28
N SER C 73 -36.29 -9.19 -15.46
CA SER C 73 -35.55 -10.32 -15.99
C SER C 73 -34.18 -10.30 -15.35
N VAL C 74 -33.86 -11.30 -14.55
CA VAL C 74 -32.62 -11.24 -13.77
C VAL C 74 -31.58 -12.14 -14.37
N GLU C 75 -30.35 -11.65 -14.42
CA GLU C 75 -29.18 -12.40 -14.83
C GLU C 75 -28.24 -12.49 -13.64
N PHE C 76 -27.50 -13.59 -13.56
CA PHE C 76 -26.57 -13.84 -12.47
C PHE C 76 -25.15 -13.77 -13.02
N VAL C 77 -24.30 -12.95 -12.39
CA VAL C 77 -22.89 -12.81 -12.74
C VAL C 77 -22.04 -13.16 -11.52
N LEU C 78 -21.10 -14.09 -11.69
CA LEU C 78 -20.25 -14.57 -10.60
C LEU C 78 -18.79 -14.21 -10.85
N GLY C 79 -18.17 -13.61 -9.85
CA GLY C 79 -16.75 -13.23 -9.93
C GLY C 79 -15.95 -13.94 -8.85
N GLU C 80 -14.74 -14.37 -9.23
CA GLU C 80 -13.92 -15.13 -8.30
C GLU C 80 -12.46 -14.92 -8.66
N PRO C 81 -11.56 -14.94 -7.68
CA PRO C 81 -10.14 -14.78 -8.01
C PRO C 81 -9.69 -15.87 -8.97
N PHE C 82 -8.79 -15.50 -9.89
CA PHE C 82 -8.01 -16.48 -10.62
C PHE C 82 -7.28 -17.35 -9.64
N TYR C 83 -7.56 -18.65 -9.67
CA TYR C 83 -6.85 -19.60 -8.86
C TYR C 83 -5.85 -20.36 -9.71
N ASP C 84 -4.71 -20.67 -9.11
CA ASP C 84 -3.76 -21.61 -9.69
C ASP C 84 -4.35 -23.02 -9.66
N PRO C 85 -4.20 -23.80 -10.74
CA PRO C 85 -4.69 -25.19 -10.71
C PRO C 85 -4.13 -26.02 -9.57
N GLY C 86 -3.03 -25.60 -8.96
CA GLY C 86 -2.47 -26.33 -7.83
C GLY C 86 -2.92 -25.81 -6.47
N ALA C 87 -4.10 -25.18 -6.41
CA ALA C 87 -4.41 -24.62 -5.09
C ALA C 87 -5.34 -25.54 -4.32
N PRO C 88 -5.20 -25.59 -2.99
CA PRO C 88 -6.10 -26.42 -2.16
C PRO C 88 -7.58 -26.22 -2.46
N GLY C 89 -8.26 -27.30 -2.80
CA GLY C 89 -9.67 -27.24 -3.14
C GLY C 89 -9.97 -27.07 -4.61
N TYR C 90 -8.94 -26.98 -5.47
CA TYR C 90 -9.18 -26.72 -6.87
C TYR C 90 -9.81 -27.93 -7.57
N ASP C 91 -10.72 -27.65 -8.50
CA ASP C 91 -11.43 -28.68 -9.25
C ASP C 91 -11.76 -28.08 -10.61
N GLU C 92 -11.06 -28.51 -11.66
CA GLU C 92 -11.34 -27.94 -12.98
C GLU C 92 -12.77 -28.24 -13.43
N GLU C 93 -13.35 -29.36 -12.97
CA GLU C 93 -14.68 -29.72 -13.45
C GLU C 93 -15.77 -28.88 -12.81
N ARG C 94 -15.66 -28.61 -11.51
CA ARG C 94 -16.62 -27.72 -10.86
C ARG C 94 -16.66 -26.36 -11.54
N TRP C 95 -15.49 -25.83 -11.94
CA TRP C 95 -15.47 -24.54 -12.60
C TRP C 95 -16.12 -24.61 -13.98
N ARG C 96 -16.01 -25.75 -14.66
CA ARG C 96 -16.67 -25.87 -15.95
C ARG C 96 -18.17 -26.07 -15.82
N ARG C 97 -18.59 -26.72 -14.74
CA ARG C 97 -20.04 -26.89 -14.50
C ARG C 97 -20.64 -25.51 -14.22
N VAL C 98 -20.08 -24.77 -13.26
CA VAL C 98 -20.62 -23.44 -12.88
C VAL C 98 -20.64 -22.52 -14.10
N ARG C 99 -19.53 -22.43 -14.81
CA ARG C 99 -19.44 -21.52 -15.97
C ARG C 99 -20.59 -21.83 -16.92
N GLU C 100 -20.80 -23.09 -17.25
CA GLU C 100 -21.86 -23.47 -18.23
C GLU C 100 -23.25 -23.25 -17.63
N HIS C 101 -23.45 -23.59 -16.35
CA HIS C 101 -24.74 -23.34 -15.68
C HIS C 101 -25.12 -21.88 -15.93
N LEU C 102 -24.27 -20.96 -15.51
CA LEU C 102 -24.58 -19.52 -15.66
C LEU C 102 -24.72 -19.16 -17.13
N ALA C 103 -23.85 -19.69 -17.99
CA ALA C 103 -23.88 -19.31 -19.42
C ALA C 103 -25.20 -19.74 -20.01
N ALA C 104 -25.64 -20.96 -19.69
CA ALA C 104 -26.97 -21.39 -20.14
C ALA C 104 -28.04 -20.34 -19.88
N ARG C 105 -27.94 -19.66 -18.73
CA ARG C 105 -28.97 -18.75 -18.25
C ARG C 105 -28.77 -17.30 -18.66
N GLY C 106 -27.77 -16.99 -19.49
CA GLY C 106 -27.51 -15.60 -19.83
C GLY C 106 -26.51 -14.88 -18.94
N GLY C 107 -25.84 -15.59 -18.03
CA GLY C 107 -24.89 -15.00 -17.11
C GLY C 107 -23.46 -15.25 -17.52
N ARG C 108 -22.55 -15.01 -16.57
CA ARG C 108 -21.12 -15.21 -16.78
C ARG C 108 -20.48 -15.70 -15.49
N ALA C 109 -19.40 -16.45 -15.63
CA ALA C 109 -18.47 -16.76 -14.57
C ALA C 109 -17.13 -16.14 -14.93
N VAL C 110 -16.73 -15.10 -14.21
CA VAL C 110 -15.57 -14.28 -14.55
C VAL C 110 -14.48 -14.54 -13.52
N ARG C 111 -13.25 -14.77 -14.00
CA ARG C 111 -12.10 -14.92 -13.11
C ARG C 111 -11.42 -13.56 -12.91
N LEU C 112 -11.12 -13.23 -11.65
CA LEU C 112 -10.76 -11.87 -11.27
C LEU C 112 -9.27 -11.78 -10.96
N VAL C 113 -8.58 -10.85 -11.63
CA VAL C 113 -7.19 -10.54 -11.31
C VAL C 113 -7.09 -10.11 -9.85
N SER C 114 -6.25 -10.79 -9.10
CA SER C 114 -5.74 -10.35 -7.82
C SER C 114 -4.24 -10.17 -8.01
N ASP C 115 -3.54 -9.70 -6.98
CA ASP C 115 -2.11 -9.49 -7.19
C ASP C 115 -1.29 -10.62 -6.60
N SER C 116 -1.87 -11.79 -6.50
CA SER C 116 -1.18 -13.00 -6.07
C SER C 116 -1.00 -13.93 -7.26
N ASP C 117 -0.32 -15.05 -7.00
CA ASP C 117 -0.19 -16.12 -7.97
C ASP C 117 -1.43 -16.99 -8.03
N GLY C 118 -2.28 -16.92 -7.01
CA GLY C 118 -3.50 -17.68 -7.00
C GLY C 118 -3.43 -18.99 -6.25
N LEU C 119 -2.45 -19.15 -5.37
CA LEU C 119 -2.28 -20.42 -4.68
C LEU C 119 -2.96 -20.38 -3.35
N ASP C 120 -3.36 -19.19 -2.94
CA ASP C 120 -4.11 -19.08 -1.72
C ASP C 120 -5.26 -18.22 -2.10
N GLY C 121 -6.34 -18.32 -1.35
CA GLY C 121 -7.45 -17.48 -1.61
C GLY C 121 -7.49 -16.45 -0.53
N TRP C 122 -6.33 -15.95 -0.14
CA TRP C 122 -6.36 -14.88 0.85
C TRP C 122 -5.04 -14.13 0.72
N GLY C 123 -4.86 -13.09 1.53
CA GLY C 123 -3.70 -12.26 1.36
C GLY C 123 -3.78 -11.09 2.32
N GLU C 124 -2.98 -10.05 2.07
CA GLU C 124 -3.19 -8.92 2.96
C GLU C 124 -3.62 -7.65 2.23
N GLU C 125 -2.76 -6.97 1.50
CA GLU C 125 -3.22 -5.69 0.96
C GLU C 125 -3.21 -5.67 -0.56
N ARG C 126 -2.10 -6.09 -1.19
CA ARG C 126 -2.10 -6.38 -2.62
C ARG C 126 -3.36 -7.12 -3.04
N PHE C 127 -3.68 -8.21 -2.33
CA PHE C 127 -4.80 -9.08 -2.67
C PHE C 127 -6.13 -8.34 -2.54
N PHE C 128 -6.42 -7.80 -1.36
CA PHE C 128 -7.71 -7.18 -1.16
C PHE C 128 -7.93 -6.01 -2.12
N HIS C 129 -6.89 -5.21 -2.36
CA HIS C 129 -7.02 -4.03 -3.21
C HIS C 129 -7.21 -4.43 -4.68
N ALA C 130 -6.37 -5.33 -5.19
CA ALA C 130 -6.54 -5.77 -6.58
C ALA C 130 -7.86 -6.52 -6.78
N LEU C 131 -8.19 -7.44 -5.86
CA LEU C 131 -9.45 -8.19 -5.95
C LEU C 131 -10.67 -7.27 -5.93
N SER C 132 -10.68 -6.30 -5.01
CA SER C 132 -11.78 -5.32 -4.94
C SER C 132 -11.80 -4.41 -6.17
N ALA C 133 -10.66 -4.09 -6.75
CA ALA C 133 -10.64 -3.22 -7.90
C ALA C 133 -11.22 -3.93 -9.11
N THR C 134 -10.80 -5.17 -9.34
CA THR C 134 -11.36 -5.86 -10.49
C THR C 134 -12.79 -6.27 -10.21
N GLY C 135 -13.17 -6.44 -8.95
CA GLY C 135 -14.57 -6.66 -8.63
C GLY C 135 -15.41 -5.45 -9.00
N ALA C 136 -14.99 -4.27 -8.54
CA ALA C 136 -15.68 -3.02 -8.89
C ALA C 136 -15.77 -2.84 -10.40
N GLN C 137 -14.69 -3.17 -11.12
CA GLN C 137 -14.73 -3.15 -12.59
C GLN C 137 -15.80 -4.08 -13.12
N LEU C 138 -15.89 -5.30 -12.56
CA LEU C 138 -16.89 -6.25 -13.03
C LEU C 138 -18.30 -5.70 -12.82
N VAL C 139 -18.55 -5.12 -11.64
CA VAL C 139 -19.85 -4.50 -11.36
C VAL C 139 -20.14 -3.42 -12.36
N LEU C 140 -19.15 -2.58 -12.64
CA LEU C 140 -19.36 -1.42 -13.48
C LEU C 140 -19.60 -1.82 -14.93
N ASP C 141 -18.84 -2.79 -15.43
CA ASP C 141 -19.10 -3.26 -16.78
C ASP C 141 -20.44 -4.00 -16.87
N THR C 142 -20.90 -4.58 -15.76
CA THR C 142 -22.26 -5.09 -15.72
C THR C 142 -23.27 -3.96 -15.60
N ALA C 143 -22.95 -2.96 -14.80
CA ALA C 143 -23.85 -1.84 -14.70
C ALA C 143 -24.05 -1.17 -16.06
N GLU C 144 -23.03 -1.20 -16.93
CA GLU C 144 -23.17 -0.49 -18.19
C GLU C 144 -24.26 -1.12 -19.07
N ARG C 145 -24.33 -2.45 -19.13
CA ARG C 145 -25.24 -3.14 -20.02
C ARG C 145 -26.51 -3.62 -19.34
N CYS C 146 -26.73 -3.25 -18.09
CA CYS C 146 -27.96 -3.56 -17.36
C CYS C 146 -28.70 -2.28 -17.04
N ASP C 147 -29.89 -2.44 -16.47
CA ASP C 147 -30.63 -1.30 -15.95
C ASP C 147 -30.50 -1.16 -14.44
N ALA C 148 -30.30 -2.27 -13.74
CA ALA C 148 -30.03 -2.21 -12.31
C ALA C 148 -29.21 -3.42 -11.91
N VAL C 149 -28.32 -3.21 -10.94
CA VAL C 149 -27.34 -4.21 -10.53
C VAL C 149 -27.38 -4.30 -9.02
N VAL C 150 -27.50 -5.53 -8.50
CA VAL C 150 -27.33 -5.80 -7.08
C VAL C 150 -26.00 -6.52 -6.91
N ALA C 151 -24.97 -5.79 -6.50
CA ALA C 151 -23.62 -6.32 -6.34
C ALA C 151 -23.49 -6.83 -4.90
N VAL C 152 -23.46 -8.14 -4.75
CA VAL C 152 -23.30 -8.75 -3.40
C VAL C 152 -21.82 -9.04 -3.21
N SER C 153 -21.18 -8.30 -2.31
CA SER C 153 -19.73 -8.43 -2.09
C SER C 153 -19.46 -9.50 -1.03
N GLY C 154 -18.34 -10.19 -1.13
CA GLY C 154 -18.00 -11.29 -0.21
C GLY C 154 -17.35 -10.82 1.06
N THR C 155 -16.20 -11.36 1.44
CA THR C 155 -15.62 -11.01 2.76
C THR C 155 -14.73 -9.78 2.62
N SER C 156 -13.71 -9.65 3.47
CA SER C 156 -12.83 -8.46 3.47
C SER C 156 -12.15 -8.24 2.12
N ALA C 157 -11.99 -9.30 1.34
CA ALA C 157 -11.30 -9.20 0.03
C ALA C 157 -12.10 -8.35 -0.94
N PHE C 158 -13.40 -8.18 -0.68
CA PHE C 158 -14.27 -7.41 -1.60
C PHE C 158 -14.87 -6.23 -0.83
N ALA C 159 -14.39 -5.91 0.34
CA ALA C 159 -15.01 -4.86 1.12
C ALA C 159 -14.91 -3.51 0.52
N ARG C 160 -14.02 -3.35 -0.43
CA ARG C 160 -13.79 -2.03 -0.97
C ARG C 160 -14.42 -1.83 -2.32
N VAL C 161 -15.14 -2.83 -2.78
CA VAL C 161 -15.85 -2.69 -4.04
C VAL C 161 -16.89 -1.59 -3.90
N PRO C 162 -17.65 -1.61 -2.80
CA PRO C 162 -18.72 -0.62 -2.70
C PRO C 162 -18.25 0.83 -2.89
N GLY C 163 -17.14 1.20 -2.29
CA GLY C 163 -16.69 2.57 -2.37
C GLY C 163 -15.89 2.93 -3.60
N MET C 164 -15.28 1.95 -4.25
CA MET C 164 -14.54 2.21 -5.51
C MET C 164 -15.56 2.44 -6.63
N VAL C 165 -16.77 1.93 -6.46
CA VAL C 165 -17.83 2.10 -7.50
C VAL C 165 -18.52 3.43 -7.23
N GLN C 166 -18.81 3.70 -5.96
CA GLN C 166 -19.61 4.91 -5.65
C GLN C 166 -18.78 6.19 -5.70
N ARG C 167 -17.46 6.09 -5.80
CA ARG C 167 -16.62 7.30 -5.93
C ARG C 167 -16.29 7.61 -7.38
N GLN C 168 -15.99 6.59 -8.20
CA GLN C 168 -15.52 6.87 -9.58
C GLN C 168 -16.54 6.49 -10.65
N GLY C 169 -17.45 5.55 -10.38
CA GLY C 169 -18.38 5.07 -11.42
C GLY C 169 -19.29 6.16 -11.95
N GLY C 170 -19.73 7.06 -11.09
CA GLY C 170 -20.56 8.19 -11.52
C GLY C 170 -21.93 7.75 -11.98
N GLU C 171 -22.21 7.92 -13.26
CA GLU C 171 -23.55 7.60 -13.79
C GLU C 171 -23.88 6.13 -13.57
N LEU C 172 -22.97 5.23 -13.91
CA LEU C 172 -23.30 3.79 -13.83
C LEU C 172 -23.43 3.36 -12.37
N ALA C 173 -22.82 4.10 -11.46
CA ALA C 173 -22.87 3.74 -10.03
C ALA C 173 -24.27 3.99 -9.49
N ALA C 174 -25.02 4.87 -10.13
CA ALA C 174 -26.40 5.20 -9.67
C ALA C 174 -27.36 4.09 -10.10
N LYS C 175 -26.85 3.02 -10.70
CA LYS C 175 -27.69 1.87 -11.09
C LYS C 175 -27.30 0.65 -10.26
N VAL C 176 -26.56 0.83 -9.17
CA VAL C 176 -26.02 -0.34 -8.42
C VAL C 176 -26.42 -0.29 -6.95
N LEU C 177 -26.86 -1.41 -6.39
CA LEU C 177 -27.09 -1.49 -4.92
C LEU C 177 -26.01 -2.41 -4.39
N HIS C 178 -25.28 -1.95 -3.38
CA HIS C 178 -24.16 -2.76 -2.85
C HIS C 178 -24.60 -3.47 -1.58
N VAL C 179 -24.45 -4.79 -1.53
CA VAL C 179 -24.74 -5.54 -0.28
C VAL C 179 -23.48 -6.31 0.10
N HIS C 180 -22.76 -5.85 1.12
CA HIS C 180 -21.52 -6.53 1.57
C HIS C 180 -21.87 -7.44 2.74
N THR C 181 -21.40 -8.68 2.70
CA THR C 181 -21.79 -9.64 3.75
C THR C 181 -20.59 -10.50 4.15
N PHE C 182 -20.80 -11.55 4.93
CA PHE C 182 -19.76 -12.53 5.27
C PHE C 182 -18.55 -11.87 5.95
N GLY C 183 -18.82 -11.11 7.01
CA GLY C 183 -17.75 -10.76 7.92
C GLY C 183 -17.23 -9.34 7.89
N LEU C 184 -17.30 -8.70 9.05
CA LEU C 184 -16.61 -7.46 9.33
C LEU C 184 -15.72 -7.67 10.54
N ALA C 185 -14.50 -7.11 10.48
CA ALA C 185 -13.56 -7.27 11.58
C ALA C 185 -14.15 -6.72 12.86
N THR C 186 -14.18 -7.55 13.90
CA THR C 186 -14.83 -7.18 15.15
C THR C 186 -13.96 -7.62 16.33
N HIS C 187 -14.44 -7.36 17.54
CA HIS C 187 -13.63 -7.48 18.75
C HIS C 187 -14.02 -8.66 19.62
N ASP C 188 -14.89 -9.56 19.12
CA ASP C 188 -15.39 -10.65 19.96
C ASP C 188 -14.34 -11.75 20.16
N THR C 189 -13.64 -12.15 19.09
CA THR C 189 -12.62 -13.19 19.15
C THR C 189 -11.35 -12.71 19.82
N ALA C 190 -10.65 -13.66 20.45
CA ALA C 190 -9.32 -13.40 20.98
C ALA C 190 -8.40 -12.90 19.90
N HIS C 191 -8.64 -13.29 18.65
CA HIS C 191 -7.80 -12.89 17.54
C HIS C 191 -8.01 -11.43 17.20
N VAL C 192 -6.90 -10.69 17.12
CA VAL C 192 -6.87 -9.36 16.53
C VAL C 192 -6.65 -9.52 15.03
N PRO C 193 -7.52 -8.96 14.19
CA PRO C 193 -7.36 -9.14 12.74
C PRO C 193 -6.16 -8.37 12.20
N SER C 194 -5.84 -8.71 10.96
CA SER C 194 -4.75 -8.05 10.26
C SER C 194 -5.06 -6.58 10.03
N PRO C 195 -4.04 -5.73 9.94
CA PRO C 195 -4.29 -4.35 9.53
C PRO C 195 -4.96 -4.25 8.18
N ALA C 196 -4.67 -5.17 7.27
CA ALA C 196 -5.37 -5.18 5.99
C ALA C 196 -6.87 -5.41 6.18
N GLU C 197 -7.25 -6.37 7.02
CA GLU C 197 -8.68 -6.63 7.28
C GLU C 197 -9.36 -5.43 7.93
N ILE C 198 -8.77 -4.89 8.99
CA ILE C 198 -9.36 -3.73 9.63
C ILE C 198 -9.59 -2.61 8.62
N ALA C 199 -8.61 -2.37 7.74
CA ALA C 199 -8.73 -1.23 6.84
C ALA C 199 -9.86 -1.41 5.83
N ALA C 200 -10.03 -2.63 5.32
CA ALA C 200 -11.06 -2.85 4.33
C ALA C 200 -12.44 -2.90 4.97
N ASP C 201 -12.54 -3.48 6.16
CA ASP C 201 -13.82 -3.49 6.85
C ASP C 201 -14.13 -2.12 7.43
N GLY C 202 -13.09 -1.34 7.74
CA GLY C 202 -13.33 0.07 8.03
C GLY C 202 -13.85 0.81 6.82
N ASP C 203 -13.29 0.52 5.65
CA ASP C 203 -13.71 1.23 4.46
C ASP C 203 -15.17 0.98 4.20
N VAL C 204 -15.62 -0.28 4.31
CA VAL C 204 -16.98 -0.55 3.88
C VAL C 204 -17.96 -0.04 4.91
N ALA C 205 -17.62 -0.11 6.20
CA ALA C 205 -18.49 0.55 7.17
C ALA C 205 -18.69 2.01 6.82
N PHE C 206 -17.61 2.71 6.44
CA PHE C 206 -17.72 4.12 6.10
C PHE C 206 -18.71 4.32 4.95
N TRP C 207 -18.58 3.54 3.88
CA TRP C 207 -19.50 3.80 2.78
C TRP C 207 -20.91 3.38 3.11
N THR C 208 -21.06 2.47 4.07
CA THR C 208 -22.38 1.98 4.42
C THR C 208 -23.17 3.04 5.17
N ARG C 209 -22.48 3.77 6.08
CA ARG C 209 -23.06 4.93 6.76
C ARG C 209 -23.31 6.08 5.81
N GLN C 210 -22.52 6.19 4.75
CA GLN C 210 -22.50 7.37 3.90
C GLN C 210 -23.43 7.25 2.71
N SER C 211 -23.49 6.07 2.10
CA SER C 211 -24.30 5.93 0.86
C SER C 211 -25.57 5.12 1.13
N ASP C 212 -26.66 5.50 0.50
CA ASP C 212 -27.93 4.74 0.63
C ASP C 212 -27.86 3.60 -0.38
N ARG C 213 -26.83 3.62 -1.23
CA ARG C 213 -26.64 2.56 -2.25
C ARG C 213 -25.69 1.51 -1.69
N VAL C 214 -25.27 1.67 -0.43
CA VAL C 214 -24.36 0.68 0.21
C VAL C 214 -25.00 0.13 1.49
N SER C 215 -25.23 -1.18 1.54
CA SER C 215 -25.80 -1.83 2.71
C SER C 215 -24.93 -3.01 3.12
N VAL C 216 -24.94 -3.31 4.40
CA VAL C 216 -24.39 -4.58 4.87
C VAL C 216 -25.50 -5.63 4.92
N GLY C 217 -25.27 -6.76 4.25
CA GLY C 217 -26.21 -7.87 4.33
C GLY C 217 -25.94 -8.71 5.57
N TYR C 218 -26.79 -8.62 6.58
CA TYR C 218 -26.51 -9.35 7.82
C TYR C 218 -26.92 -10.81 7.69
N ILE C 219 -26.14 -11.69 8.33
CA ILE C 219 -26.35 -13.14 8.23
C ILE C 219 -26.88 -13.75 9.52
N SER C 220 -27.03 -12.97 10.58
CA SER C 220 -27.56 -13.46 11.84
C SER C 220 -28.08 -12.30 12.68
N ARG C 221 -28.98 -12.62 13.61
CA ARG C 221 -29.38 -11.63 14.60
C ARG C 221 -28.16 -11.07 15.32
N TYR C 222 -27.19 -11.93 15.63
CA TYR C 222 -25.99 -11.53 16.36
C TYR C 222 -25.15 -10.56 15.55
N THR C 223 -25.00 -10.83 14.26
CA THR C 223 -24.22 -9.98 13.39
C THR C 223 -24.87 -8.61 13.20
N ALA C 224 -26.20 -8.56 13.06
CA ALA C 224 -26.88 -7.28 12.94
C ALA C 224 -26.66 -6.43 14.18
N GLU C 225 -26.81 -7.04 15.36
CA GLU C 225 -26.57 -6.30 16.59
C GLU C 225 -25.14 -5.80 16.66
N LEU C 226 -24.19 -6.69 16.36
CA LEU C 226 -22.77 -6.38 16.55
C LEU C 226 -22.31 -5.27 15.62
N TYR C 227 -22.77 -5.29 14.37
CA TYR C 227 -22.27 -4.28 13.45
C TYR C 227 -22.73 -2.89 13.83
N ALA C 228 -23.81 -2.79 14.62
CA ALA C 228 -24.31 -1.48 15.03
C ALA C 228 -23.62 -0.98 16.29
N ARG C 229 -23.22 -1.86 17.17
CA ARG C 229 -22.54 -1.38 18.36
C ARG C 229 -21.04 -1.33 18.18
N THR C 230 -20.52 -1.90 17.09
CA THR C 230 -19.09 -1.79 16.84
C THR C 230 -18.78 -0.80 15.72
N TYR C 231 -19.59 -0.74 14.67
CA TYR C 231 -19.32 0.16 13.55
C TYR C 231 -20.31 1.30 13.47
N ALA C 232 -21.20 1.44 14.46
CA ALA C 232 -22.23 2.47 14.44
C ALA C 232 -23.02 2.42 13.14
N ILE C 233 -23.26 1.21 12.64
CA ILE C 233 -24.03 1.02 11.41
C ILE C 233 -25.51 0.91 11.79
N PRO C 234 -26.38 1.73 11.24
CA PRO C 234 -27.78 1.68 11.64
C PRO C 234 -28.48 0.50 10.98
N ALA C 235 -29.54 0.02 11.64
CA ALA C 235 -30.33 -1.06 11.04
C ALA C 235 -30.93 -0.65 9.70
N ALA C 236 -31.14 0.65 9.47
CA ALA C 236 -31.66 1.06 8.19
C ALA C 236 -30.70 0.74 7.06
N ALA C 237 -29.43 0.52 7.37
CA ALA C 237 -28.42 0.26 6.36
C ALA C 237 -28.19 -1.23 6.16
N LEU C 238 -28.88 -2.07 6.92
CA LEU C 238 -28.81 -3.51 6.79
C LEU C 238 -29.81 -4.01 5.74
N LEU C 239 -29.53 -5.21 5.22
CA LEU C 239 -30.49 -6.01 4.45
C LEU C 239 -30.25 -7.45 4.85
N PRO C 240 -31.30 -8.26 4.97
CA PRO C 240 -31.13 -9.65 5.40
C PRO C 240 -30.40 -10.47 4.33
N ASN C 241 -29.40 -11.21 4.77
CA ASN C 241 -28.77 -12.28 4.01
C ASN C 241 -28.56 -13.44 4.98
N ARG C 242 -29.64 -13.78 5.69
CA ARG C 242 -29.54 -14.64 6.87
C ARG C 242 -29.12 -16.07 6.52
N SER C 243 -28.17 -16.60 7.30
CA SER C 243 -27.53 -17.87 7.00
C SER C 243 -28.56 -18.99 7.08
N ALA C 244 -28.46 -19.93 6.14
CA ALA C 244 -29.51 -20.91 5.94
C ALA C 244 -28.95 -22.17 5.31
N ILE C 245 -29.65 -23.29 5.49
CA ILE C 245 -29.31 -24.58 4.87
C ILE C 245 -30.42 -24.97 3.90
N PRO C 246 -30.07 -25.65 2.79
CA PRO C 246 -31.08 -26.08 1.81
C PRO C 246 -31.76 -27.39 2.25
N ARG C 247 -32.87 -27.29 3.00
CA ARG C 247 -33.49 -28.45 3.66
C ARG C 247 -33.72 -29.61 2.69
N HIS C 248 -34.37 -29.34 1.58
CA HIS C 248 -34.81 -30.37 0.64
C HIS C 248 -33.69 -30.93 -0.22
N ALA C 249 -32.44 -30.62 0.09
CA ALA C 249 -31.36 -31.22 -0.67
C ALA C 249 -31.21 -32.67 -0.24
N PRO C 250 -31.00 -33.59 -1.19
CA PRO C 250 -30.92 -35.02 -0.84
C PRO C 250 -29.94 -35.35 0.26
N ARG C 251 -28.87 -34.57 0.46
CA ARG C 251 -27.89 -34.95 1.47
C ARG C 251 -28.43 -34.89 2.88
N PHE C 252 -29.53 -34.16 3.09
CA PHE C 252 -30.06 -33.92 4.43
C PHE C 252 -31.11 -34.94 4.85
N GLY C 253 -31.26 -36.03 4.10
CA GLY C 253 -32.32 -36.99 4.38
C GLY C 253 -32.05 -37.86 5.59
N VAL C 254 -33.14 -38.32 6.18
CA VAL C 254 -33.09 -39.42 7.12
C VAL C 254 -32.96 -40.70 6.28
N LEU C 255 -32.39 -41.76 6.86
CA LEU C 255 -32.30 -43.02 6.15
C LEU C 255 -32.27 -44.19 7.15
N THR C 256 -32.16 -45.44 6.47
CA THR C 256 -32.24 -46.70 7.27
C THR C 256 -31.10 -46.88 8.26
N GLU C 257 -31.36 -47.60 9.36
CA GLU C 257 -30.28 -47.92 10.33
C GLU C 257 -29.37 -48.95 9.65
N GLU C 258 -29.89 -49.60 8.60
CA GLU C 258 -29.03 -50.52 7.80
C GLU C 258 -28.03 -49.62 7.08
N ARG C 259 -28.53 -48.58 6.41
CA ARG C 259 -27.61 -47.61 5.75
C ARG C 259 -26.74 -46.96 6.82
N ILE C 260 -27.26 -46.85 8.05
CA ILE C 260 -26.46 -46.14 9.09
C ILE C 260 -25.14 -46.89 9.24
N ASN C 261 -25.17 -48.22 9.41
CA ASN C 261 -23.93 -48.95 9.63
C ASN C 261 -23.24 -49.36 8.33
N GLU C 262 -23.90 -49.19 7.18
CA GLU C 262 -23.22 -49.26 5.88
C GLU C 262 -22.41 -48.00 5.59
N ARG C 263 -22.95 -46.83 5.97
CA ARG C 263 -22.19 -45.58 5.92
C ARG C 263 -21.26 -45.43 7.12
N ILE C 264 -21.53 -46.13 8.23
CA ILE C 264 -20.52 -46.28 9.27
C ILE C 264 -19.36 -47.11 8.77
N ALA C 265 -19.65 -48.18 8.02
CA ALA C 265 -18.62 -49.06 7.48
C ALA C 265 -17.73 -48.30 6.49
N GLY C 266 -16.50 -48.78 6.33
CA GLY C 266 -15.52 -48.01 5.61
C GLY C 266 -14.94 -46.87 6.42
N LEU C 267 -15.33 -46.76 7.69
CA LEU C 267 -14.86 -45.74 8.62
C LEU C 267 -14.56 -46.40 9.96
N GLY C 268 -13.36 -46.16 10.47
CA GLY C 268 -12.89 -46.84 11.67
C GLY C 268 -13.42 -46.27 12.96
N LEU C 269 -14.65 -46.63 13.32
CA LEU C 269 -15.32 -46.08 14.50
C LEU C 269 -15.39 -47.11 15.63
N PRO C 270 -14.61 -46.97 16.70
CA PRO C 270 -14.78 -47.84 17.87
C PRO C 270 -16.17 -47.75 18.48
N ALA C 271 -16.73 -48.93 18.81
CA ALA C 271 -18.14 -49.06 19.27
C ALA C 271 -18.19 -49.25 20.79
N GLU C 272 -17.90 -48.17 21.51
CA GLU C 272 -18.12 -48.16 22.95
C GLU C 272 -19.62 -48.18 23.28
N GLY C 273 -20.43 -47.55 22.43
CA GLY C 273 -21.88 -47.56 22.55
C GLY C 273 -22.55 -46.25 22.21
N GLU C 274 -21.90 -45.10 22.47
CA GLU C 274 -22.51 -43.77 22.31
C GLU C 274 -21.44 -42.73 21.98
N PHE C 275 -21.88 -41.51 21.61
CA PHE C 275 -21.00 -40.47 21.10
C PHE C 275 -21.56 -39.05 21.33
N VAL C 276 -20.65 -38.07 21.47
CA VAL C 276 -20.99 -36.64 21.53
C VAL C 276 -20.23 -35.98 20.38
N VAL C 277 -20.89 -35.83 19.22
CA VAL C 277 -20.16 -35.48 17.99
C VAL C 277 -19.91 -33.97 17.92
N MET C 278 -18.72 -33.59 17.43
CA MET C 278 -18.29 -32.19 17.42
C MET C 278 -17.53 -31.84 16.15
N TRP C 279 -17.97 -32.33 15.00
CA TRP C 279 -17.26 -32.05 13.75
C TRP C 279 -17.14 -30.55 13.48
N GLY C 280 -16.16 -30.21 12.63
CA GLY C 280 -15.78 -28.82 12.41
C GLY C 280 -14.46 -28.67 11.67
N ARG C 281 -13.56 -27.88 12.24
CA ARG C 281 -12.29 -27.58 11.61
C ARG C 281 -11.24 -27.40 12.71
N ASN C 282 -10.11 -26.82 12.34
CA ASN C 282 -8.94 -26.67 13.22
C ASN C 282 -9.22 -25.78 14.41
N SER C 283 -8.83 -26.02 15.53
CA SER C 283 -8.92 -25.07 16.65
C SER C 283 -7.52 -24.46 16.66
N ALA C 284 -7.28 -23.39 16.09
CA ALA C 284 -6.05 -22.65 15.85
C ALA C 284 -6.32 -21.15 16.01
N PRO C 285 -5.30 -20.27 16.00
CA PRO C 285 -5.54 -18.82 16.18
C PRO C 285 -6.41 -18.20 15.09
N GLY C 286 -7.54 -17.61 15.50
CA GLY C 286 -8.49 -17.04 14.55
C GLY C 286 -9.81 -17.80 14.44
N LEU C 287 -9.72 -19.14 14.53
CA LEU C 287 -10.91 -20.01 14.38
C LEU C 287 -10.95 -21.05 15.49
N ASP C 288 -11.03 -20.66 16.76
CA ASP C 288 -11.20 -21.65 17.86
C ASP C 288 -12.59 -22.27 17.75
N LYS C 289 -12.67 -23.61 17.73
CA LYS C 289 -13.97 -24.33 17.65
C LYS C 289 -14.32 -24.92 19.02
N GLY C 290 -13.47 -24.75 20.03
CA GLY C 290 -13.79 -25.14 21.42
C GLY C 290 -13.75 -26.62 21.78
N TYR C 291 -13.10 -27.46 20.99
CA TYR C 291 -13.12 -28.89 21.22
C TYR C 291 -12.52 -29.22 22.56
N HIS C 292 -11.61 -28.38 23.00
CA HIS C 292 -10.91 -28.66 24.24
C HIS C 292 -11.80 -28.75 25.47
N LEU C 293 -12.76 -27.85 25.57
CA LEU C 293 -13.60 -27.85 26.75
C LEU C 293 -14.26 -29.18 26.81
N LEU C 294 -14.75 -29.62 25.66
CA LEU C 294 -15.38 -30.92 25.61
C LEU C 294 -14.42 -31.95 26.07
N LEU C 295 -13.32 -32.13 25.37
CA LEU C 295 -12.43 -33.20 25.77
C LEU C 295 -12.33 -33.20 27.27
N GLU C 296 -12.00 -32.06 27.85
CA GLU C 296 -11.79 -32.01 29.30
C GLU C 296 -12.98 -32.49 30.13
N ALA C 297 -14.07 -31.74 30.08
CA ALA C 297 -15.21 -32.10 30.88
C ALA C 297 -15.65 -33.53 30.62
N ALA C 298 -15.39 -34.04 29.44
CA ALA C 298 -15.85 -35.35 29.10
C ALA C 298 -15.03 -36.40 29.79
N ARG C 299 -13.74 -36.34 29.55
CA ARG C 299 -12.88 -37.32 30.15
C ARG C 299 -13.19 -37.23 31.62
N ASP C 300 -13.73 -36.08 32.05
CA ASP C 300 -14.11 -36.04 33.44
C ASP C 300 -15.57 -36.45 33.73
N LEU C 301 -16.49 -36.12 32.82
CA LEU C 301 -17.88 -36.50 33.05
C LEU C 301 -17.96 -37.99 32.83
N PRO C 302 -18.41 -38.74 33.84
CA PRO C 302 -18.40 -40.21 33.75
C PRO C 302 -19.06 -40.81 32.52
N GLY C 303 -18.38 -41.77 31.90
CA GLY C 303 -18.98 -42.48 30.77
C GLY C 303 -19.50 -41.73 29.57
N VAL C 304 -18.91 -40.59 29.27
CA VAL C 304 -19.31 -39.89 28.07
C VAL C 304 -18.22 -40.17 27.06
N VAL C 305 -18.57 -40.32 25.78
CA VAL C 305 -17.57 -40.69 24.80
C VAL C 305 -17.47 -39.71 23.67
N PRO C 306 -16.66 -38.67 23.86
CA PRO C 306 -16.49 -37.67 22.79
C PRO C 306 -15.97 -38.28 21.49
N VAL C 307 -16.36 -37.65 20.37
CA VAL C 307 -15.76 -37.87 19.06
C VAL C 307 -15.73 -36.53 18.33
N ILE C 308 -14.81 -36.41 17.37
CA ILE C 308 -14.51 -35.14 16.71
C ILE C 308 -14.37 -35.39 15.21
N ALA C 309 -13.91 -34.40 14.46
CA ALA C 309 -13.63 -34.62 13.04
C ALA C 309 -12.69 -33.51 12.56
N THR C 310 -12.58 -33.37 11.24
CA THR C 310 -12.00 -32.21 10.58
C THR C 310 -12.39 -32.29 9.10
N ARG C 311 -11.77 -31.43 8.27
CA ARG C 311 -11.98 -31.44 6.83
C ARG C 311 -10.75 -31.86 6.04
N ARG C 312 -9.56 -31.54 6.53
CA ARG C 312 -8.29 -32.13 6.13
C ARG C 312 -7.59 -32.58 7.40
N PRO C 313 -6.79 -33.65 7.34
CA PRO C 313 -6.34 -34.31 8.59
C PRO C 313 -5.63 -33.34 9.52
N ASP C 314 -6.08 -33.31 10.78
CA ASP C 314 -5.46 -32.45 11.78
C ASP C 314 -4.57 -33.21 12.75
N PRO C 315 -3.26 -33.13 12.53
CA PRO C 315 -2.30 -33.85 13.37
C PRO C 315 -2.12 -33.32 14.78
N GLY C 316 -2.30 -32.04 15.05
CA GLY C 316 -2.22 -31.53 16.41
C GLY C 316 -3.48 -31.91 17.14
N LEU C 317 -4.53 -32.19 16.38
CA LEU C 317 -5.75 -32.64 16.99
C LEU C 317 -5.48 -34.06 17.34
N ARG C 318 -4.73 -34.74 16.47
CA ARG C 318 -4.38 -36.12 16.77
C ARG C 318 -3.53 -36.09 18.01
N ARG C 319 -2.79 -35.01 18.16
CA ARG C 319 -1.92 -34.87 19.30
C ARG C 319 -2.72 -34.77 20.56
N LEU C 320 -3.69 -33.88 20.56
CA LEU C 320 -4.53 -33.72 21.72
C LEU C 320 -5.14 -35.06 22.07
N ALA C 321 -5.48 -35.80 21.01
CA ALA C 321 -6.09 -37.09 21.21
C ALA C 321 -5.17 -38.05 21.94
N ASP C 322 -3.96 -38.26 21.43
CA ASP C 322 -3.02 -39.16 22.07
C ASP C 322 -2.75 -38.65 23.47
N ARG C 323 -2.85 -37.35 23.65
CA ARG C 323 -2.62 -36.71 24.94
C ARG C 323 -3.60 -37.11 26.03
N TYR C 324 -4.89 -37.10 25.73
CA TYR C 324 -5.77 -37.47 26.89
C TYR C 324 -6.07 -38.95 27.07
N ALA C 325 -7.32 -39.33 27.26
CA ALA C 325 -7.73 -40.74 27.15
C ALA C 325 -9.21 -40.83 26.75
N VAL C 326 -9.52 -40.68 25.47
CA VAL C 326 -10.91 -40.84 24.96
C VAL C 326 -10.80 -41.04 23.45
N PRO C 327 -11.69 -41.83 22.82
CA PRO C 327 -11.66 -42.02 21.36
C PRO C 327 -11.78 -40.73 20.55
N ALA C 328 -11.16 -40.71 19.38
CA ALA C 328 -11.23 -39.53 18.48
C ALA C 328 -10.93 -40.04 17.06
N VAL C 329 -11.75 -39.67 16.09
CA VAL C 329 -11.56 -40.17 14.73
C VAL C 329 -11.17 -39.00 13.84
N LEU C 330 -10.01 -39.13 13.20
CA LEU C 330 -9.48 -38.11 12.28
C LEU C 330 -10.12 -38.32 10.92
N LEU C 331 -11.23 -37.60 10.68
CA LEU C 331 -11.99 -37.72 9.44
C LEU C 331 -11.39 -36.78 8.39
N ASP C 332 -11.06 -37.32 7.22
CA ASP C 332 -10.29 -36.60 6.21
C ASP C 332 -11.00 -36.66 4.87
N ASP C 333 -11.54 -35.52 4.44
CA ASP C 333 -12.29 -35.42 3.17
C ASP C 333 -13.42 -36.44 3.11
N GLN C 334 -14.21 -36.47 4.17
CA GLN C 334 -15.37 -37.35 4.25
C GLN C 334 -16.57 -36.69 3.59
N PRO C 335 -17.18 -37.33 2.59
CA PRO C 335 -18.34 -36.71 1.92
C PRO C 335 -19.45 -36.38 2.90
N PHE C 336 -20.38 -35.54 2.43
CA PHE C 336 -21.54 -35.23 3.25
C PHE C 336 -22.40 -36.46 3.53
N THR C 337 -22.39 -37.43 2.60
CA THR C 337 -23.17 -38.65 2.75
C THR C 337 -22.77 -39.42 4.02
N HIS C 338 -21.47 -39.53 4.28
CA HIS C 338 -21.04 -40.21 5.49
C HIS C 338 -21.43 -39.42 6.73
N LEU C 339 -21.13 -38.11 6.75
CA LEU C 339 -21.17 -37.35 8.00
C LEU C 339 -22.58 -37.16 8.53
N SER C 340 -23.59 -37.11 7.65
CA SER C 340 -24.97 -37.00 8.10
C SER C 340 -25.37 -38.21 8.95
N ALA C 341 -24.95 -39.40 8.52
CA ALA C 341 -25.32 -40.64 9.20
C ALA C 341 -24.76 -40.69 10.62
N LEU C 342 -23.55 -40.19 10.80
CA LEU C 342 -22.92 -40.18 12.12
C LEU C 342 -23.81 -39.50 13.16
N LEU C 343 -24.52 -38.45 12.75
CA LEU C 343 -25.33 -37.66 13.67
C LEU C 343 -26.65 -38.33 14.03
N GLN C 344 -27.13 -39.22 13.16
CA GLN C 344 -28.50 -39.72 13.25
C GLN C 344 -28.65 -41.00 14.08
N SER C 345 -27.55 -41.74 14.37
CA SER C 345 -27.71 -43.05 15.01
C SER C 345 -28.00 -42.89 16.50
N PRO C 346 -28.83 -43.77 17.08
CA PRO C 346 -29.21 -43.60 18.49
C PRO C 346 -28.03 -43.70 19.44
N ARG C 347 -26.85 -44.05 18.92
CA ARG C 347 -25.62 -43.99 19.70
C ARG C 347 -25.26 -42.54 20.04
N THR C 348 -25.32 -41.65 19.03
CA THR C 348 -25.09 -40.21 19.21
C THR C 348 -26.13 -39.60 20.15
N LEU C 349 -25.72 -39.19 21.35
CA LEU C 349 -26.68 -38.59 22.28
C LEU C 349 -26.68 -37.07 22.24
N ALA C 350 -25.74 -36.45 21.54
CA ALA C 350 -25.57 -35.01 21.55
C ALA C 350 -24.53 -34.57 20.51
N ALA C 351 -24.74 -33.37 19.96
CA ALA C 351 -23.76 -32.74 19.09
C ALA C 351 -23.49 -31.34 19.62
N ALA C 352 -22.20 -30.99 19.74
CA ALA C 352 -21.79 -29.72 20.33
C ALA C 352 -21.11 -28.85 19.29
N PHE C 353 -21.41 -27.54 19.36
CA PHE C 353 -20.75 -26.53 18.54
C PHE C 353 -20.29 -25.42 19.47
N LEU C 354 -19.00 -25.34 19.72
CA LEU C 354 -18.47 -24.48 20.76
C LEU C 354 -17.48 -23.47 20.19
N GLY C 355 -17.82 -22.88 19.05
CA GLY C 355 -16.97 -21.89 18.43
C GLY C 355 -16.76 -20.66 19.31
N GLU C 356 -15.77 -19.87 18.92
CA GLU C 356 -15.42 -18.64 19.64
C GLU C 356 -16.55 -17.62 19.57
N ALA C 357 -16.79 -17.10 18.38
CA ALA C 357 -18.03 -16.38 18.10
C ALA C 357 -18.27 -16.59 16.60
N GLU C 358 -19.00 -17.64 16.29
CA GLU C 358 -19.27 -17.94 14.89
C GLU C 358 -20.27 -16.91 14.40
N PRO C 359 -19.92 -16.08 13.41
CA PRO C 359 -20.87 -15.03 13.01
C PRO C 359 -22.17 -15.57 12.47
N GLY C 360 -22.11 -16.65 11.68
CA GLY C 360 -23.32 -17.20 11.06
C GLY C 360 -23.12 -18.66 10.70
N ALA C 361 -22.66 -19.45 11.66
CA ALA C 361 -22.41 -20.88 11.46
C ALA C 361 -23.67 -21.61 11.02
N VAL C 362 -23.54 -22.43 9.97
CA VAL C 362 -24.67 -23.20 9.45
C VAL C 362 -24.67 -24.65 9.92
N SER C 363 -23.56 -25.14 10.48
CA SER C 363 -23.49 -26.55 10.84
C SER C 363 -24.47 -26.96 11.95
N PRO C 364 -24.67 -26.19 13.02
CA PRO C 364 -25.74 -26.55 13.97
C PRO C 364 -27.10 -26.62 13.33
N MET C 365 -27.34 -25.78 12.32
CA MET C 365 -28.56 -25.90 11.54
C MET C 365 -28.61 -27.23 10.81
N GLU C 366 -27.45 -27.65 10.29
CA GLU C 366 -27.36 -28.96 9.67
C GLU C 366 -27.63 -30.07 10.70
N ALA C 367 -27.13 -29.91 11.92
CA ALA C 367 -27.36 -30.94 12.92
C ALA C 367 -28.84 -31.01 13.31
N MET C 368 -29.43 -29.87 13.65
CA MET C 368 -30.83 -29.88 14.09
C MET C 368 -31.74 -30.46 13.03
N TRP C 369 -31.48 -30.17 11.76
CA TRP C 369 -32.34 -30.68 10.71
C TRP C 369 -32.15 -32.16 10.50
N VAL C 370 -30.89 -32.60 10.44
CA VAL C 370 -30.60 -33.97 10.07
C VAL C 370 -31.13 -34.94 11.12
N ALA C 371 -30.91 -34.64 12.40
CA ALA C 371 -31.40 -35.52 13.45
C ALA C 371 -32.83 -35.17 13.88
N ARG C 372 -33.76 -35.03 12.93
CA ARG C 372 -35.09 -34.55 13.28
C ARG C 372 -36.04 -35.67 13.71
N GLU C 373 -35.90 -36.87 13.15
CA GLU C 373 -36.49 -38.10 13.70
C GLU C 373 -35.50 -38.83 14.60
N SER C 374 -34.36 -39.21 14.04
CA SER C 374 -33.37 -40.02 14.74
C SER C 374 -32.05 -39.25 14.81
N GLY C 375 -31.46 -39.19 16.00
CA GLY C 375 -30.11 -38.63 16.14
C GLY C 375 -29.89 -37.98 17.50
N ALA C 376 -29.27 -36.80 17.45
CA ALA C 376 -28.74 -36.09 18.60
C ALA C 376 -29.58 -34.86 18.96
N LEU C 377 -29.22 -34.27 20.10
CA LEU C 377 -29.75 -32.98 20.55
C LEU C 377 -28.62 -31.96 20.63
N VAL C 378 -28.85 -30.76 20.10
CA VAL C 378 -27.77 -29.82 19.80
C VAL C 378 -27.37 -29.04 21.05
N ILE C 379 -26.07 -29.04 21.35
CA ILE C 379 -25.50 -28.18 22.40
C ILE C 379 -24.73 -27.04 21.75
N ALA C 380 -24.96 -25.82 22.24
CA ALA C 380 -24.38 -24.59 21.70
C ALA C 380 -23.71 -23.77 22.79
N ALA C 381 -22.59 -23.16 22.44
CA ALA C 381 -22.01 -22.09 23.25
C ALA C 381 -22.88 -20.84 23.14
N ASP C 382 -22.82 -19.99 24.17
CA ASP C 382 -23.64 -18.78 24.23
C ASP C 382 -23.00 -17.60 23.53
N THR C 383 -22.16 -17.86 22.55
CA THR C 383 -21.43 -16.85 21.81
C THR C 383 -21.84 -16.90 20.35
N GLY C 384 -21.83 -15.72 19.69
CA GLY C 384 -22.09 -15.65 18.27
C GLY C 384 -23.57 -15.87 17.94
N ASN C 385 -23.82 -16.37 16.74
CA ASN C 385 -25.19 -16.61 16.34
C ASN C 385 -25.77 -17.90 16.91
N LEU C 386 -25.04 -18.59 17.80
CA LEU C 386 -25.46 -19.93 18.21
C LEU C 386 -26.73 -19.90 19.05
N PRO C 387 -26.85 -19.08 20.10
CA PRO C 387 -28.13 -19.04 20.81
C PRO C 387 -29.34 -18.67 19.95
N GLU C 388 -29.16 -18.01 18.80
CA GLU C 388 -30.30 -17.82 17.91
C GLU C 388 -30.69 -19.13 17.27
N VAL C 389 -29.70 -19.97 16.93
CA VAL C 389 -30.01 -21.20 16.22
C VAL C 389 -30.89 -22.09 17.07
N VAL C 390 -30.55 -22.23 18.35
CA VAL C 390 -31.24 -23.14 19.26
C VAL C 390 -32.22 -22.36 20.12
N ASP C 391 -32.73 -21.25 19.60
CA ASP C 391 -33.85 -20.50 20.20
C ASP C 391 -33.67 -20.29 21.70
N ASP C 392 -32.46 -19.95 22.11
CA ASP C 392 -32.17 -19.49 23.47
C ASP C 392 -32.53 -20.54 24.51
N GLY C 393 -32.53 -21.80 24.12
CA GLY C 393 -32.72 -22.92 25.04
C GLY C 393 -33.94 -23.77 24.75
N ALA C 394 -34.91 -23.26 23.99
CA ALA C 394 -36.10 -24.04 23.70
C ALA C 394 -35.79 -25.19 22.73
N ALA C 395 -34.91 -24.98 21.76
CA ALA C 395 -34.63 -26.00 20.74
C ALA C 395 -33.21 -26.56 20.82
N GLY C 396 -32.51 -26.30 21.91
CA GLY C 396 -31.20 -26.89 22.17
C GLY C 396 -30.80 -26.49 23.57
N ILE C 397 -29.61 -26.94 23.97
CA ILE C 397 -29.04 -26.54 25.26
C ILE C 397 -28.00 -25.45 25.03
N VAL C 398 -28.01 -24.44 25.88
CA VAL C 398 -27.11 -23.29 25.79
C VAL C 398 -26.24 -23.27 27.04
N THR C 399 -24.93 -23.25 26.86
CA THR C 399 -23.99 -23.34 27.97
C THR C 399 -22.87 -22.33 27.82
N ARG C 400 -22.44 -21.77 28.95
CA ARG C 400 -21.27 -20.91 28.95
C ARG C 400 -20.06 -21.70 28.44
N ARG C 401 -18.95 -20.81 28.10
CA ARG C 401 -17.76 -21.41 27.41
C ARG C 401 -16.95 -22.39 28.28
N THR C 402 -16.96 -22.27 29.61
CA THR C 402 -16.04 -22.97 30.50
C THR C 402 -16.41 -24.45 30.59
N ALA C 403 -15.41 -25.28 30.91
CA ALA C 403 -15.57 -26.73 30.82
C ALA C 403 -16.43 -27.32 31.94
N ALA C 404 -16.43 -26.69 33.13
CA ALA C 404 -17.39 -27.03 34.18
C ALA C 404 -18.82 -26.71 33.75
N ASP C 405 -18.99 -25.72 32.85
CA ASP C 405 -20.29 -25.47 32.23
C ASP C 405 -20.62 -26.51 31.16
N VAL C 406 -19.62 -26.94 30.37
CA VAL C 406 -19.85 -27.96 29.35
C VAL C 406 -20.32 -29.25 29.99
N ALA C 407 -19.76 -29.61 31.15
CA ALA C 407 -20.21 -30.81 31.86
C ALA C 407 -21.68 -30.71 32.22
N ASP C 408 -22.07 -29.57 32.81
CA ASP C 408 -23.44 -29.37 33.26
C ASP C 408 -24.45 -29.50 32.12
N ALA C 409 -24.07 -29.06 30.91
CA ALA C 409 -24.99 -29.15 29.78
C ALA C 409 -25.12 -30.58 29.28
N VAL C 410 -24.00 -31.25 28.97
CA VAL C 410 -24.04 -32.65 28.55
C VAL C 410 -24.62 -33.54 29.64
N ARG C 411 -24.75 -33.02 30.87
CA ARG C 411 -25.48 -33.75 31.92
C ARG C 411 -26.98 -33.80 31.63
N ARG C 412 -27.55 -32.70 31.13
CA ARG C 412 -28.97 -32.68 30.81
C ARG C 412 -29.28 -33.27 29.42
N VAL C 413 -28.35 -34.00 28.80
CA VAL C 413 -28.57 -34.62 27.50
C VAL C 413 -28.43 -36.14 27.55
N ARG C 414 -27.45 -36.67 28.32
CA ARG C 414 -27.47 -38.10 28.61
C ARG C 414 -28.70 -38.45 29.45
N LYS C 415 -29.13 -37.43 30.21
CA LYS C 415 -30.41 -37.53 30.95
C LYS C 415 -31.37 -36.88 29.97
N LEU C 416 -32.30 -37.67 29.41
CA LEU C 416 -33.24 -37.16 28.38
C LEU C 416 -34.67 -37.63 28.69
N THR C 417 -35.62 -36.71 28.81
CA THR C 417 -36.99 -37.04 29.16
C THR C 417 -37.89 -37.08 27.92
N ALA C 418 -38.84 -38.00 27.92
CA ALA C 418 -39.71 -38.21 26.75
C ALA C 418 -40.47 -36.94 26.38
N ASP C 419 -41.18 -36.35 27.35
CA ASP C 419 -41.91 -35.10 27.11
C ASP C 419 -40.98 -33.91 27.02
N GLU C 420 -39.68 -34.21 26.98
CA GLU C 420 -38.66 -33.19 26.86
C GLU C 420 -37.86 -33.31 25.56
N ARG C 421 -37.22 -34.44 25.29
CA ARG C 421 -36.34 -34.51 24.12
C ARG C 421 -37.08 -34.87 22.83
N ARG C 422 -38.34 -35.30 22.92
CA ARG C 422 -39.16 -35.39 21.71
C ARG C 422 -39.69 -34.03 21.33
N ARG C 423 -39.95 -33.19 22.34
CA ARG C 423 -40.49 -31.85 22.16
C ARG C 423 -39.42 -30.87 21.72
N MET C 424 -38.18 -31.08 22.15
CA MET C 424 -37.08 -30.22 21.73
C MET C 424 -36.52 -30.66 20.39
N ARG C 425 -36.44 -31.97 20.13
CA ARG C 425 -36.05 -32.43 18.81
C ARG C 425 -36.98 -31.88 17.73
N ALA C 426 -38.26 -31.73 18.06
CA ALA C 426 -39.24 -31.20 17.10
C ALA C 426 -39.20 -29.68 17.04
N ALA C 427 -38.79 -29.04 18.14
CA ALA C 427 -38.52 -27.61 18.10
C ALA C 427 -37.39 -27.31 17.12
N ALA C 428 -36.29 -28.08 17.25
CA ALA C 428 -35.15 -27.92 16.37
C ALA C 428 -35.52 -28.12 14.91
N ALA C 429 -36.30 -29.16 14.62
CA ALA C 429 -36.74 -29.34 13.24
C ALA C 429 -37.60 -28.17 12.79
N ALA C 430 -38.45 -27.66 13.68
CA ALA C 430 -39.34 -26.58 13.29
C ALA C 430 -38.58 -25.27 13.11
N ARG C 431 -37.43 -25.15 13.80
CA ARG C 431 -36.62 -23.93 13.72
C ARG C 431 -36.01 -23.77 12.34
N VAL C 432 -35.31 -24.79 11.86
CA VAL C 432 -34.76 -24.76 10.51
C VAL C 432 -35.86 -24.47 9.49
N ARG C 433 -37.07 -24.99 9.75
CA ARG C 433 -38.18 -24.78 8.84
C ARG C 433 -38.65 -23.34 8.82
N ALA C 434 -38.65 -22.68 9.99
CA ALA C 434 -39.14 -21.32 10.17
C ALA C 434 -38.09 -20.24 9.89
N ARG C 435 -36.84 -20.43 10.31
CA ARG C 435 -35.81 -19.39 10.24
C ARG C 435 -34.71 -19.64 9.22
N PHE C 436 -34.33 -20.89 8.98
CA PHE C 436 -33.06 -21.23 8.32
C PHE C 436 -33.26 -21.97 7.01
N ASP C 437 -34.37 -21.74 6.32
CA ASP C 437 -34.61 -22.32 5.00
C ASP C 437 -33.84 -21.49 3.98
N PHE C 438 -32.94 -22.14 3.24
CA PHE C 438 -32.15 -21.39 2.26
C PHE C 438 -33.04 -20.80 1.18
N ALA C 439 -33.99 -21.56 0.66
CA ALA C 439 -34.89 -21.01 -0.35
C ALA C 439 -35.64 -19.80 0.20
N ALA C 440 -36.05 -19.86 1.47
CA ALA C 440 -36.75 -18.73 2.07
C ALA C 440 -35.87 -17.51 2.15
N ASN C 441 -34.59 -17.71 2.44
CA ASN C 441 -33.75 -16.58 2.83
C ASN C 441 -33.11 -15.86 1.65
N VAL C 442 -32.64 -16.55 0.61
CA VAL C 442 -32.18 -15.81 -0.58
C VAL C 442 -33.32 -15.03 -1.20
N ARG C 443 -34.53 -15.60 -1.16
CA ARG C 443 -35.72 -14.83 -1.54
C ARG C 443 -35.85 -13.57 -0.70
N GLU C 444 -35.63 -13.68 0.61
CA GLU C 444 -35.75 -12.52 1.50
C GLU C 444 -34.82 -11.41 1.05
N LEU C 445 -33.56 -11.78 0.75
CA LEU C 445 -32.55 -10.83 0.30
C LEU C 445 -32.88 -10.24 -1.07
N ALA C 446 -33.22 -11.08 -2.03
CA ALA C 446 -33.56 -10.57 -3.35
C ALA C 446 -34.71 -9.56 -3.25
N ASP C 447 -35.77 -9.91 -2.53
CA ASP C 447 -36.88 -8.99 -2.38
C ASP C 447 -36.44 -7.73 -1.66
N ALA C 448 -35.69 -7.90 -0.57
CA ALA C 448 -35.17 -6.75 0.16
C ALA C 448 -34.35 -5.83 -0.76
N ALA C 449 -33.50 -6.42 -1.62
CA ALA C 449 -32.66 -5.63 -2.51
C ALA C 449 -33.48 -4.94 -3.58
N VAL C 450 -34.39 -5.66 -4.23
CA VAL C 450 -35.25 -5.05 -5.23
C VAL C 450 -36.06 -3.92 -4.62
N ASP C 451 -36.53 -4.12 -3.39
CA ASP C 451 -37.28 -3.08 -2.70
C ASP C 451 -36.43 -1.84 -2.51
N ARG C 452 -35.22 -2.02 -1.99
CA ARG C 452 -34.33 -0.89 -1.80
C ARG C 452 -33.78 -0.36 -3.11
N LEU C 453 -33.97 -1.05 -4.24
CA LEU C 453 -33.64 -0.44 -5.52
C LEU C 453 -34.63 0.66 -5.87
N ALA C 454 -35.91 0.45 -5.54
CA ALA C 454 -36.78 1.59 -5.32
C ALA C 454 -36.29 2.35 -4.09
N GLU C 455 -36.87 3.51 -3.82
CA GLU C 455 -36.37 4.37 -2.73
C GLU C 455 -34.96 4.91 -2.97
N VAL C 456 -34.30 4.48 -4.04
CA VAL C 456 -33.10 5.15 -4.54
C VAL C 456 -33.34 5.33 -6.04
N SER C 457 -33.99 6.44 -6.40
CA SER C 457 -34.44 6.77 -7.76
C SER C 457 -34.82 5.54 -8.62
N GLY D 29 -10.40 -19.55 -37.94
CA GLY D 29 -10.48 -18.93 -36.62
C GLY D 29 -9.16 -18.46 -36.00
N ARG D 30 -8.72 -17.26 -36.37
CA ARG D 30 -7.56 -16.61 -35.72
C ARG D 30 -7.90 -15.12 -35.58
N ALA D 31 -8.49 -14.77 -34.43
CA ALA D 31 -9.00 -13.44 -34.14
C ALA D 31 -8.04 -12.71 -33.22
N LEU D 32 -7.61 -11.53 -33.64
CA LEU D 32 -6.51 -10.80 -33.01
C LEU D 32 -7.00 -9.51 -32.37
N ALA D 33 -6.62 -9.30 -31.11
CA ALA D 33 -6.97 -8.08 -30.40
C ALA D 33 -5.72 -7.29 -30.06
N PHE D 34 -5.79 -5.98 -30.27
CA PHE D 34 -4.87 -5.01 -29.72
C PHE D 34 -5.56 -4.29 -28.56
N VAL D 35 -5.04 -4.45 -27.37
CA VAL D 35 -5.59 -3.80 -26.18
C VAL D 35 -4.70 -2.59 -25.82
N TRP D 36 -5.30 -1.39 -25.90
CA TRP D 36 -4.62 -0.12 -25.64
C TRP D 36 -5.01 0.39 -24.26
N LEU D 37 -4.06 0.33 -23.33
CA LEU D 37 -4.24 0.79 -21.94
C LEU D 37 -3.60 2.18 -21.79
N MET D 38 -4.41 3.23 -21.97
CA MET D 38 -3.89 4.58 -22.03
C MET D 38 -4.57 5.45 -20.98
N VAL D 39 -3.75 6.28 -20.31
CA VAL D 39 -4.22 7.16 -19.24
C VAL D 39 -5.11 8.29 -19.73
N GLU D 40 -5.28 8.46 -21.03
CA GLU D 40 -6.11 9.52 -21.56
C GLU D 40 -6.29 9.25 -23.04
N GLY D 41 -7.27 9.93 -23.64
CA GLY D 41 -7.53 9.68 -25.03
C GLY D 41 -9.00 9.66 -25.40
N ALA D 42 -9.88 9.27 -24.50
CA ALA D 42 -11.29 9.19 -24.85
C ALA D 42 -12.11 10.20 -24.06
N GLN D 43 -12.12 10.08 -22.74
CA GLN D 43 -12.84 11.04 -21.93
C GLN D 43 -12.07 12.34 -21.85
N VAL D 44 -10.75 12.24 -21.81
CA VAL D 44 -9.87 13.35 -21.53
C VAL D 44 -8.77 13.35 -22.57
N ALA D 45 -8.37 14.54 -23.02
CA ALA D 45 -7.38 14.64 -24.08
C ALA D 45 -6.64 15.96 -23.87
N ALA D 46 -5.43 15.88 -23.34
CA ALA D 46 -4.57 17.04 -23.14
C ALA D 46 -3.26 16.96 -23.91
N GLY D 47 -2.59 15.80 -23.94
CA GLY D 47 -1.23 15.74 -24.42
C GLY D 47 -1.01 14.63 -25.44
N GLY D 48 0.25 14.19 -25.50
CA GLY D 48 0.64 13.30 -26.58
C GLY D 48 -0.01 11.94 -26.49
N VAL D 49 -0.15 11.39 -25.29
CA VAL D 49 -0.83 10.10 -25.16
C VAL D 49 -2.20 10.17 -25.80
N ALA D 50 -2.94 11.25 -25.53
CA ALA D 50 -4.22 11.41 -26.23
C ALA D 50 -4.03 11.63 -27.72
N GLY D 51 -2.93 12.27 -28.13
CA GLY D 51 -2.65 12.36 -29.55
C GLY D 51 -2.43 10.98 -30.14
N TYR D 52 -1.76 10.10 -29.39
CA TYR D 52 -1.56 8.72 -29.82
C TYR D 52 -2.90 8.06 -30.12
N VAL D 53 -3.81 8.06 -29.14
CA VAL D 53 -5.06 7.33 -29.30
C VAL D 53 -5.81 7.84 -30.52
N ARG D 54 -5.83 9.17 -30.71
CA ARG D 54 -6.53 9.74 -31.85
C ARG D 54 -5.95 9.23 -33.15
N ASN D 55 -4.61 9.24 -33.24
CA ASN D 55 -3.95 8.72 -34.42
C ASN D 55 -4.24 7.23 -34.63
N LEU D 56 -4.26 6.47 -33.53
CA LEU D 56 -4.55 5.04 -33.65
C LEU D 56 -5.91 4.82 -34.29
N LEU D 57 -6.94 5.50 -33.80
CA LEU D 57 -8.28 5.23 -34.29
C LEU D 57 -8.42 5.62 -35.77
N ASP D 58 -7.88 6.78 -36.18
CA ASP D 58 -7.97 7.21 -37.57
C ASP D 58 -7.26 6.22 -38.50
N GLU D 59 -6.17 5.61 -38.04
CA GLU D 59 -5.40 4.66 -38.84
C GLU D 59 -5.95 3.24 -38.76
N GLN D 60 -7.07 3.03 -38.04
CA GLN D 60 -7.50 1.69 -37.67
C GLN D 60 -7.85 0.85 -38.90
N ASP D 61 -8.74 1.36 -39.77
CA ASP D 61 -9.19 0.56 -40.89
C ASP D 61 -8.07 0.30 -41.88
N ALA D 62 -7.25 1.32 -42.16
CA ALA D 62 -6.05 1.11 -42.97
C ALA D 62 -5.19 0.02 -42.37
N LEU D 63 -5.01 0.06 -41.04
CA LEU D 63 -4.22 -0.97 -40.37
C LEU D 63 -4.91 -2.32 -40.44
N ARG D 64 -6.23 -2.36 -40.22
CA ARG D 64 -6.95 -3.63 -40.24
C ARG D 64 -6.72 -4.38 -41.56
N ASP D 65 -6.68 -3.64 -42.67
CA ASP D 65 -6.41 -4.26 -43.95
C ASP D 65 -4.98 -4.77 -44.03
N HIS D 66 -4.02 -4.08 -43.40
CA HIS D 66 -2.65 -4.59 -43.41
C HIS D 66 -2.53 -5.92 -42.69
N LEU D 67 -3.22 -6.04 -41.55
CA LEU D 67 -3.18 -7.28 -40.80
C LEU D 67 -4.02 -8.38 -41.44
N ALA D 68 -5.05 -8.00 -42.18
CA ALA D 68 -5.79 -8.98 -42.99
C ALA D 68 -4.89 -9.59 -44.05
N GLU D 69 -3.96 -8.83 -44.63
CA GLU D 69 -3.02 -9.42 -45.58
C GLU D 69 -2.13 -10.46 -44.92
N ARG D 70 -1.91 -10.35 -43.62
CA ARG D 70 -0.95 -11.20 -42.94
C ARG D 70 -1.61 -12.28 -42.11
N GLY D 71 -2.89 -12.53 -42.31
CA GLY D 71 -3.52 -13.69 -41.73
C GLY D 71 -4.28 -13.47 -40.45
N TRP D 72 -4.44 -12.23 -40.00
CA TRP D 72 -5.19 -11.92 -38.79
C TRP D 72 -6.34 -10.99 -39.11
N SER D 73 -7.46 -11.18 -38.42
CA SER D 73 -8.50 -10.17 -38.36
C SER D 73 -8.35 -9.42 -37.03
N VAL D 74 -8.53 -8.11 -37.06
CA VAL D 74 -8.11 -7.29 -35.93
C VAL D 74 -9.29 -6.55 -35.32
N GLU D 75 -9.20 -6.36 -34.00
CA GLU D 75 -10.20 -5.68 -33.19
C GLU D 75 -9.46 -4.82 -32.18
N PHE D 76 -9.96 -3.62 -31.91
CA PHE D 76 -9.31 -2.69 -31.00
C PHE D 76 -10.11 -2.56 -29.71
N VAL D 77 -9.43 -2.72 -28.57
CA VAL D 77 -9.96 -2.40 -27.23
C VAL D 77 -9.17 -1.23 -26.68
N LEU D 78 -9.88 -0.27 -26.08
CA LEU D 78 -9.28 0.89 -25.45
C LEU D 78 -9.64 0.91 -23.98
N GLY D 79 -8.64 1.00 -23.13
CA GLY D 79 -8.88 0.99 -21.71
C GLY D 79 -8.31 2.25 -21.15
N GLU D 80 -9.18 3.10 -20.61
CA GLU D 80 -8.82 4.40 -20.10
C GLU D 80 -9.45 4.53 -18.74
N PRO D 81 -8.80 5.20 -17.78
CA PRO D 81 -9.37 5.26 -16.43
C PRO D 81 -10.69 6.01 -16.44
N PHE D 82 -11.47 5.78 -15.38
CA PHE D 82 -12.70 6.53 -15.18
C PHE D 82 -12.36 7.97 -14.84
N TYR D 83 -13.21 8.88 -15.31
CA TYR D 83 -12.89 10.29 -15.19
C TYR D 83 -14.15 11.05 -14.78
N ASP D 84 -14.02 11.92 -13.78
CA ASP D 84 -15.10 12.82 -13.40
C ASP D 84 -15.34 13.86 -14.49
N PRO D 85 -16.61 14.21 -14.78
CA PRO D 85 -16.86 15.20 -15.84
C PRO D 85 -16.30 16.59 -15.58
N GLY D 86 -16.02 16.95 -14.32
CA GLY D 86 -15.36 18.22 -14.03
C GLY D 86 -13.85 18.11 -14.02
N ALA D 87 -13.24 17.71 -15.14
CA ALA D 87 -11.82 17.42 -15.15
C ALA D 87 -11.13 18.09 -16.33
N PRO D 88 -9.84 18.39 -16.19
CA PRO D 88 -9.10 19.04 -17.29
C PRO D 88 -9.11 18.20 -18.55
N GLY D 89 -9.64 18.78 -19.61
CA GLY D 89 -9.68 18.07 -20.87
C GLY D 89 -10.86 17.14 -21.05
N TYR D 90 -11.85 17.18 -20.16
CA TYR D 90 -12.99 16.27 -20.26
C TYR D 90 -13.95 16.76 -21.35
N ASP D 91 -14.05 16.00 -22.43
CA ASP D 91 -15.02 16.29 -23.50
C ASP D 91 -15.96 15.10 -23.60
N GLU D 92 -17.22 15.27 -23.20
CA GLU D 92 -18.22 14.16 -23.25
C GLU D 92 -18.43 13.68 -24.69
N GLU D 93 -18.40 14.60 -25.64
CA GLU D 93 -18.72 14.23 -27.05
C GLU D 93 -17.55 13.50 -27.71
N ARG D 94 -16.37 13.54 -27.11
CA ARG D 94 -15.24 12.77 -27.67
C ARG D 94 -15.36 11.33 -27.16
N TRP D 95 -15.64 11.18 -25.87
CA TRP D 95 -15.87 9.81 -25.32
C TRP D 95 -16.94 9.12 -26.16
N ARG D 96 -18.02 9.83 -26.47
CA ARG D 96 -19.08 9.24 -27.29
C ARG D 96 -18.57 8.96 -28.71
N ARG D 97 -17.79 9.86 -29.29
CA ARG D 97 -17.25 9.60 -30.62
C ARG D 97 -16.29 8.40 -30.59
N VAL D 98 -15.49 8.27 -29.55
CA VAL D 98 -14.59 7.12 -29.46
C VAL D 98 -15.39 5.83 -29.25
N ARG D 99 -16.36 5.86 -28.33
CA ARG D 99 -17.17 4.66 -28.04
C ARG D 99 -17.82 4.13 -29.32
N GLU D 100 -18.55 4.99 -30.03
CA GLU D 100 -19.21 4.56 -31.26
C GLU D 100 -18.19 4.08 -32.28
N HIS D 101 -17.05 4.76 -32.39
CA HIS D 101 -16.06 4.40 -33.43
C HIS D 101 -15.64 2.94 -33.24
N LEU D 102 -15.22 2.60 -32.02
CA LEU D 102 -14.69 1.25 -31.76
C LEU D 102 -15.80 0.21 -31.91
N ALA D 103 -16.97 0.45 -31.33
CA ALA D 103 -18.06 -0.55 -31.35
C ALA D 103 -18.49 -0.88 -32.77
N ALA D 104 -18.28 0.05 -33.71
CA ALA D 104 -18.71 -0.16 -35.10
C ALA D 104 -17.73 -1.11 -35.79
N ARG D 105 -16.56 -1.35 -35.20
CA ARG D 105 -15.60 -2.32 -35.79
C ARG D 105 -15.55 -3.53 -34.87
N GLY D 106 -16.63 -3.78 -34.15
CA GLY D 106 -16.68 -4.92 -33.23
C GLY D 106 -15.70 -4.72 -32.10
N GLY D 107 -15.31 -3.46 -31.85
CA GLY D 107 -14.42 -3.23 -30.71
C GLY D 107 -15.14 -2.70 -29.50
N ARG D 108 -14.39 -2.13 -28.56
CA ARG D 108 -14.95 -1.68 -27.30
C ARG D 108 -14.09 -0.56 -26.73
N ALA D 109 -14.75 0.40 -26.08
CA ALA D 109 -14.10 1.35 -25.20
C ALA D 109 -14.59 1.08 -23.78
N VAL D 110 -13.66 0.94 -22.85
CA VAL D 110 -13.96 0.63 -21.47
C VAL D 110 -13.27 1.63 -20.57
N ARG D 111 -14.00 2.15 -19.58
CA ARG D 111 -13.39 2.95 -18.54
C ARG D 111 -13.00 2.05 -17.39
N LEU D 112 -11.80 2.28 -16.84
CA LEU D 112 -11.22 1.38 -15.86
C LEU D 112 -11.26 2.01 -14.49
N VAL D 113 -11.62 1.19 -13.49
CA VAL D 113 -11.61 1.66 -12.12
C VAL D 113 -10.17 1.83 -11.65
N SER D 114 -9.85 3.01 -11.19
CA SER D 114 -8.70 3.25 -10.33
C SER D 114 -9.25 3.59 -8.97
N ASP D 115 -8.39 3.65 -7.98
CA ASP D 115 -8.98 3.85 -6.67
C ASP D 115 -8.99 5.31 -6.30
N SER D 116 -9.25 6.16 -7.29
CA SER D 116 -9.16 7.61 -7.18
C SER D 116 -10.54 8.24 -7.37
N ASP D 117 -10.57 9.57 -7.23
CA ASP D 117 -11.83 10.33 -7.33
C ASP D 117 -12.10 10.84 -8.74
N GLY D 118 -11.26 10.50 -9.71
CA GLY D 118 -11.52 10.85 -11.10
C GLY D 118 -11.27 12.25 -11.58
N LEU D 119 -10.51 13.01 -10.83
CA LEU D 119 -10.28 14.40 -11.19
C LEU D 119 -9.01 14.60 -11.97
N ASP D 120 -8.06 13.69 -11.77
CA ASP D 120 -6.81 13.78 -12.49
C ASP D 120 -6.44 12.41 -12.93
N GLY D 121 -5.68 12.32 -14.00
CA GLY D 121 -5.28 11.05 -14.51
C GLY D 121 -3.92 10.67 -13.98
N TRP D 122 -3.74 10.82 -12.67
CA TRP D 122 -2.48 10.38 -12.12
C TRP D 122 -2.65 10.19 -10.62
N GLY D 123 -1.64 9.60 -10.01
CA GLY D 123 -1.66 9.36 -8.58
C GLY D 123 -0.38 8.72 -8.11
N GLU D 124 -0.47 8.03 -6.97
CA GLU D 124 0.61 7.38 -6.27
C GLU D 124 0.26 5.89 -6.23
N GLU D 125 0.85 5.15 -5.29
CA GLU D 125 0.67 3.70 -5.20
C GLU D 125 -0.78 3.26 -5.44
N ARG D 126 -1.73 3.87 -4.73
CA ARG D 126 -3.12 3.44 -4.82
C ARG D 126 -3.62 3.51 -6.24
N PHE D 127 -3.27 4.59 -6.94
CA PHE D 127 -3.78 4.81 -8.28
C PHE D 127 -3.18 3.82 -9.26
N PHE D 128 -1.87 3.65 -9.23
CA PHE D 128 -1.20 2.76 -10.17
C PHE D 128 -1.66 1.33 -9.95
N HIS D 129 -1.90 0.97 -8.70
CA HIS D 129 -2.22 -0.42 -8.40
C HIS D 129 -3.62 -0.79 -8.87
N ALA D 130 -4.61 0.02 -8.54
CA ALA D 130 -5.95 -0.28 -9.02
C ALA D 130 -5.99 -0.24 -10.54
N LEU D 131 -5.39 0.78 -11.16
CA LEU D 131 -5.45 0.89 -12.62
C LEU D 131 -4.79 -0.29 -13.31
N SER D 132 -3.71 -0.80 -12.74
CA SER D 132 -3.04 -1.91 -13.39
C SER D 132 -3.81 -3.21 -13.17
N ALA D 133 -4.42 -3.38 -11.99
CA ALA D 133 -5.27 -4.54 -11.77
C ALA D 133 -6.40 -4.59 -12.77
N THR D 134 -7.19 -3.50 -12.84
CA THR D 134 -8.31 -3.45 -13.78
C THR D 134 -7.84 -3.43 -15.22
N GLY D 135 -6.66 -2.88 -15.49
CA GLY D 135 -6.09 -3.02 -16.82
C GLY D 135 -5.72 -4.45 -17.15
N ALA D 136 -5.06 -5.13 -16.21
CA ALA D 136 -4.75 -6.55 -16.40
C ALA D 136 -6.03 -7.38 -16.55
N GLN D 137 -7.10 -6.99 -15.86
CA GLN D 137 -8.38 -7.68 -16.05
C GLN D 137 -8.88 -7.51 -17.48
N LEU D 138 -8.75 -6.31 -18.05
CA LEU D 138 -9.24 -6.07 -19.40
C LEU D 138 -8.45 -6.88 -20.43
N VAL D 139 -7.17 -7.13 -20.18
CA VAL D 139 -6.42 -7.95 -21.13
C VAL D 139 -6.90 -9.39 -21.08
N LEU D 140 -7.07 -9.92 -19.87
CA LEU D 140 -7.41 -11.33 -19.73
C LEU D 140 -8.81 -11.61 -20.25
N ASP D 141 -9.76 -10.73 -19.97
CA ASP D 141 -11.11 -10.94 -20.48
C ASP D 141 -11.09 -10.95 -22.01
N THR D 142 -10.31 -10.06 -22.60
CA THR D 142 -10.17 -10.05 -24.05
C THR D 142 -9.52 -11.34 -24.52
N ALA D 143 -8.52 -11.83 -23.78
CA ALA D 143 -7.87 -13.08 -24.13
C ALA D 143 -8.79 -14.27 -23.96
N GLU D 144 -9.95 -14.09 -23.35
CA GLU D 144 -10.92 -15.21 -23.27
C GLU D 144 -11.72 -15.28 -24.56
N ARG D 145 -11.92 -14.14 -25.23
CA ARG D 145 -12.76 -14.10 -26.45
C ARG D 145 -11.90 -14.15 -27.70
N CYS D 146 -10.58 -13.99 -27.56
CA CYS D 146 -9.73 -13.91 -28.77
C CYS D 146 -8.66 -14.98 -28.77
N ASP D 147 -8.06 -15.26 -29.93
CA ASP D 147 -7.01 -16.25 -30.09
C ASP D 147 -5.64 -15.67 -29.78
N ALA D 148 -5.43 -14.38 -30.05
CA ALA D 148 -4.18 -13.71 -29.74
C ALA D 148 -4.45 -12.28 -29.29
N VAL D 149 -3.67 -11.81 -28.33
CA VAL D 149 -3.76 -10.44 -27.84
C VAL D 149 -2.39 -9.80 -27.93
N VAL D 150 -2.36 -8.53 -28.35
CA VAL D 150 -1.22 -7.65 -28.11
C VAL D 150 -1.70 -6.56 -27.17
N ALA D 151 -1.08 -6.45 -25.99
CA ALA D 151 -1.54 -5.56 -24.94
C ALA D 151 -0.54 -4.41 -24.76
N VAL D 152 -0.83 -3.26 -25.38
CA VAL D 152 0.06 -2.10 -25.39
C VAL D 152 -0.27 -1.20 -24.20
N SER D 153 0.66 -1.14 -23.24
CA SER D 153 0.43 -0.44 -21.98
C SER D 153 1.16 0.89 -21.94
N GLY D 154 0.54 1.82 -21.20
CA GLY D 154 0.77 3.25 -21.21
C GLY D 154 1.88 3.67 -20.27
N THR D 155 1.60 4.42 -19.23
CA THR D 155 2.72 5.04 -18.51
C THR D 155 3.15 4.15 -17.34
N SER D 156 3.87 4.73 -16.38
CA SER D 156 4.08 4.06 -15.10
C SER D 156 2.78 3.50 -14.52
N ALA D 157 1.66 4.20 -14.71
CA ALA D 157 0.42 3.76 -14.08
C ALA D 157 -0.06 2.43 -14.65
N PHE D 158 0.41 2.04 -15.82
CA PHE D 158 0.03 0.77 -16.39
C PHE D 158 1.18 -0.24 -16.44
N ALA D 159 2.31 0.05 -15.80
CA ALA D 159 3.52 -0.77 -15.93
C ALA D 159 3.47 -2.07 -15.14
N ARG D 160 2.67 -2.12 -14.07
CA ARG D 160 2.52 -3.36 -13.32
C ARG D 160 1.70 -4.39 -14.10
N VAL D 161 1.07 -3.96 -15.21
CA VAL D 161 0.15 -4.83 -15.96
C VAL D 161 0.80 -6.13 -16.44
N PRO D 162 2.00 -6.12 -17.06
CA PRO D 162 2.55 -7.40 -17.54
C PRO D 162 2.72 -8.43 -16.44
N GLY D 163 3.39 -8.08 -15.34
CA GLY D 163 3.57 -9.06 -14.27
C GLY D 163 2.27 -9.54 -13.67
N MET D 164 1.19 -8.80 -13.88
CA MET D 164 -0.12 -9.13 -13.33
C MET D 164 -0.88 -10.11 -14.21
N VAL D 165 -0.72 -9.99 -15.52
CA VAL D 165 -1.29 -10.98 -16.43
C VAL D 165 -0.49 -12.27 -16.35
N GLN D 166 0.83 -12.16 -16.42
CA GLN D 166 1.68 -13.33 -16.58
C GLN D 166 1.90 -14.12 -15.29
N ARG D 167 1.78 -13.50 -14.11
CA ARG D 167 1.91 -14.27 -12.89
C ARG D 167 0.68 -15.13 -12.64
N GLN D 168 -0.51 -14.70 -13.11
CA GLN D 168 -1.78 -15.23 -12.63
C GLN D 168 -2.82 -15.57 -13.71
N GLY D 169 -2.54 -15.30 -14.98
CA GLY D 169 -3.50 -15.53 -16.04
C GLY D 169 -3.45 -16.89 -16.72
N GLY D 170 -2.62 -17.81 -16.23
CA GLY D 170 -2.52 -19.16 -16.76
C GLY D 170 -2.53 -19.28 -18.27
N GLU D 171 -3.50 -20.04 -18.78
CA GLU D 171 -3.57 -20.32 -20.22
C GLU D 171 -3.98 -19.08 -21.00
N LEU D 172 -4.72 -18.16 -20.37
CA LEU D 172 -5.06 -16.91 -21.04
C LEU D 172 -3.84 -16.01 -21.19
N ALA D 173 -2.95 -16.02 -20.19
CA ALA D 173 -1.74 -15.22 -20.25
C ALA D 173 -0.79 -15.72 -21.33
N ALA D 174 -0.80 -17.02 -21.59
CA ALA D 174 0.01 -17.62 -22.65
C ALA D 174 -0.42 -17.19 -24.04
N LYS D 175 -1.58 -16.52 -24.17
CA LYS D 175 -2.04 -16.00 -25.45
C LYS D 175 -1.78 -14.52 -25.65
N VAL D 176 -1.09 -13.85 -24.74
CA VAL D 176 -0.97 -12.40 -24.74
C VAL D 176 0.48 -12.01 -24.96
N LEU D 177 0.70 -11.00 -25.81
CA LEU D 177 2.00 -10.36 -25.94
C LEU D 177 1.90 -8.92 -25.48
N HIS D 178 2.80 -8.52 -24.58
CA HIS D 178 2.75 -7.22 -23.93
C HIS D 178 3.76 -6.29 -24.58
N VAL D 179 3.33 -5.08 -24.91
CA VAL D 179 4.24 -4.03 -25.36
C VAL D 179 4.08 -2.85 -24.42
N HIS D 180 5.12 -2.57 -23.65
CA HIS D 180 5.09 -1.46 -22.70
C HIS D 180 5.89 -0.27 -23.24
N THR D 181 5.28 0.91 -23.18
CA THR D 181 5.75 2.06 -23.94
C THR D 181 5.47 3.34 -23.12
N PHE D 182 5.93 4.48 -23.64
CA PHE D 182 5.66 5.84 -23.09
C PHE D 182 6.27 6.08 -21.70
N GLY D 183 7.56 5.85 -21.57
CA GLY D 183 8.25 6.50 -20.49
C GLY D 183 8.44 5.70 -19.23
N LEU D 184 9.69 5.60 -18.77
CA LEU D 184 10.05 4.94 -17.54
C LEU D 184 10.63 5.96 -16.56
N ALA D 185 10.99 5.48 -15.38
CA ALA D 185 11.58 6.34 -14.39
C ALA D 185 13.02 6.48 -14.72
N THR D 186 13.48 7.71 -14.91
CA THR D 186 14.85 7.93 -15.30
C THR D 186 15.57 8.88 -14.37
N HIS D 187 16.87 8.99 -14.56
CA HIS D 187 17.64 9.89 -13.74
C HIS D 187 17.99 11.10 -14.57
N ASP D 188 17.19 11.37 -15.58
CA ASP D 188 17.43 12.50 -16.46
C ASP D 188 16.64 13.72 -16.05
N THR D 189 16.08 13.69 -14.86
CA THR D 189 15.26 14.80 -14.41
C THR D 189 15.58 15.17 -12.99
N ALA D 190 15.69 16.45 -12.72
CA ALA D 190 15.98 16.91 -11.38
C ALA D 190 14.94 16.40 -10.45
N HIS D 191 13.70 16.42 -10.90
CA HIS D 191 12.61 15.82 -10.09
C HIS D 191 12.97 14.35 -9.92
N VAL D 192 13.21 13.92 -8.69
CA VAL D 192 13.45 12.48 -8.45
C VAL D 192 12.10 11.81 -8.65
N PRO D 193 11.98 10.80 -9.53
CA PRO D 193 10.72 10.13 -9.78
C PRO D 193 10.03 9.65 -8.50
N SER D 194 8.70 9.50 -8.56
CA SER D 194 7.94 9.13 -7.34
C SER D 194 8.22 7.69 -6.92
N PRO D 195 8.23 7.30 -5.62
CA PRO D 195 8.36 5.87 -5.28
C PRO D 195 7.38 4.99 -6.04
N ALA D 196 6.17 5.48 -6.28
CA ALA D 196 5.22 4.71 -7.07
C ALA D 196 5.75 4.49 -8.49
N GLU D 197 6.37 5.50 -9.07
CA GLU D 197 6.86 5.38 -10.44
C GLU D 197 8.10 4.52 -10.51
N ILE D 198 8.99 4.64 -9.51
CA ILE D 198 10.16 3.77 -9.46
C ILE D 198 9.70 2.32 -9.27
N ALA D 199 8.84 2.08 -8.29
CA ALA D 199 8.41 0.71 -8.01
C ALA D 199 7.75 0.09 -9.23
N ALA D 200 6.91 0.85 -9.94
CA ALA D 200 6.19 0.27 -11.06
C ALA D 200 7.12 0.01 -12.24
N ASP D 201 7.97 0.98 -12.55
CA ASP D 201 8.84 0.80 -13.71
C ASP D 201 9.94 -0.22 -13.43
N GLY D 202 10.34 -0.37 -12.16
CA GLY D 202 11.18 -1.49 -11.81
C GLY D 202 10.49 -2.80 -12.12
N ASP D 203 9.18 -2.86 -11.87
CA ASP D 203 8.46 -4.12 -11.98
C ASP D 203 8.40 -4.59 -13.44
N VAL D 204 8.04 -3.70 -14.36
CA VAL D 204 7.95 -4.15 -15.74
C VAL D 204 9.34 -4.47 -16.29
N ALA D 205 10.38 -3.76 -15.85
CA ALA D 205 11.73 -4.15 -16.24
C ALA D 205 12.01 -5.58 -15.81
N PHE D 206 11.64 -5.92 -14.57
CA PHE D 206 11.83 -7.29 -14.12
C PHE D 206 11.13 -8.26 -15.05
N TRP D 207 9.87 -7.97 -15.35
CA TRP D 207 9.10 -8.88 -16.17
C TRP D 207 9.59 -8.89 -17.61
N THR D 208 10.23 -7.82 -18.09
CA THR D 208 10.78 -7.89 -19.45
C THR D 208 11.89 -8.93 -19.54
N ARG D 209 12.76 -8.97 -18.54
CA ARG D 209 13.82 -9.96 -18.41
C ARG D 209 13.32 -11.31 -17.94
N GLN D 210 12.07 -11.40 -17.50
CA GLN D 210 11.53 -12.65 -16.95
C GLN D 210 10.75 -13.47 -17.97
N SER D 211 10.07 -12.82 -18.90
CA SER D 211 9.22 -13.51 -19.86
C SER D 211 9.50 -13.02 -21.27
N ASP D 212 9.59 -13.95 -22.23
CA ASP D 212 9.63 -13.58 -23.63
C ASP D 212 8.27 -13.06 -24.12
N ARG D 213 7.22 -13.15 -23.30
CA ARG D 213 5.93 -12.56 -23.63
C ARG D 213 5.79 -11.11 -23.19
N VAL D 214 6.83 -10.50 -22.61
CA VAL D 214 6.81 -9.10 -22.17
C VAL D 214 7.90 -8.34 -22.90
N SER D 215 7.51 -7.29 -23.65
CA SER D 215 8.48 -6.43 -24.33
C SER D 215 8.22 -4.97 -23.97
N VAL D 216 9.28 -4.19 -24.06
CA VAL D 216 9.24 -2.74 -23.90
C VAL D 216 9.10 -2.14 -25.28
N GLY D 217 8.24 -1.11 -25.41
CA GLY D 217 8.05 -0.46 -26.69
C GLY D 217 8.71 0.91 -26.68
N TYR D 218 9.82 1.06 -27.41
CA TYR D 218 10.56 2.31 -27.42
C TYR D 218 9.94 3.25 -28.46
N ILE D 219 10.07 4.56 -28.20
CA ILE D 219 9.41 5.59 -28.97
C ILE D 219 10.39 6.59 -29.56
N SER D 220 11.67 6.32 -29.33
CA SER D 220 12.73 7.20 -29.77
C SER D 220 14.07 6.56 -29.53
N ARG D 221 15.10 7.08 -30.17
CA ARG D 221 16.43 6.54 -29.97
C ARG D 221 16.80 6.74 -28.54
N TYR D 222 16.46 7.91 -28.05
CA TYR D 222 16.75 8.20 -26.68
C TYR D 222 16.17 7.14 -25.85
N THR D 223 14.88 6.93 -25.95
CA THR D 223 14.22 5.97 -25.09
C THR D 223 14.93 4.63 -25.21
N ALA D 224 15.15 4.14 -26.40
CA ALA D 224 15.74 2.83 -26.53
C ALA D 224 17.05 2.71 -25.79
N GLU D 225 17.96 3.61 -26.10
CA GLU D 225 19.28 3.48 -25.51
C GLU D 225 19.18 3.57 -24.03
N LEU D 226 18.44 4.55 -23.57
CA LEU D 226 18.38 4.77 -22.16
C LEU D 226 17.88 3.54 -21.48
N TYR D 227 16.83 2.95 -21.97
CA TYR D 227 16.26 1.79 -21.31
C TYR D 227 17.26 0.67 -21.27
N ALA D 228 17.81 0.36 -22.41
CA ALA D 228 18.79 -0.71 -22.44
C ALA D 228 19.90 -0.52 -21.43
N ARG D 229 20.40 0.70 -21.29
CA ARG D 229 21.54 0.91 -20.40
C ARG D 229 21.23 1.14 -18.94
N THR D 230 20.02 1.57 -18.63
CA THR D 230 19.66 1.91 -17.27
C THR D 230 18.87 0.79 -16.68
N TYR D 231 18.07 0.20 -17.55
CA TYR D 231 17.19 -0.83 -17.03
C TYR D 231 17.65 -2.23 -17.37
N ALA D 232 18.77 -2.37 -18.06
CA ALA D 232 19.41 -3.67 -18.31
C ALA D 232 18.50 -4.58 -19.13
N ILE D 233 17.86 -4.03 -20.15
CA ILE D 233 16.83 -4.72 -20.92
C ILE D 233 17.44 -5.25 -22.21
N PRO D 234 17.33 -6.55 -22.49
CA PRO D 234 18.00 -7.12 -23.67
C PRO D 234 17.42 -6.61 -24.98
N ALA D 235 18.28 -6.55 -26.01
CA ALA D 235 17.86 -6.05 -27.32
C ALA D 235 16.71 -6.87 -27.89
N ALA D 236 16.66 -8.16 -27.55
CA ALA D 236 15.56 -8.99 -27.97
C ALA D 236 14.22 -8.54 -27.41
N ALA D 237 14.22 -7.68 -26.40
CA ALA D 237 12.99 -7.27 -25.72
C ALA D 237 12.56 -5.86 -26.08
N LEU D 238 13.22 -5.20 -27.03
CA LEU D 238 12.88 -3.85 -27.44
C LEU D 238 12.10 -3.93 -28.75
N LEU D 239 10.87 -3.43 -28.73
CA LEU D 239 10.05 -3.38 -29.92
C LEU D 239 9.78 -1.94 -30.32
N PRO D 240 9.82 -1.63 -31.61
CA PRO D 240 9.68 -0.23 -32.04
C PRO D 240 8.24 0.25 -31.90
N ASN D 241 8.08 1.38 -31.22
CA ASN D 241 6.83 2.15 -31.19
C ASN D 241 7.17 3.63 -31.33
N ARG D 242 7.97 3.96 -32.33
CA ARG D 242 8.59 5.29 -32.40
C ARG D 242 7.57 6.40 -32.67
N SER D 243 7.61 7.45 -31.83
CA SER D 243 6.68 8.56 -31.92
C SER D 243 6.73 9.22 -33.30
N ALA D 244 5.58 9.71 -33.76
CA ALA D 244 5.42 10.11 -35.16
C ALA D 244 4.12 10.90 -35.29
N ILE D 245 3.92 11.51 -36.45
CA ILE D 245 2.70 12.30 -36.69
C ILE D 245 2.03 11.91 -38.00
N PRO D 246 0.70 11.76 -38.02
CA PRO D 246 0.01 11.39 -39.26
C PRO D 246 -0.06 12.56 -40.22
N ARG D 247 1.01 12.74 -40.98
CA ARG D 247 1.25 14.01 -41.65
C ARG D 247 0.31 14.27 -42.81
N HIS D 248 -0.46 13.30 -43.27
CA HIS D 248 -1.48 13.62 -44.27
C HIS D 248 -2.77 14.15 -43.64
N ALA D 249 -2.85 14.25 -42.33
CA ALA D 249 -4.06 14.78 -41.72
C ALA D 249 -4.31 16.19 -42.25
N PRO D 250 -5.58 16.56 -42.46
CA PRO D 250 -5.91 17.93 -42.88
C PRO D 250 -5.46 19.00 -41.90
N ARG D 251 -5.32 18.67 -40.62
CA ARG D 251 -4.91 19.68 -39.66
C ARG D 251 -3.46 20.11 -39.83
N PHE D 252 -2.71 19.46 -40.72
CA PHE D 252 -1.36 19.90 -41.08
C PHE D 252 -1.32 20.54 -42.47
N GLY D 253 -2.47 20.90 -43.02
CA GLY D 253 -2.48 21.51 -44.34
C GLY D 253 -1.75 22.84 -44.38
N VAL D 254 -1.12 23.10 -45.52
CA VAL D 254 -0.40 24.36 -45.74
C VAL D 254 -1.42 25.48 -45.90
N LEU D 255 -1.24 26.54 -45.10
CA LEU D 255 -2.20 27.64 -45.04
C LEU D 255 -1.79 28.78 -45.95
N THR D 256 -2.79 29.39 -46.58
CA THR D 256 -2.57 30.45 -47.56
C THR D 256 -2.56 31.81 -46.87
N GLU D 257 -1.65 32.69 -47.30
CA GLU D 257 -1.25 33.82 -46.46
C GLU D 257 -2.44 34.67 -46.02
N GLU D 258 -3.50 34.74 -46.83
CA GLU D 258 -4.72 35.42 -46.38
C GLU D 258 -5.31 34.71 -45.16
N ARG D 259 -5.28 33.37 -45.17
CA ARG D 259 -5.93 32.56 -44.15
C ARG D 259 -5.14 32.49 -42.84
N ILE D 260 -3.80 32.57 -42.87
CA ILE D 260 -3.04 32.70 -41.62
C ILE D 260 -3.43 33.99 -40.89
N ASN D 261 -3.42 35.12 -41.60
CA ASN D 261 -3.62 36.40 -40.95
C ASN D 261 -4.99 36.49 -40.30
N GLU D 262 -6.04 36.01 -40.99
CA GLU D 262 -7.37 36.11 -40.41
C GLU D 262 -7.46 35.30 -39.13
N ARG D 263 -6.86 34.10 -39.13
CA ARG D 263 -6.84 33.27 -37.92
C ARG D 263 -6.08 33.97 -36.80
N ILE D 264 -4.93 34.56 -37.13
CA ILE D 264 -4.04 35.18 -36.17
C ILE D 264 -4.66 36.39 -35.52
N ALA D 265 -5.64 37.01 -36.20
CA ALA D 265 -6.11 38.34 -35.87
C ALA D 265 -6.68 38.44 -34.46
N GLY D 266 -7.15 37.34 -33.88
CA GLY D 266 -7.81 37.40 -32.59
C GLY D 266 -6.91 37.33 -31.39
N LEU D 267 -5.62 37.03 -31.56
CA LEU D 267 -4.77 36.54 -30.48
C LEU D 267 -4.14 37.63 -29.61
N GLY D 268 -4.20 38.89 -30.02
CA GLY D 268 -3.56 39.94 -29.24
C GLY D 268 -2.08 40.08 -29.51
N LEU D 269 -1.60 39.66 -30.67
CA LEU D 269 -0.19 39.82 -30.98
C LEU D 269 0.16 41.30 -31.11
N PRO D 270 1.34 41.72 -30.67
CA PRO D 270 1.76 43.09 -30.96
C PRO D 270 1.94 43.31 -32.45
N ALA D 271 1.81 44.58 -32.85
CA ALA D 271 2.05 44.93 -34.25
C ALA D 271 3.52 44.79 -34.65
N GLU D 272 4.44 45.03 -33.73
CA GLU D 272 5.84 44.83 -34.01
C GLU D 272 6.31 43.52 -33.40
N GLY D 273 7.60 43.26 -33.50
CA GLY D 273 8.19 42.08 -32.86
C GLY D 273 8.16 40.86 -33.78
N GLU D 274 9.12 39.97 -33.55
CA GLU D 274 9.15 38.67 -34.19
C GLU D 274 9.01 37.59 -33.12
N PHE D 275 8.31 36.52 -33.47
CA PHE D 275 7.80 35.58 -32.51
C PHE D 275 8.71 34.35 -32.39
N VAL D 276 8.89 33.88 -31.16
CA VAL D 276 9.35 32.53 -30.89
C VAL D 276 8.19 31.78 -30.22
N VAL D 277 7.72 30.69 -30.83
CA VAL D 277 6.46 30.06 -30.46
C VAL D 277 6.71 28.81 -29.61
N MET D 278 5.75 28.51 -28.73
CA MET D 278 5.78 27.35 -27.86
C MET D 278 4.35 26.94 -27.50
N TRP D 279 4.14 25.64 -27.33
CA TRP D 279 2.84 25.17 -26.87
C TRP D 279 2.92 23.76 -26.30
N GLY D 280 2.09 23.50 -25.32
CA GLY D 280 2.07 22.18 -24.70
C GLY D 280 1.32 22.27 -23.38
N ARG D 281 1.37 21.21 -22.61
CA ARG D 281 0.70 21.20 -21.33
C ARG D 281 1.44 22.09 -20.38
N ASN D 282 0.72 22.62 -19.41
CA ASN D 282 1.37 23.45 -18.41
C ASN D 282 2.41 22.65 -17.63
N SER D 283 3.52 23.30 -17.32
CA SER D 283 4.52 22.65 -16.49
C SER D 283 3.94 22.39 -15.10
N ALA D 284 4.45 21.34 -14.45
CA ALA D 284 3.98 20.85 -13.17
C ALA D 284 5.12 20.05 -12.52
N PRO D 285 5.05 19.80 -11.19
CA PRO D 285 6.25 19.28 -10.51
C PRO D 285 6.81 18.04 -11.19
N GLY D 286 5.96 17.18 -11.71
CA GLY D 286 6.46 16.04 -12.45
C GLY D 286 7.28 16.44 -13.68
N LEU D 287 6.77 17.41 -14.46
CA LEU D 287 7.35 17.61 -15.77
C LEU D 287 7.65 19.09 -16.00
N ASP D 288 8.81 19.35 -16.60
CA ASP D 288 9.33 20.68 -16.84
C ASP D 288 9.40 20.88 -18.35
N LYS D 289 8.44 21.62 -18.87
CA LYS D 289 8.57 22.24 -20.17
C LYS D 289 9.28 23.58 -20.03
N GLY D 290 10.05 23.95 -21.02
CA GLY D 290 10.89 25.11 -20.76
C GLY D 290 10.24 26.49 -20.84
N TYR D 291 8.92 26.63 -20.63
CA TYR D 291 8.27 27.91 -20.92
C TYR D 291 8.97 29.07 -20.19
N HIS D 292 9.32 28.86 -18.93
CA HIS D 292 10.00 29.90 -18.17
C HIS D 292 11.40 30.16 -18.67
N LEU D 293 11.99 29.24 -19.45
CA LEU D 293 13.30 29.52 -20.02
C LEU D 293 13.21 30.50 -21.19
N LEU D 294 12.19 30.36 -22.02
CA LEU D 294 12.02 31.31 -23.13
C LEU D 294 11.78 32.72 -22.61
N LEU D 295 10.95 32.86 -21.56
CA LEU D 295 10.76 34.16 -20.93
C LEU D 295 12.07 34.70 -20.38
N GLU D 296 12.94 33.82 -19.89
CA GLU D 296 14.23 34.26 -19.36
C GLU D 296 15.15 34.74 -20.48
N ALA D 297 15.11 34.07 -21.64
CA ALA D 297 15.96 34.48 -22.75
C ALA D 297 15.50 35.80 -23.35
N ALA D 298 14.20 36.07 -23.31
CA ALA D 298 13.69 37.31 -23.87
C ALA D 298 14.17 38.53 -23.09
N ARG D 299 14.62 38.33 -21.84
CA ARG D 299 15.23 39.41 -21.07
C ARG D 299 16.49 39.94 -21.73
N ASP D 300 17.14 39.14 -22.58
CA ASP D 300 18.30 39.54 -23.37
C ASP D 300 17.99 39.62 -24.87
N LEU D 301 16.73 39.61 -25.25
CA LEU D 301 16.34 39.55 -26.66
C LEU D 301 15.30 40.61 -27.00
N PRO D 302 15.69 41.88 -27.02
CA PRO D 302 14.72 42.92 -27.39
C PRO D 302 14.21 42.71 -28.80
N GLY D 303 12.92 42.98 -29.01
CA GLY D 303 12.28 42.76 -30.29
C GLY D 303 11.77 41.36 -30.55
N VAL D 304 12.14 40.37 -29.71
CA VAL D 304 11.62 39.01 -29.75
C VAL D 304 10.38 38.91 -28.88
N VAL D 305 9.30 38.38 -29.43
CA VAL D 305 8.04 38.25 -28.71
C VAL D 305 7.76 36.76 -28.47
N PRO D 306 7.89 36.26 -27.24
CA PRO D 306 7.49 34.87 -26.98
C PRO D 306 5.98 34.75 -27.06
N VAL D 307 5.53 33.69 -27.70
CA VAL D 307 4.11 33.40 -27.85
C VAL D 307 3.91 31.99 -27.32
N ILE D 308 3.36 31.87 -26.13
CA ILE D 308 3.30 30.61 -25.39
C ILE D 308 1.81 30.23 -25.24
N ALA D 309 1.33 29.38 -26.17
CA ALA D 309 -0.01 28.80 -26.12
C ALA D 309 0.02 27.61 -25.17
N THR D 310 -0.39 27.83 -23.95
CA THR D 310 -0.44 26.80 -22.92
C THR D 310 -1.84 26.15 -22.94
N ARG D 311 -1.97 25.00 -22.26
CA ARG D 311 -3.23 24.23 -22.36
C ARG D 311 -4.32 24.82 -21.46
N ARG D 312 -4.11 24.78 -20.17
CA ARG D 312 -4.88 25.64 -19.27
C ARG D 312 -4.20 27.00 -19.18
N PRO D 313 -4.92 28.05 -18.77
CA PRO D 313 -4.26 29.33 -18.52
C PRO D 313 -3.16 29.20 -17.47
N ASP D 314 -2.06 29.94 -17.66
CA ASP D 314 -0.93 29.84 -16.74
C ASP D 314 -0.68 31.17 -16.04
N PRO D 315 -1.31 31.40 -14.88
CA PRO D 315 -1.02 32.62 -14.10
C PRO D 315 0.44 32.74 -13.71
N GLY D 316 1.12 31.63 -13.48
CA GLY D 316 2.51 31.69 -13.08
C GLY D 316 3.40 32.32 -14.15
N LEU D 317 3.16 31.99 -15.41
CA LEU D 317 3.95 32.59 -16.49
C LEU D 317 3.67 34.08 -16.61
N ARG D 318 2.40 34.49 -16.49
CA ARG D 318 2.09 35.93 -16.57
C ARG D 318 2.79 36.71 -15.47
N ARG D 319 2.86 36.15 -14.27
CA ARG D 319 3.61 36.81 -13.21
C ARG D 319 5.08 36.88 -13.56
N LEU D 320 5.61 35.82 -14.18
CA LEU D 320 7.00 35.82 -14.62
C LEU D 320 7.22 36.88 -15.69
N ALA D 321 6.39 36.84 -16.74
CA ALA D 321 6.53 37.82 -17.80
C ALA D 321 6.47 39.24 -17.24
N ASP D 322 5.53 39.51 -16.32
CA ASP D 322 5.44 40.82 -15.70
C ASP D 322 6.73 41.15 -14.96
N ARG D 323 7.24 40.22 -14.15
CA ARG D 323 8.47 40.47 -13.42
C ARG D 323 9.63 40.77 -14.35
N TYR D 324 9.86 39.91 -15.34
CA TYR D 324 10.96 40.11 -16.29
C TYR D 324 10.72 41.27 -17.26
N ALA D 325 9.52 41.83 -17.29
CA ALA D 325 9.23 42.96 -18.16
C ALA D 325 9.45 42.63 -19.64
N VAL D 326 9.17 41.39 -20.04
CA VAL D 326 9.29 41.02 -21.46
C VAL D 326 7.89 41.03 -22.06
N PRO D 327 7.70 41.36 -23.37
CA PRO D 327 6.35 41.50 -23.94
C PRO D 327 5.74 40.20 -24.46
N ALA D 328 5.72 39.17 -23.61
CA ALA D 328 5.19 37.88 -24.03
C ALA D 328 3.67 37.93 -24.23
N VAL D 329 3.19 37.08 -25.13
CA VAL D 329 1.76 36.86 -25.35
C VAL D 329 1.43 35.48 -24.81
N LEU D 330 0.47 35.39 -23.89
CA LEU D 330 0.20 34.14 -23.16
C LEU D 330 -1.21 33.66 -23.50
N LEU D 331 -1.32 32.75 -24.46
CA LEU D 331 -2.63 32.21 -24.81
C LEU D 331 -2.91 30.91 -24.05
N ASP D 332 -4.20 30.54 -23.98
CA ASP D 332 -4.60 29.28 -23.37
C ASP D 332 -5.69 28.63 -24.19
N ASP D 333 -5.77 27.30 -24.13
CA ASP D 333 -6.87 26.55 -24.72
C ASP D 333 -6.96 26.81 -26.23
N GLN D 334 -5.79 26.85 -26.89
CA GLN D 334 -5.72 27.29 -28.28
C GLN D 334 -5.98 26.12 -29.21
N PRO D 335 -6.80 26.29 -30.25
CA PRO D 335 -7.01 25.20 -31.22
C PRO D 335 -5.86 25.07 -32.20
N PHE D 336 -5.68 23.85 -32.73
CA PHE D 336 -4.51 23.64 -33.55
C PHE D 336 -4.56 24.39 -34.88
N THR D 337 -5.74 24.78 -35.34
CA THR D 337 -5.81 25.61 -36.53
C THR D 337 -5.14 26.97 -36.29
N HIS D 338 -5.37 27.55 -35.11
CA HIS D 338 -4.71 28.81 -34.77
C HIS D 338 -3.21 28.61 -34.53
N LEU D 339 -2.83 27.50 -33.87
CA LEU D 339 -1.41 27.23 -33.65
C LEU D 339 -0.68 27.06 -34.97
N SER D 340 -1.27 26.28 -35.88
CA SER D 340 -0.70 26.11 -37.21
C SER D 340 -0.45 27.46 -37.86
N ALA D 341 -1.40 28.39 -37.70
CA ALA D 341 -1.28 29.71 -38.29
C ALA D 341 -0.04 30.45 -37.77
N LEU D 342 0.15 30.50 -36.44
CA LEU D 342 1.34 31.14 -35.91
C LEU D 342 2.61 30.50 -36.49
N LEU D 343 2.62 29.18 -36.60
CA LEU D 343 3.83 28.50 -37.01
C LEU D 343 4.19 28.81 -38.46
N GLN D 344 3.19 29.09 -39.28
CA GLN D 344 3.41 29.31 -40.70
C GLN D 344 3.69 30.77 -41.06
N SER D 345 3.53 31.71 -40.13
CA SER D 345 3.62 33.12 -40.46
C SER D 345 5.06 33.55 -40.78
N PRO D 346 5.24 34.51 -41.70
CA PRO D 346 6.58 35.10 -41.87
C PRO D 346 7.05 35.80 -40.61
N ARG D 347 6.11 36.37 -39.85
CA ARG D 347 6.38 37.09 -38.60
C ARG D 347 6.93 36.20 -37.50
N THR D 348 6.83 34.87 -37.65
CA THR D 348 7.30 33.91 -36.65
C THR D 348 8.69 33.42 -37.00
N LEU D 349 9.63 33.62 -36.08
CA LEU D 349 11.03 33.36 -36.34
C LEU D 349 11.43 31.93 -36.05
N ALA D 350 10.82 31.30 -35.06
CA ALA D 350 11.16 29.96 -34.64
C ALA D 350 10.06 29.42 -33.73
N ALA D 351 10.02 28.09 -33.61
CA ALA D 351 9.27 27.40 -32.58
C ALA D 351 10.27 26.74 -31.65
N ALA D 352 10.05 26.89 -30.33
CA ALA D 352 11.00 26.41 -29.33
C ALA D 352 10.43 25.20 -28.61
N PHE D 353 11.31 24.25 -28.30
CA PHE D 353 10.92 23.02 -27.64
C PHE D 353 12.00 22.70 -26.60
N LEU D 354 11.68 22.88 -25.32
CA LEU D 354 12.65 23.06 -24.25
C LEU D 354 12.32 22.18 -23.05
N GLY D 355 11.94 20.92 -23.30
CA GLY D 355 11.52 20.04 -22.22
C GLY D 355 12.70 19.40 -21.50
N GLU D 356 12.55 19.21 -20.19
CA GLU D 356 13.67 18.75 -19.39
C GLU D 356 14.19 17.42 -19.91
N ALA D 357 13.30 16.46 -20.13
CA ALA D 357 13.68 15.17 -20.68
C ALA D 357 12.53 14.54 -21.40
N GLU D 358 12.22 15.05 -22.57
CA GLU D 358 11.11 14.52 -23.33
C GLU D 358 11.45 13.15 -23.89
N PRO D 359 10.64 12.17 -23.57
CA PRO D 359 10.88 10.80 -24.01
C PRO D 359 10.67 10.59 -25.48
N GLY D 360 9.60 11.14 -26.02
CA GLY D 360 9.30 10.98 -27.42
C GLY D 360 8.28 11.98 -27.86
N ALA D 361 8.57 13.24 -27.62
CA ALA D 361 7.63 14.33 -27.97
C ALA D 361 7.36 14.36 -29.47
N VAL D 362 6.09 14.55 -29.84
CA VAL D 362 5.73 14.68 -31.28
C VAL D 362 5.56 16.17 -31.60
N SER D 363 5.55 17.02 -30.58
CA SER D 363 5.34 18.45 -30.89
C SER D 363 6.42 19.04 -31.80
N PRO D 364 7.74 18.86 -31.55
CA PRO D 364 8.72 19.29 -32.56
C PRO D 364 8.38 18.80 -33.97
N MET D 365 8.00 17.53 -34.10
CA MET D 365 7.59 16.96 -35.38
C MET D 365 6.47 17.77 -36.01
N GLU D 366 5.51 18.21 -35.19
CA GLU D 366 4.39 18.99 -35.70
C GLU D 366 4.85 20.31 -36.30
N ALA D 367 5.82 20.97 -35.65
CA ALA D 367 6.34 22.24 -36.16
C ALA D 367 7.07 22.04 -37.48
N MET D 368 8.11 21.20 -37.48
CA MET D 368 8.89 20.96 -38.68
C MET D 368 8.03 20.58 -39.87
N TRP D 369 6.83 20.05 -39.62
CA TRP D 369 5.99 19.61 -40.73
C TRP D 369 5.09 20.73 -41.23
N VAL D 370 4.44 21.44 -40.32
CA VAL D 370 3.52 22.51 -40.71
C VAL D 370 4.25 23.66 -41.39
N ALA D 371 5.52 23.90 -41.02
CA ALA D 371 6.31 24.94 -41.64
C ALA D 371 7.20 24.42 -42.77
N ARG D 372 6.74 23.39 -43.49
CA ARG D 372 7.52 22.92 -44.64
C ARG D 372 7.61 23.98 -45.72
N GLU D 373 6.52 24.71 -45.97
CA GLU D 373 6.50 25.83 -46.92
C GLU D 373 7.15 27.08 -46.33
N SER D 374 6.60 27.60 -45.22
CA SER D 374 7.05 28.87 -44.65
C SER D 374 6.82 28.89 -43.15
N GLY D 375 7.61 29.70 -42.45
CA GLY D 375 7.35 29.96 -41.04
C GLY D 375 8.54 29.73 -40.13
N ALA D 376 8.29 29.14 -38.96
CA ALA D 376 9.30 28.95 -37.93
C ALA D 376 10.38 27.95 -38.36
N LEU D 377 11.49 27.96 -37.64
CA LEU D 377 12.42 26.83 -37.58
C LEU D 377 12.53 26.35 -36.14
N VAL D 378 12.93 25.12 -35.92
CA VAL D 378 12.79 24.56 -34.59
C VAL D 378 14.05 24.80 -33.78
N ILE D 379 13.88 25.37 -32.60
CA ILE D 379 14.90 25.37 -31.56
C ILE D 379 14.59 24.23 -30.60
N ALA D 380 15.57 23.34 -30.38
CA ALA D 380 15.35 22.14 -29.58
C ALA D 380 16.39 22.02 -28.46
N ALA D 381 15.89 21.73 -27.25
CA ALA D 381 16.74 21.43 -26.12
C ALA D 381 17.51 20.14 -26.35
N ASP D 382 18.71 20.05 -25.79
CA ASP D 382 19.63 18.97 -26.11
C ASP D 382 19.42 17.73 -25.25
N THR D 383 18.23 17.55 -24.72
CA THR D 383 17.93 16.40 -23.88
C THR D 383 16.76 15.65 -24.48
N GLY D 384 16.54 14.41 -23.99
CA GLY D 384 15.39 13.65 -24.44
C GLY D 384 15.46 13.27 -25.92
N ASN D 385 14.29 13.19 -26.55
CA ASN D 385 14.26 12.84 -27.97
C ASN D 385 14.48 14.06 -28.89
N LEU D 386 14.76 15.25 -28.35
CA LEU D 386 14.81 16.45 -29.17
C LEU D 386 16.01 16.49 -30.11
N PRO D 387 17.25 16.18 -29.70
CA PRO D 387 18.32 16.21 -30.69
C PRO D 387 18.05 15.27 -31.86
N GLU D 388 17.55 14.06 -31.60
CA GLU D 388 17.21 13.16 -32.71
C GLU D 388 16.16 13.76 -33.64
N VAL D 389 15.24 14.57 -33.10
CA VAL D 389 14.15 15.08 -33.92
C VAL D 389 14.66 16.08 -34.95
N VAL D 390 15.60 16.92 -34.55
CA VAL D 390 16.15 17.93 -35.45
C VAL D 390 17.46 17.44 -36.08
N ASP D 391 17.69 16.11 -36.10
CA ASP D 391 18.89 15.47 -36.65
C ASP D 391 20.17 16.17 -36.23
N ASP D 392 20.33 16.36 -34.93
CA ASP D 392 21.59 16.83 -34.35
C ASP D 392 22.10 18.09 -35.04
N GLY D 393 21.19 19.03 -35.25
CA GLY D 393 21.52 20.34 -35.78
C GLY D 393 21.34 20.50 -37.27
N ALA D 394 21.08 19.44 -38.01
CA ALA D 394 20.88 19.56 -39.44
C ALA D 394 19.42 19.85 -39.82
N ALA D 395 18.53 19.96 -38.84
CA ALA D 395 17.13 20.23 -39.13
C ALA D 395 16.53 21.29 -38.22
N GLY D 396 17.22 21.71 -37.19
CA GLY D 396 16.79 22.81 -36.36
C GLY D 396 17.99 23.29 -35.61
N ILE D 397 17.76 24.10 -34.60
CA ILE D 397 18.83 24.56 -33.73
C ILE D 397 18.78 23.83 -32.40
N VAL D 398 19.92 23.34 -31.94
CA VAL D 398 20.04 22.61 -30.68
C VAL D 398 20.70 23.49 -29.64
N THR D 399 20.10 23.55 -28.45
CA THR D 399 20.54 24.44 -27.37
C THR D 399 20.54 23.70 -26.03
N ARG D 400 21.42 24.13 -25.13
CA ARG D 400 21.33 23.68 -23.76
C ARG D 400 20.11 24.29 -23.09
N ARG D 401 19.83 23.86 -21.87
CA ARG D 401 18.68 24.37 -21.14
C ARG D 401 19.13 25.42 -20.11
N THR D 402 19.64 26.53 -20.63
CA THR D 402 19.84 27.73 -19.82
C THR D 402 19.23 28.94 -20.53
N ALA D 403 18.97 30.00 -19.76
CA ALA D 403 18.50 31.24 -20.36
C ALA D 403 19.45 31.72 -21.44
N ALA D 404 20.74 31.78 -21.13
CA ALA D 404 21.69 32.37 -22.06
C ALA D 404 21.87 31.52 -23.30
N ASP D 405 21.91 30.18 -23.15
CA ASP D 405 22.09 29.31 -24.31
C ASP D 405 20.91 29.44 -25.26
N VAL D 406 19.71 29.62 -24.69
CA VAL D 406 18.49 29.75 -25.48
C VAL D 406 18.47 31.07 -26.23
N ALA D 407 18.79 32.16 -25.53
CA ALA D 407 18.90 33.44 -26.21
C ALA D 407 19.93 33.35 -27.33
N ASP D 408 21.07 32.71 -27.06
CA ASP D 408 22.05 32.41 -28.10
C ASP D 408 21.40 31.65 -29.25
N ALA D 409 20.56 30.66 -28.93
CA ALA D 409 19.97 29.82 -29.97
C ALA D 409 19.06 30.63 -30.89
N VAL D 410 18.30 31.57 -30.33
CA VAL D 410 17.46 32.43 -31.14
C VAL D 410 18.31 33.17 -32.17
N ARG D 411 19.42 33.76 -31.73
CA ARG D 411 20.25 34.55 -32.61
C ARG D 411 20.74 33.71 -33.78
N ARG D 412 21.18 32.48 -33.50
CA ARG D 412 21.69 31.64 -34.56
C ARG D 412 20.62 31.33 -35.58
N VAL D 413 19.35 31.34 -35.18
CA VAL D 413 18.27 31.27 -36.16
C VAL D 413 18.20 32.55 -36.94
N ARG D 414 18.23 33.69 -36.25
CA ARG D 414 18.04 35.00 -36.89
C ARG D 414 19.15 35.32 -37.88
N LYS D 415 20.37 34.87 -37.60
CA LYS D 415 21.51 35.12 -38.47
C LYS D 415 21.69 34.06 -39.56
N LEU D 416 20.87 33.01 -39.56
CA LEU D 416 20.87 32.13 -40.71
C LEU D 416 20.42 32.91 -41.94
N THR D 417 21.18 32.77 -43.02
CA THR D 417 20.79 33.40 -44.27
C THR D 417 19.48 32.80 -44.77
N ALA D 418 18.71 33.58 -45.52
CA ALA D 418 17.49 33.02 -46.12
C ALA D 418 17.83 31.80 -46.96
N ASP D 419 19.03 31.79 -47.53
CA ASP D 419 19.58 30.61 -48.18
C ASP D 419 19.62 29.42 -47.22
N GLU D 420 20.39 29.54 -46.13
CA GLU D 420 20.48 28.48 -45.13
C GLU D 420 19.11 28.09 -44.57
N ARG D 421 18.21 29.08 -44.38
CA ARG D 421 16.88 28.80 -43.84
C ARG D 421 16.11 27.84 -44.74
N ARG D 422 16.10 28.09 -46.05
CA ARG D 422 15.41 27.15 -46.95
C ARG D 422 16.02 25.76 -46.86
N ARG D 423 17.35 25.66 -46.69
CA ARG D 423 17.97 24.36 -46.50
C ARG D 423 17.49 23.69 -45.23
N MET D 424 17.49 24.41 -44.10
CA MET D 424 16.99 23.82 -42.87
C MET D 424 15.53 23.41 -43.02
N ARG D 425 14.71 24.32 -43.55
CA ARG D 425 13.28 24.08 -43.61
C ARG D 425 12.99 22.78 -44.35
N ALA D 426 13.64 22.58 -45.49
CA ALA D 426 13.36 21.39 -46.30
C ALA D 426 13.85 20.12 -45.61
N ALA D 427 15.00 20.19 -44.94
CA ALA D 427 15.53 19.03 -44.24
C ALA D 427 14.60 18.57 -43.13
N ALA D 428 14.06 19.52 -42.35
CA ALA D 428 13.15 19.14 -41.27
C ALA D 428 11.92 18.44 -41.81
N ALA D 429 11.33 18.97 -42.88
CA ALA D 429 10.17 18.33 -43.47
C ALA D 429 10.56 17.03 -44.14
N ALA D 430 11.80 16.94 -44.64
CA ALA D 430 12.27 15.63 -45.12
C ALA D 430 12.28 14.62 -43.99
N ARG D 431 12.78 15.01 -42.82
CA ARG D 431 12.99 14.05 -41.75
C ARG D 431 11.67 13.50 -41.22
N VAL D 432 10.65 14.35 -41.14
CA VAL D 432 9.33 13.88 -40.73
C VAL D 432 8.85 12.79 -41.67
N ARG D 433 9.04 13.00 -42.99
CA ARG D 433 8.63 12.00 -43.98
C ARG D 433 9.40 10.70 -43.81
N ALA D 434 10.71 10.78 -43.64
CA ALA D 434 11.51 9.56 -43.52
C ALA D 434 11.29 8.87 -42.18
N ARG D 435 11.28 9.64 -41.08
CA ARG D 435 11.42 9.08 -39.75
C ARG D 435 10.18 9.20 -38.86
N PHE D 436 9.25 10.10 -39.18
CA PHE D 436 8.19 10.39 -38.22
C PHE D 436 6.81 10.29 -38.85
N ASP D 437 6.66 9.58 -39.97
CA ASP D 437 5.33 9.25 -40.47
C ASP D 437 4.62 8.34 -39.47
N PHE D 438 3.43 8.73 -39.01
CA PHE D 438 2.72 7.87 -38.06
C PHE D 438 2.37 6.53 -38.68
N ALA D 439 1.73 6.55 -39.85
CA ALA D 439 1.21 5.34 -40.46
C ALA D 439 2.30 4.30 -40.70
N ALA D 440 3.46 4.73 -41.20
CA ALA D 440 4.56 3.80 -41.32
C ALA D 440 4.99 3.27 -39.97
N ASN D 441 4.98 4.14 -38.95
CA ASN D 441 5.53 3.75 -37.66
C ASN D 441 4.61 2.77 -36.93
N VAL D 442 3.28 2.95 -36.98
CA VAL D 442 2.42 1.96 -36.32
C VAL D 442 2.48 0.63 -37.04
N ARG D 443 2.56 0.66 -38.37
CA ARG D 443 2.80 -0.57 -39.11
C ARG D 443 4.01 -1.27 -38.55
N GLU D 444 5.09 -0.51 -38.33
CA GLU D 444 6.29 -1.10 -37.77
C GLU D 444 6.04 -1.68 -36.39
N LEU D 445 5.14 -1.07 -35.62
CA LEU D 445 4.77 -1.67 -34.34
C LEU D 445 4.00 -2.97 -34.58
N ALA D 446 2.96 -2.92 -35.42
CA ALA D 446 2.11 -4.07 -35.68
C ALA D 446 2.90 -5.28 -36.17
N ASP D 447 3.75 -5.07 -37.17
CA ASP D 447 4.53 -6.17 -37.71
C ASP D 447 5.45 -6.75 -36.65
N ALA D 448 6.11 -5.88 -35.89
CA ALA D 448 7.00 -6.40 -34.85
C ALA D 448 6.23 -7.28 -33.89
N ALA D 449 5.00 -6.88 -33.54
CA ALA D 449 4.19 -7.63 -32.59
C ALA D 449 3.78 -8.99 -33.15
N VAL D 450 3.24 -9.00 -34.37
CA VAL D 450 2.79 -10.24 -34.99
C VAL D 450 3.95 -11.22 -35.14
N ASP D 451 5.12 -10.72 -35.57
CA ASP D 451 6.32 -11.56 -35.62
C ASP D 451 6.62 -12.15 -34.25
N ARG D 452 6.69 -11.31 -33.22
CA ARG D 452 7.01 -11.84 -31.90
C ARG D 452 5.96 -12.84 -31.45
N LEU D 453 4.69 -12.61 -31.81
CA LEU D 453 3.63 -13.54 -31.45
C LEU D 453 3.84 -14.90 -32.09
N ALA D 454 4.21 -14.91 -33.37
CA ALA D 454 4.48 -16.17 -34.01
C ALA D 454 5.62 -16.89 -33.31
N GLU D 455 6.68 -16.15 -32.97
CA GLU D 455 7.90 -16.78 -32.49
C GLU D 455 7.67 -17.53 -31.18
N VAL D 456 6.95 -16.93 -30.24
CA VAL D 456 6.71 -17.58 -28.94
C VAL D 456 5.40 -18.34 -29.06
N SER D 457 5.50 -19.56 -29.59
CA SER D 457 4.38 -20.51 -29.79
C SER D 457 3.00 -19.88 -30.08
#